data_9C5A
#
_entry.id   9C5A
#
_cell.length_a   1.00
_cell.length_b   1.00
_cell.length_c   1.00
_cell.angle_alpha   90.00
_cell.angle_beta   90.00
_cell.angle_gamma   90.00
#
_symmetry.space_group_name_H-M   'P 1'
#
loop_
_entity.id
_entity.type
_entity.pdbx_description
1 polymer 'AP-3 complex subunit beta-1'
2 polymer 'AP-3 complex subunit mu-1'
3 polymer 'ADP-ribosylation factor 1'
4 polymer 'Lysosome-associated membrane glycoprotein 1'
5 non-polymer 'MAGNESIUM ION'
6 non-polymer "GUANOSINE-5'-TRIPHOSPHATE"
#
loop_
_entity_poly.entity_id
_entity_poly.type
_entity_poly.pdbx_seq_one_letter_code
_entity_poly.pdbx_strand_id
1 'polypeptide(L)'
;MSSNSFPYNEQSGGGEATELGQEATSTISPSGAFGLFSSDLKKNEDLKQMLESNKDSAKLDAMKRIVGMIAKGKNASELF
PAVVKNVASKNIEIKKLVYVYLVRYAEEQQDLALLSISTFQRALKDPNQLIRASALRVLSSIRVPIIVPIMMLAIKEASA
DLSPYVRKNAAHAIQKLYSLDPEQKEMLIEVIEKLLKDKSTLVAGSVVMAFEEVCPDRIDLIHKNYRKLCNLLVDVEEWG
QVVIIHMLTRYARTQFVSPWKEGDELEDNGKNFYESDDDQKEKTDKKKKPYTMDPDHRLLIRNTKPLLQSRNAAVVMAVA
QLYWHISPKSEAGIISKSLVRLLRSNREVQYIVLQNIATMSIQRKGMFEPYLKSFYVRSTDPTMIKTLKLEILTNLANEA
NISTLLREFQTYVKSQDKQFAAATIQTIGRCATNILEVTDTCLNGLVCLLSNRDEIVVAESVVVIKKLLQMQPAQHGEII
KHMAKLLDSITVPVARASILWLIGENCERVPKIAPDVLRKMAKSFTSEDDLVKLQILNLGAKLYLTNSKQTKLLTQYILN
LGKYDQNYDIRDRTRFIRQLIVPNVKSGALSKYAKKIFLAQKPAPLLESPFKDRDHFQLGTLSHTLNIKATGYLELSNWP
EVAPDPSVRNVEVIELAKEWTPAGKAKQENSAKKFYSGLEVLFQ
;
B,b
2 'polypeptide(L)'
;MIHSLFLINCSGDIFLEKHWKSVVSQSVCDYFFEAQEKAADVENVPPVISTPHHYLISIYRDKLFFVSVIQTEVPPLFVI
EFLHRVADTFQDYFGECSEAAIKDNVVIVYELLEEMLDNGFPLATESNILKELIKPPTILRSVVNSITGSSNVGDTLPTG
QLSNIPWRRAGVKYTNNEAYFDVVEEIDAIIDKSGSTVFAEIQGVIDACIKLSGMPDLSLSFMNPRLLDDVSFHPCIRFK
RWESERVLSFIPPDGNFRLISYRVSSQNLVAIPVYVKHSISFKENSSCGRFDITIGPKQNMGKTIEGITVTVHMPKVVLN
MNLTPTQGSYTFDPVTKVLTWDVGKITPQKLPSLKGLVNLQSGAPKPEENPSLNIQFKIQQLAISGLKVNRLDMYGEKYK
PFKGVKYVTKAGKFQVRT
;
M,m
3 'polypeptide(L)'
;GNIFANLFKGLFGKKEMRILMVGLDAAGKTTILYKLKLGEIVTTIPTIGFNVETVEYKNISFTVWDVGGLDKIRPLWRHY
FQNTQGLIFVVDSNDRERVNEAREELMRMLAEDELRDAVLLVFANKQDLPNAMNAAEITDKLGLHSLRHRNWYIQATCAT
SGDGLYEGLDWLSNQLRNQKSL
;
C,c
4 'polypeptide(L)' GRKRSHAGYQTI Y,y
#
# COMPACT_ATOMS: atom_id res chain seq x y z
N ASP A 40 25.06 31.03 10.78
CA ASP A 40 26.16 30.08 10.86
C ASP A 40 26.05 29.06 9.75
N LEU A 41 27.07 29.04 8.88
CA LEU A 41 27.10 28.14 7.76
C LEU A 41 27.08 26.70 8.18
N LYS A 42 27.73 26.39 9.30
CA LYS A 42 27.73 25.02 9.78
C LYS A 42 26.32 24.59 10.11
N LYS A 43 25.57 25.47 10.77
CA LYS A 43 24.20 25.16 11.12
C LYS A 43 23.38 24.98 9.86
N ASN A 44 23.68 25.77 8.85
CA ASN A 44 22.98 25.64 7.59
C ASN A 44 23.23 24.26 7.02
N GLU A 45 24.46 23.77 7.16
CA GLU A 45 24.77 22.45 6.68
C GLU A 45 24.03 21.40 7.47
N ASP A 46 23.94 21.59 8.78
CA ASP A 46 23.24 20.65 9.64
C ASP A 46 21.78 20.60 9.31
N LEU A 47 21.20 21.75 8.98
CA LEU A 47 19.82 21.79 8.57
C LEU A 47 19.66 20.98 7.31
N LYS A 48 20.59 21.14 6.38
CA LYS A 48 20.52 20.38 5.16
C LYS A 48 20.67 18.90 5.41
N GLN A 49 21.53 18.53 6.35
CA GLN A 49 21.68 17.12 6.66
C GLN A 49 20.39 16.54 7.15
N MET A 50 19.68 17.27 7.98
CA MET A 50 18.42 16.80 8.50
C MET A 50 17.37 16.74 7.42
N LEU A 51 17.40 17.70 6.52
CA LEU A 51 16.48 17.70 5.41
C LEU A 51 16.73 16.50 4.52
N GLU A 52 18.01 16.16 4.35
CA GLU A 52 18.44 15.03 3.56
C GLU A 52 18.19 13.71 4.25
N SER A 53 18.30 13.72 5.57
CA SER A 53 18.11 12.53 6.36
C SER A 53 16.76 11.93 6.16
N ASN A 54 16.71 10.61 6.18
CA ASN A 54 15.47 9.89 6.03
C ASN A 54 14.72 9.77 7.35
N LYS A 55 15.23 10.37 8.42
CA LYS A 55 14.56 10.33 9.69
C LYS A 55 13.59 11.48 9.78
N ASP A 56 12.31 11.15 9.93
CA ASP A 56 11.28 12.16 9.97
C ASP A 56 11.44 13.11 11.12
N SER A 57 11.89 12.61 12.26
CA SER A 57 12.08 13.48 13.41
C SER A 57 13.11 14.55 13.09
N ALA A 58 14.16 14.17 12.39
CA ALA A 58 15.19 15.12 11.99
C ALA A 58 14.59 16.13 11.04
N LYS A 59 13.79 15.65 10.10
CA LYS A 59 13.16 16.52 9.12
C LYS A 59 12.28 17.53 9.81
N LEU A 60 11.51 17.05 10.77
CA LEU A 60 10.60 17.87 11.51
C LEU A 60 11.30 18.98 12.23
N ASP A 61 12.34 18.62 12.96
CA ASP A 61 13.10 19.59 13.72
C ASP A 61 13.65 20.66 12.83
N ALA A 62 14.21 20.25 11.69
CA ALA A 62 14.76 21.21 10.78
C ALA A 62 13.69 22.16 10.33
N MET A 63 12.52 21.64 10.01
CA MET A 63 11.49 22.52 9.54
C MET A 63 11.01 23.46 10.60
N LYS A 64 10.94 23.03 11.84
CA LYS A 64 10.53 23.96 12.87
C LYS A 64 11.54 25.05 13.03
N ARG A 65 12.82 24.70 12.96
CA ARG A 65 13.85 25.71 13.07
C ARG A 65 13.73 26.70 11.93
N ILE A 66 13.46 26.19 10.75
CA ILE A 66 13.31 27.00 9.58
C ILE A 66 12.13 27.95 9.67
N VAL A 67 10.98 27.45 10.08
CA VAL A 67 9.83 28.30 10.22
C VAL A 67 10.08 29.38 11.21
N GLY A 68 10.73 29.03 12.31
CA GLY A 68 11.07 30.03 13.30
C GLY A 68 11.89 31.13 12.65
N MET A 69 12.87 30.75 11.82
CA MET A 69 13.68 31.74 11.14
C MET A 69 12.85 32.59 10.20
N ILE A 70 11.83 32.00 9.60
CA ILE A 70 10.95 32.77 8.75
C ILE A 70 10.25 33.81 9.59
N ALA A 71 9.72 33.40 10.73
CA ALA A 71 9.03 34.31 11.63
C ALA A 71 9.95 35.43 12.12
N LYS A 72 11.22 35.12 12.27
CA LYS A 72 12.20 36.09 12.72
C LYS A 72 12.76 36.96 11.62
N GLY A 73 12.34 36.73 10.37
CA GLY A 73 12.82 37.56 9.28
C GLY A 73 14.23 37.20 8.81
N LYS A 74 14.65 35.97 9.05
CA LYS A 74 15.98 35.59 8.62
C LYS A 74 15.97 35.05 7.21
N ASN A 75 17.07 35.28 6.50
CA ASN A 75 17.14 34.84 5.13
C ASN A 75 17.50 33.39 5.01
N ALA A 76 16.50 32.54 4.92
CA ALA A 76 16.71 31.11 4.75
C ALA A 76 16.57 30.64 3.32
N SER A 77 16.67 31.56 2.35
CA SER A 77 16.52 31.20 0.94
C SER A 77 17.58 30.22 0.48
N GLU A 78 18.72 30.23 1.14
CA GLU A 78 19.81 29.34 0.83
C GLU A 78 19.43 27.88 0.95
N LEU A 79 18.49 27.58 1.83
CA LEU A 79 18.10 26.21 2.05
C LEU A 79 17.07 25.70 1.08
N PHE A 80 16.55 26.57 0.21
CA PHE A 80 15.46 26.20 -0.66
C PHE A 80 15.67 24.91 -1.43
N PRO A 81 16.81 24.70 -2.10
CA PRO A 81 17.12 23.53 -2.90
C PRO A 81 16.96 22.27 -2.10
N ALA A 82 17.20 22.35 -0.80
CA ALA A 82 17.11 21.18 0.02
C ALA A 82 15.73 21.01 0.58
N VAL A 83 15.17 22.10 1.12
CA VAL A 83 13.87 22.02 1.76
C VAL A 83 12.83 21.50 0.82
N VAL A 84 12.86 22.01 -0.39
CA VAL A 84 11.88 21.68 -1.38
C VAL A 84 11.80 20.20 -1.69
N LYS A 85 12.85 19.43 -1.46
CA LYS A 85 12.77 18.01 -1.74
C LYS A 85 11.71 17.34 -0.90
N ASN A 86 11.49 17.88 0.30
CA ASN A 86 10.58 17.28 1.21
C ASN A 86 9.16 17.68 0.95
N VAL A 87 8.90 18.45 -0.11
CA VAL A 87 7.54 18.80 -0.47
C VAL A 87 6.75 17.57 -0.81
N ALA A 88 7.43 16.51 -1.20
CA ALA A 88 6.75 15.29 -1.56
C ALA A 88 6.56 14.36 -0.36
N SER A 89 7.01 14.76 0.82
CA SER A 89 6.89 13.92 2.00
C SER A 89 5.47 13.63 2.34
N LYS A 90 5.25 12.43 2.86
CA LYS A 90 3.93 11.99 3.27
C LYS A 90 3.63 12.33 4.72
N ASN A 91 4.59 12.93 5.41
CA ASN A 91 4.32 13.31 6.78
C ASN A 91 3.56 14.62 6.81
N ILE A 92 2.25 14.50 6.96
CA ILE A 92 1.32 15.64 7.01
C ILE A 92 1.76 16.86 7.81
N GLU A 93 2.51 16.67 8.88
CA GLU A 93 2.88 17.80 9.67
C GLU A 93 4.04 18.49 9.03
N ILE A 94 4.99 17.69 8.57
CA ILE A 94 6.15 18.23 7.94
C ILE A 94 5.80 18.91 6.66
N LYS A 95 4.98 18.30 5.83
CA LYS A 95 4.70 18.97 4.58
C LYS A 95 3.91 20.24 4.79
N LYS A 96 3.14 20.33 5.87
CA LYS A 96 2.45 21.57 6.11
C LYS A 96 3.47 22.68 6.32
N LEU A 97 4.49 22.37 7.10
CA LEU A 97 5.55 23.33 7.35
C LEU A 97 6.28 23.67 6.07
N VAL A 98 6.45 22.68 5.20
CA VAL A 98 7.11 22.91 3.92
C VAL A 98 6.35 23.89 3.09
N TYR A 99 5.03 23.79 3.09
CA TYR A 99 4.24 24.71 2.32
C TYR A 99 4.53 26.13 2.76
N VAL A 100 4.67 26.33 4.06
CA VAL A 100 4.97 27.65 4.57
C VAL A 100 6.23 28.20 3.99
N TYR A 101 7.29 27.40 4.07
CA TYR A 101 8.58 27.80 3.56
C TYR A 101 8.50 28.11 2.09
N LEU A 102 7.95 27.15 1.37
CA LEU A 102 7.85 27.21 -0.06
C LEU A 102 7.21 28.48 -0.52
N VAL A 103 6.07 28.80 0.03
CA VAL A 103 5.39 29.99 -0.38
C VAL A 103 6.18 31.22 -0.08
N ARG A 104 6.71 31.34 1.12
CA ARG A 104 7.43 32.56 1.42
C ARG A 104 8.66 32.79 0.55
N TYR A 105 9.28 31.74 0.03
CA TYR A 105 10.41 31.94 -0.87
C TYR A 105 10.12 31.64 -2.33
N ALA A 106 8.87 31.47 -2.70
CA ALA A 106 8.53 31.13 -4.08
C ALA A 106 8.96 32.20 -5.06
N GLU A 107 8.90 33.44 -4.65
CA GLU A 107 9.24 34.56 -5.51
C GLU A 107 10.72 34.83 -5.60
N GLU A 108 11.53 34.09 -4.89
CA GLU A 108 12.96 34.34 -4.93
C GLU A 108 13.68 33.22 -5.65
N GLN A 109 13.09 32.04 -5.67
CA GLN A 109 13.68 30.91 -6.35
C GLN A 109 12.73 30.32 -7.37
N GLN A 110 12.13 31.17 -8.19
CA GLN A 110 11.14 30.76 -9.20
C GLN A 110 11.50 29.49 -9.94
N ASP A 111 12.77 29.30 -10.28
CA ASP A 111 13.16 28.09 -10.99
C ASP A 111 12.91 26.88 -10.14
N LEU A 112 13.39 26.91 -8.92
CA LEU A 112 13.23 25.78 -8.04
C LEU A 112 11.78 25.56 -7.68
N ALA A 113 11.01 26.64 -7.59
CA ALA A 113 9.59 26.49 -7.29
C ALA A 113 8.91 25.67 -8.40
N LEU A 114 9.25 25.98 -9.65
CA LEU A 114 8.74 25.24 -10.79
C LEU A 114 9.01 23.79 -10.62
N LEU A 115 10.21 23.52 -10.16
CA LEU A 115 10.70 22.19 -9.96
C LEU A 115 10.08 21.41 -8.78
N SER A 116 8.94 21.86 -8.26
CA SER A 116 8.24 21.15 -7.22
C SER A 116 6.72 21.15 -7.42
N ILE A 117 6.27 21.50 -8.61
CA ILE A 117 4.83 21.60 -8.85
C ILE A 117 4.04 20.32 -8.87
N SER A 118 4.58 19.27 -9.47
CA SER A 118 3.82 18.03 -9.65
C SER A 118 3.17 17.45 -8.43
N THR A 119 3.82 17.52 -7.30
CA THR A 119 3.21 16.93 -6.13
C THR A 119 1.89 17.60 -5.79
N PHE A 120 1.73 18.87 -6.16
CA PHE A 120 0.51 19.57 -5.87
C PHE A 120 -0.52 19.19 -6.87
N GLN A 121 -0.10 19.17 -8.12
CA GLN A 121 -1.02 18.87 -9.18
C GLN A 121 -1.60 17.50 -9.00
N ARG A 122 -0.80 16.56 -8.55
CA ARG A 122 -1.31 15.24 -8.30
C ARG A 122 -2.19 15.24 -7.06
N ALA A 123 -1.72 15.90 -5.99
CA ALA A 123 -2.46 15.95 -4.73
C ALA A 123 -3.82 16.58 -4.90
N LEU A 124 -3.93 17.49 -5.85
CA LEU A 124 -5.17 18.18 -6.14
C LEU A 124 -6.32 17.20 -6.41
N LYS A 125 -6.02 16.03 -6.96
CA LYS A 125 -7.05 15.05 -7.28
C LYS A 125 -7.25 13.98 -6.19
N ASP A 126 -6.63 14.16 -5.03
CA ASP A 126 -6.81 13.26 -3.91
C ASP A 126 -8.24 13.33 -3.40
N PRO A 127 -8.90 12.22 -3.12
CA PRO A 127 -10.27 12.10 -2.62
C PRO A 127 -10.38 12.42 -1.14
N ASN A 128 -10.00 13.63 -0.77
CA ASN A 128 -10.07 14.15 0.59
C ASN A 128 -10.18 15.64 0.50
N GLN A 129 -11.35 16.14 0.85
CA GLN A 129 -11.68 17.54 0.70
C GLN A 129 -10.71 18.47 1.40
N LEU A 130 -10.23 18.08 2.58
CA LEU A 130 -9.28 18.93 3.27
C LEU A 130 -8.02 19.09 2.47
N ILE A 131 -7.48 17.96 2.05
CA ILE A 131 -6.26 17.98 1.29
C ILE A 131 -6.41 18.75 0.02
N ARG A 132 -7.52 18.53 -0.67
CA ARG A 132 -7.73 19.21 -1.93
C ARG A 132 -7.66 20.68 -1.77
N ALA A 133 -8.33 21.16 -0.75
CA ALA A 133 -8.37 22.57 -0.52
C ALA A 133 -7.00 23.10 -0.24
N SER A 134 -6.25 22.44 0.63
CA SER A 134 -4.95 22.94 0.96
C SER A 134 -4.02 22.86 -0.22
N ALA A 135 -4.23 21.85 -1.06
CA ALA A 135 -3.42 21.71 -2.24
C ALA A 135 -3.67 22.87 -3.14
N LEU A 136 -4.93 23.21 -3.30
CA LEU A 136 -5.29 24.31 -4.15
C LEU A 136 -4.66 25.57 -3.64
N ARG A 137 -4.74 25.79 -2.34
CA ARG A 137 -4.18 26.99 -1.76
C ARG A 137 -2.70 27.14 -2.01
N VAL A 138 -1.93 26.16 -1.60
CA VAL A 138 -0.50 26.27 -1.77
C VAL A 138 -0.11 26.29 -3.22
N LEU A 139 -0.89 25.66 -4.09
CA LEU A 139 -0.62 25.69 -5.51
C LEU A 139 -0.82 27.07 -6.05
N SER A 140 -1.97 27.62 -5.72
CA SER A 140 -2.35 28.95 -6.16
C SER A 140 -1.45 30.04 -5.60
N SER A 141 -0.75 29.75 -4.51
CA SER A 141 0.17 30.71 -3.93
C SER A 141 1.54 30.74 -4.58
N ILE A 142 1.82 29.89 -5.54
CA ILE A 142 3.15 29.96 -6.11
C ILE A 142 3.20 30.99 -7.22
N ARG A 143 3.89 32.09 -6.97
CA ARG A 143 3.97 33.19 -7.92
C ARG A 143 4.96 32.99 -9.05
N VAL A 144 4.76 31.97 -9.85
CA VAL A 144 5.67 31.74 -10.95
C VAL A 144 4.91 31.81 -12.26
N PRO A 145 5.24 32.75 -13.13
CA PRO A 145 4.63 33.01 -14.43
C PRO A 145 4.47 31.74 -15.26
N ILE A 146 5.46 30.88 -15.18
CA ILE A 146 5.47 29.65 -15.93
C ILE A 146 4.30 28.73 -15.63
N ILE A 147 3.85 28.68 -14.38
CA ILE A 147 2.80 27.75 -14.03
C ILE A 147 1.41 28.34 -14.07
N VAL A 148 1.28 29.56 -14.60
CA VAL A 148 -0.02 30.17 -14.72
C VAL A 148 -1.09 29.33 -15.41
N PRO A 149 -0.86 28.78 -16.62
CA PRO A 149 -1.83 27.99 -17.35
C PRO A 149 -2.20 26.72 -16.62
N ILE A 150 -1.29 26.23 -15.80
CA ILE A 150 -1.57 25.04 -15.02
C ILE A 150 -2.63 25.38 -14.01
N MET A 151 -2.43 26.50 -13.34
CA MET A 151 -3.37 26.95 -12.34
C MET A 151 -4.70 27.30 -12.97
N MET A 152 -4.67 27.86 -14.17
CA MET A 152 -5.92 28.19 -14.86
C MET A 152 -6.79 26.97 -14.99
N LEU A 153 -6.19 25.87 -15.41
CA LEU A 153 -6.92 24.63 -15.50
C LEU A 153 -7.42 24.19 -14.14
N ALA A 154 -6.55 24.26 -13.15
CA ALA A 154 -6.90 23.87 -11.81
C ALA A 154 -8.10 24.64 -11.30
N ILE A 155 -8.18 25.93 -11.63
CA ILE A 155 -9.31 26.74 -11.19
C ILE A 155 -10.60 26.23 -11.76
N LYS A 156 -10.58 25.88 -13.04
CA LYS A 156 -11.79 25.38 -13.66
C LYS A 156 -12.22 24.09 -13.00
N GLU A 157 -11.25 23.25 -12.69
CA GLU A 157 -11.56 22.00 -12.03
C GLU A 157 -12.08 22.22 -10.64
N ALA A 158 -11.48 23.16 -9.94
CA ALA A 158 -11.90 23.47 -8.59
C ALA A 158 -13.32 23.99 -8.58
N SER A 159 -13.68 24.84 -9.54
CA SER A 159 -15.02 25.38 -9.57
C SER A 159 -16.07 24.30 -9.78
N ALA A 160 -15.69 23.22 -10.44
CA ALA A 160 -16.63 22.14 -10.68
C ALA A 160 -16.66 21.12 -9.54
N ASP A 161 -15.82 21.29 -8.51
CA ASP A 161 -15.77 20.32 -7.42
C ASP A 161 -17.11 20.22 -6.73
N LEU A 162 -17.59 19.00 -6.51
CA LEU A 162 -18.88 18.83 -5.87
C LEU A 162 -18.94 19.34 -4.44
N SER A 163 -17.82 19.40 -3.73
CA SER A 163 -17.88 19.92 -2.37
C SER A 163 -17.74 21.42 -2.31
N PRO A 164 -18.59 22.09 -1.52
CA PRO A 164 -18.62 23.51 -1.30
C PRO A 164 -17.37 23.97 -0.61
N TYR A 165 -16.69 23.08 0.10
CA TYR A 165 -15.52 23.54 0.82
C TYR A 165 -14.47 23.94 -0.16
N VAL A 166 -14.28 23.10 -1.16
CA VAL A 166 -13.32 23.39 -2.19
C VAL A 166 -13.74 24.57 -2.99
N ARG A 167 -15.04 24.66 -3.30
CA ARG A 167 -15.49 25.79 -4.09
C ARG A 167 -15.17 27.09 -3.40
N LYS A 168 -15.30 27.14 -2.07
CA LYS A 168 -14.94 28.33 -1.33
C LYS A 168 -13.49 28.68 -1.61
N ASN A 169 -12.63 27.69 -1.56
CA ASN A 169 -11.23 27.91 -1.83
C ASN A 169 -10.99 28.32 -3.25
N ALA A 170 -11.80 27.80 -4.17
CA ALA A 170 -11.64 28.16 -5.55
C ALA A 170 -11.83 29.64 -5.74
N ALA A 171 -12.79 30.20 -5.05
CA ALA A 171 -13.02 31.62 -5.18
C ALA A 171 -11.80 32.41 -4.77
N HIS A 172 -11.17 32.01 -3.68
CA HIS A 172 -10.00 32.75 -3.23
C HIS A 172 -8.88 32.60 -4.22
N ALA A 173 -8.76 31.40 -4.77
CA ALA A 173 -7.72 31.12 -5.73
C ALA A 173 -7.89 31.99 -6.95
N ILE A 174 -9.15 32.26 -7.35
CA ILE A 174 -9.40 33.14 -8.48
C ILE A 174 -8.83 34.49 -8.23
N GLN A 175 -9.09 35.00 -7.05
CA GLN A 175 -8.59 36.29 -6.68
C GLN A 175 -7.08 36.35 -6.81
N LYS A 176 -6.40 35.29 -6.37
CA LYS A 176 -4.96 35.26 -6.47
C LYS A 176 -4.49 35.29 -7.89
N LEU A 177 -5.04 34.41 -8.69
CA LEU A 177 -4.64 34.26 -10.07
C LEU A 177 -4.83 35.54 -10.80
N TYR A 178 -5.93 36.21 -10.56
CA TYR A 178 -6.19 37.48 -11.18
C TYR A 178 -5.09 38.46 -10.86
N SER A 179 -4.76 38.60 -9.58
CA SER A 179 -3.73 39.54 -9.22
C SER A 179 -2.38 39.13 -9.77
N LEU A 180 -2.17 37.83 -9.93
CA LEU A 180 -0.93 37.35 -10.49
C LEU A 180 -0.84 37.67 -11.96
N ASP A 181 -1.93 37.42 -12.66
CA ASP A 181 -1.98 37.66 -14.09
C ASP A 181 -3.33 38.19 -14.55
N PRO A 182 -3.47 39.51 -14.60
CA PRO A 182 -4.63 40.28 -15.02
C PRO A 182 -5.12 39.93 -16.41
N GLU A 183 -4.26 39.32 -17.23
CA GLU A 183 -4.64 38.99 -18.58
C GLU A 183 -5.52 37.74 -18.66
N GLN A 184 -5.75 37.09 -17.52
CA GLN A 184 -6.63 35.94 -17.50
C GLN A 184 -8.05 36.34 -17.12
N LYS A 185 -8.25 37.65 -16.88
CA LYS A 185 -9.50 38.19 -16.36
C LYS A 185 -10.77 37.63 -16.97
N GLU A 186 -10.88 37.64 -18.28
CA GLU A 186 -12.11 37.18 -18.92
C GLU A 186 -12.44 35.75 -18.59
N MET A 187 -11.42 34.94 -18.43
CA MET A 187 -11.63 33.54 -18.12
C MET A 187 -12.17 33.41 -16.73
N LEU A 188 -11.57 34.18 -15.85
CA LEU A 188 -11.96 34.13 -14.47
C LEU A 188 -13.34 34.68 -14.28
N ILE A 189 -13.73 35.68 -15.06
CA ILE A 189 -15.07 36.21 -14.96
C ILE A 189 -16.07 35.13 -15.24
N GLU A 190 -15.82 34.35 -16.27
CA GLU A 190 -16.69 33.22 -16.57
C GLU A 190 -16.85 32.33 -15.37
N VAL A 191 -15.73 31.96 -14.77
CA VAL A 191 -15.75 31.09 -13.62
C VAL A 191 -16.50 31.68 -12.46
N ILE A 192 -16.29 32.97 -12.22
CA ILE A 192 -16.98 33.65 -11.14
C ILE A 192 -18.47 33.61 -11.34
N GLU A 193 -18.92 33.90 -12.55
CA GLU A 193 -20.35 33.84 -12.81
C GLU A 193 -20.90 32.48 -12.46
N LYS A 194 -20.18 31.44 -12.84
CA LYS A 194 -20.63 30.10 -12.54
C LYS A 194 -20.71 29.90 -11.04
N LEU A 195 -19.71 30.38 -10.30
CA LEU A 195 -19.72 30.23 -8.86
C LEU A 195 -20.86 30.99 -8.21
N LEU A 196 -21.23 32.13 -8.79
CA LEU A 196 -22.32 32.94 -8.27
C LEU A 196 -23.67 32.24 -8.33
N LYS A 197 -23.76 31.15 -9.08
CA LYS A 197 -25.00 30.43 -9.22
C LYS A 197 -25.20 29.37 -8.12
N ASP A 198 -24.23 29.22 -7.21
CA ASP A 198 -24.37 28.25 -6.13
C ASP A 198 -25.42 28.70 -5.12
N LYS A 199 -25.86 27.79 -4.29
CA LYS A 199 -26.87 28.06 -3.28
C LYS A 199 -26.27 28.04 -1.88
N SER A 200 -25.17 27.35 -1.69
CA SER A 200 -24.59 27.29 -0.37
C SER A 200 -23.94 28.58 0.04
N THR A 201 -24.23 29.00 1.26
CA THR A 201 -23.70 30.21 1.83
C THR A 201 -22.20 30.10 2.07
N LEU A 202 -21.72 28.87 2.19
CA LEU A 202 -20.32 28.62 2.42
C LEU A 202 -19.49 29.08 1.26
N VAL A 203 -20.10 29.12 0.10
CA VAL A 203 -19.44 29.52 -1.11
C VAL A 203 -19.75 30.96 -1.44
N ALA A 204 -21.02 31.31 -1.35
CA ALA A 204 -21.49 32.63 -1.73
C ALA A 204 -20.66 33.76 -1.16
N GLY A 205 -20.38 33.71 0.15
CA GLY A 205 -19.62 34.78 0.78
C GLY A 205 -18.31 35.08 0.05
N SER A 206 -17.44 34.08 -0.02
CA SER A 206 -16.16 34.23 -0.66
C SER A 206 -16.26 34.62 -2.12
N VAL A 207 -17.22 34.07 -2.83
CA VAL A 207 -17.35 34.40 -4.23
C VAL A 207 -17.62 35.86 -4.41
N VAL A 208 -18.51 36.40 -3.59
CA VAL A 208 -18.82 37.81 -3.69
C VAL A 208 -17.59 38.63 -3.49
N MET A 209 -16.78 38.27 -2.51
CA MET A 209 -15.54 38.99 -2.27
C MET A 209 -14.66 38.96 -3.51
N ALA A 210 -14.50 37.78 -4.09
CA ALA A 210 -13.66 37.66 -5.25
C ALA A 210 -14.18 38.55 -6.35
N PHE A 211 -15.49 38.59 -6.50
CA PHE A 211 -16.10 39.43 -7.49
C PHE A 211 -15.76 40.86 -7.24
N GLU A 212 -15.99 41.30 -6.01
CA GLU A 212 -15.76 42.68 -5.64
C GLU A 212 -14.37 43.15 -6.02
N GLU A 213 -13.37 42.29 -5.84
CA GLU A 213 -12.02 42.67 -6.21
C GLU A 213 -11.69 42.49 -7.69
N VAL A 214 -11.98 41.32 -8.22
CA VAL A 214 -11.63 41.00 -9.59
C VAL A 214 -12.42 41.77 -10.59
N CYS A 215 -13.70 41.85 -10.37
CA CYS A 215 -14.60 42.50 -11.28
C CYS A 215 -15.64 43.32 -10.58
N PRO A 216 -15.29 44.49 -10.04
CA PRO A 216 -16.17 45.44 -9.34
C PRO A 216 -17.24 45.98 -10.27
N ASP A 217 -16.95 45.96 -11.56
CA ASP A 217 -17.86 46.35 -12.60
C ASP A 217 -18.71 45.16 -12.99
N ARG A 218 -19.49 45.28 -14.05
CA ARG A 218 -20.34 44.18 -14.49
C ARG A 218 -21.36 43.81 -13.46
N ILE A 219 -22.15 44.79 -13.06
CA ILE A 219 -23.21 44.59 -12.08
C ILE A 219 -24.31 43.70 -12.63
N ASP A 220 -24.27 43.43 -13.94
CA ASP A 220 -25.20 42.53 -14.56
C ASP A 220 -24.95 41.09 -14.10
N LEU A 221 -23.81 40.84 -13.48
CA LEU A 221 -23.50 39.55 -12.95
C LEU A 221 -24.04 39.40 -11.54
N ILE A 222 -24.56 40.47 -10.99
CA ILE A 222 -25.08 40.46 -9.65
C ILE A 222 -26.57 40.35 -9.62
N HIS A 223 -27.26 41.17 -10.42
CA HIS A 223 -28.72 41.16 -10.38
C HIS A 223 -29.30 39.77 -10.60
N LYS A 224 -28.57 38.91 -11.28
CA LYS A 224 -29.03 37.56 -11.56
C LYS A 224 -29.30 36.79 -10.28
N ASN A 225 -28.58 37.14 -9.24
CA ASN A 225 -28.68 36.47 -7.97
C ASN A 225 -29.14 37.39 -6.88
N TYR A 226 -29.74 38.51 -7.24
CA TYR A 226 -30.10 39.51 -6.26
C TYR A 226 -31.01 39.03 -5.16
N ARG A 227 -32.16 38.49 -5.54
CA ARG A 227 -33.10 38.05 -4.53
C ARG A 227 -32.55 36.88 -3.75
N LYS A 228 -31.74 36.06 -4.39
CA LYS A 228 -31.13 34.95 -3.72
C LYS A 228 -30.25 35.46 -2.60
N LEU A 229 -29.32 36.32 -2.94
CA LEU A 229 -28.39 36.86 -1.97
C LEU A 229 -29.08 37.61 -0.87
N CYS A 230 -30.16 38.30 -1.21
CA CYS A 230 -30.90 39.03 -0.22
C CYS A 230 -31.42 38.15 0.89
N ASN A 231 -31.66 36.87 0.60
CA ASN A 231 -32.14 35.98 1.62
C ASN A 231 -30.98 35.29 2.30
N LEU A 232 -30.00 34.89 1.50
CA LEU A 232 -28.86 34.15 2.00
C LEU A 232 -28.06 34.93 3.02
N LEU A 233 -27.97 36.23 2.81
CA LEU A 233 -27.23 37.13 3.68
C LEU A 233 -27.37 36.82 5.16
N VAL A 234 -28.58 36.48 5.59
CA VAL A 234 -28.82 36.21 6.99
C VAL A 234 -28.00 35.04 7.50
N ASP A 235 -27.87 34.00 6.69
CA ASP A 235 -27.14 32.82 7.08
C ASP A 235 -25.66 32.88 6.73
N VAL A 236 -25.29 33.79 5.85
CA VAL A 236 -23.89 33.95 5.48
C VAL A 236 -23.05 34.38 6.67
N GLU A 237 -21.87 33.78 6.79
CA GLU A 237 -20.94 34.08 7.87
C GLU A 237 -20.57 35.56 7.91
N GLU A 238 -20.44 36.10 9.12
CA GLU A 238 -20.18 37.51 9.39
C GLU A 238 -19.12 38.18 8.53
N TRP A 239 -18.09 37.47 8.11
CA TRP A 239 -17.07 38.13 7.32
C TRP A 239 -17.56 38.36 5.92
N GLY A 240 -18.40 37.45 5.47
CA GLY A 240 -18.98 37.57 4.16
C GLY A 240 -20.07 38.60 4.24
N GLN A 241 -20.74 38.67 5.39
CA GLN A 241 -21.81 39.64 5.52
C GLN A 241 -21.29 41.02 5.32
N VAL A 242 -20.14 41.33 5.90
CA VAL A 242 -19.61 42.67 5.72
C VAL A 242 -19.37 42.97 4.26
N VAL A 243 -18.71 42.07 3.57
CA VAL A 243 -18.42 42.31 2.18
C VAL A 243 -19.66 42.45 1.34
N ILE A 244 -20.61 41.53 1.52
CA ILE A 244 -21.81 41.53 0.73
C ILE A 244 -22.60 42.78 0.93
N ILE A 245 -22.72 43.22 2.17
CA ILE A 245 -23.48 44.42 2.45
C ILE A 245 -22.93 45.61 1.72
N HIS A 246 -21.62 45.78 1.72
CA HIS A 246 -21.08 46.93 1.03
C HIS A 246 -21.38 46.83 -0.45
N MET A 247 -21.24 45.63 -0.99
CA MET A 247 -21.51 45.42 -2.40
C MET A 247 -22.95 45.76 -2.72
N LEU A 248 -23.87 45.25 -1.93
CA LEU A 248 -25.26 45.52 -2.18
C LEU A 248 -25.61 46.96 -2.00
N THR A 249 -24.94 47.64 -1.08
CA THR A 249 -25.23 49.03 -0.89
C THR A 249 -24.96 49.80 -2.15
N ARG A 250 -23.76 49.63 -2.72
CA ARG A 250 -23.45 50.38 -3.92
C ARG A 250 -24.22 49.86 -5.12
N TYR A 251 -24.65 48.60 -5.07
CA TYR A 251 -25.50 48.05 -6.09
C TYR A 251 -26.79 48.82 -6.14
N ALA A 252 -27.41 48.91 -4.99
CA ALA A 252 -28.68 49.57 -4.82
C ALA A 252 -28.63 51.03 -5.22
N ARG A 253 -27.50 51.69 -5.00
CA ARG A 253 -27.39 53.09 -5.40
C ARG A 253 -27.55 53.30 -6.89
N THR A 254 -27.35 52.26 -7.68
CA THR A 254 -27.50 52.41 -9.11
C THR A 254 -28.81 51.81 -9.59
N GLN A 255 -29.39 50.92 -8.80
CA GLN A 255 -30.60 50.28 -9.24
C GLN A 255 -31.88 50.89 -8.72
N PHE A 256 -31.81 51.61 -7.62
CA PHE A 256 -33.03 52.21 -7.10
C PHE A 256 -32.98 53.73 -7.21
N VAL A 257 -34.16 54.34 -7.31
CA VAL A 257 -34.24 55.78 -7.53
C VAL A 257 -35.12 56.51 -6.56
N PRO A 295 -40.62 47.17 -3.96
CA PRO A 295 -40.65 45.82 -3.41
C PRO A 295 -39.26 45.20 -3.27
N ASP A 296 -38.36 45.44 -4.21
CA ASP A 296 -37.03 44.85 -4.13
C ASP A 296 -36.14 45.69 -3.24
N HIS A 297 -36.37 47.00 -3.27
CA HIS A 297 -35.65 47.93 -2.41
C HIS A 297 -35.93 47.60 -0.97
N ARG A 298 -37.20 47.37 -0.68
CA ARG A 298 -37.66 47.07 0.65
C ARG A 298 -37.24 45.69 1.05
N LEU A 299 -37.13 44.76 0.10
CA LEU A 299 -36.63 43.45 0.42
C LEU A 299 -35.26 43.55 1.05
N LEU A 300 -34.38 44.30 0.40
CA LEU A 300 -33.05 44.50 0.92
C LEU A 300 -33.06 45.02 2.33
N ILE A 301 -33.77 46.11 2.52
CA ILE A 301 -33.82 46.76 3.81
C ILE A 301 -34.40 45.86 4.88
N ARG A 302 -35.51 45.22 4.56
CA ARG A 302 -36.19 44.35 5.48
C ARG A 302 -35.34 43.21 5.96
N ASN A 303 -34.71 42.52 5.02
CA ASN A 303 -33.87 41.41 5.43
C ASN A 303 -32.66 41.84 6.19
N THR A 304 -32.18 43.05 5.90
CA THR A 304 -31.02 43.55 6.58
C THR A 304 -31.27 43.86 8.05
N LYS A 305 -32.40 44.50 8.36
CA LYS A 305 -32.75 44.94 9.71
C LYS A 305 -32.21 44.13 10.91
N PRO A 306 -32.47 42.82 11.05
CA PRO A 306 -32.03 41.98 12.15
C PRO A 306 -30.55 42.07 12.43
N LEU A 307 -29.76 42.32 11.39
CA LEU A 307 -28.32 42.35 11.51
C LEU A 307 -27.80 43.40 12.46
N LEU A 308 -28.60 44.41 12.78
CA LEU A 308 -28.14 45.43 13.72
C LEU A 308 -27.79 44.87 15.09
N GLN A 309 -28.27 43.68 15.41
CA GLN A 309 -28.00 43.10 16.70
C GLN A 309 -26.75 42.20 16.68
N SER A 310 -25.98 42.22 15.58
CA SER A 310 -24.78 41.39 15.44
C SER A 310 -23.69 41.68 16.44
N ARG A 311 -22.95 40.64 16.78
CA ARG A 311 -21.83 40.76 17.71
C ARG A 311 -20.64 41.45 17.07
N ASN A 312 -20.60 41.45 15.75
CA ASN A 312 -19.47 41.96 15.01
C ASN A 312 -19.64 43.40 14.63
N ALA A 313 -18.86 44.27 15.24
CA ALA A 313 -18.96 45.70 15.01
C ALA A 313 -18.89 46.04 13.55
N ALA A 314 -18.08 45.31 12.80
CA ALA A 314 -17.95 45.57 11.38
C ALA A 314 -19.28 45.36 10.69
N VAL A 315 -20.02 44.35 11.12
CA VAL A 315 -21.30 44.09 10.52
C VAL A 315 -22.24 45.20 10.87
N VAL A 316 -22.22 45.58 12.13
CA VAL A 316 -23.13 46.61 12.59
C VAL A 316 -22.92 47.86 11.80
N MET A 317 -21.67 48.24 11.63
CA MET A 317 -21.36 49.42 10.88
C MET A 317 -21.73 49.29 9.44
N ALA A 318 -21.50 48.13 8.85
CA ALA A 318 -21.85 47.93 7.47
C ALA A 318 -23.34 48.11 7.28
N VAL A 319 -24.11 47.59 8.22
CA VAL A 319 -25.54 47.74 8.16
C VAL A 319 -25.92 49.18 8.28
N ALA A 320 -25.31 49.86 9.25
CA ALA A 320 -25.58 51.25 9.45
C ALA A 320 -25.30 52.02 8.19
N GLN A 321 -24.18 51.69 7.53
CA GLN A 321 -23.83 52.32 6.28
C GLN A 321 -24.90 52.17 5.26
N LEU A 322 -25.36 50.94 5.10
CA LEU A 322 -26.36 50.67 4.11
C LEU A 322 -27.56 51.53 4.36
N TYR A 323 -28.09 51.51 5.58
CA TYR A 323 -29.25 52.33 5.80
C TYR A 323 -28.96 53.78 5.57
N TRP A 324 -27.82 54.26 6.00
CA TRP A 324 -27.49 55.65 5.81
C TRP A 324 -27.54 56.10 4.37
N HIS A 325 -27.06 55.26 3.46
CA HIS A 325 -27.10 55.66 2.06
C HIS A 325 -28.26 55.04 1.29
N ILE A 326 -29.14 54.27 1.93
CA ILE A 326 -30.22 53.59 1.14
C ILE A 326 -31.59 53.81 1.78
N SER A 327 -31.70 53.68 3.10
CA SER A 327 -32.97 53.78 3.79
C SER A 327 -33.67 55.10 3.60
N PRO A 328 -35.00 55.09 3.56
CA PRO A 328 -35.87 56.24 3.58
C PRO A 328 -35.46 57.02 4.78
N LYS A 329 -35.42 58.33 4.65
CA LYS A 329 -34.90 59.17 5.70
C LYS A 329 -35.71 59.05 6.98
N SER A 330 -37.00 58.78 6.86
CA SER A 330 -37.86 58.63 8.03
C SER A 330 -37.53 57.42 8.90
N GLU A 331 -36.81 56.45 8.34
CA GLU A 331 -36.47 55.25 9.09
C GLU A 331 -35.03 55.24 9.56
N ALA A 332 -34.26 56.26 9.19
CA ALA A 332 -32.83 56.29 9.48
C ALA A 332 -32.51 56.23 10.96
N GLY A 333 -33.32 56.85 11.80
CA GLY A 333 -33.06 56.92 13.24
C GLY A 333 -32.81 55.58 13.90
N ILE A 334 -33.32 54.50 13.33
CA ILE A 334 -33.20 53.19 13.92
C ILE A 334 -31.77 52.74 14.22
N ILE A 335 -30.79 53.28 13.52
CA ILE A 335 -29.44 52.79 13.74
C ILE A 335 -28.64 53.49 14.80
N SER A 336 -29.04 54.68 15.22
CA SER A 336 -28.15 55.39 16.12
C SER A 336 -28.06 54.74 17.47
N LYS A 337 -29.09 54.00 17.87
CA LYS A 337 -29.05 53.29 19.13
C LYS A 337 -27.89 52.31 19.15
N SER A 338 -27.74 51.57 18.05
CA SER A 338 -26.69 50.59 17.96
C SER A 338 -25.35 51.25 17.77
N LEU A 339 -25.33 52.38 17.09
CA LEU A 339 -24.08 53.07 16.91
C LEU A 339 -23.55 53.49 18.25
N VAL A 340 -24.44 53.90 19.13
CA VAL A 340 -24.01 54.26 20.45
C VAL A 340 -23.48 53.06 21.20
N ARG A 341 -24.14 51.89 21.12
CA ARG A 341 -23.59 50.78 21.91
C ARG A 341 -22.23 50.34 21.41
N LEU A 342 -21.91 50.64 20.15
CA LEU A 342 -20.59 50.30 19.65
C LEU A 342 -19.50 51.02 20.43
N LEU A 343 -19.85 52.17 21.01
CA LEU A 343 -18.89 52.98 21.74
C LEU A 343 -18.43 52.30 23.02
N ARG A 344 -19.13 51.26 23.43
CA ARG A 344 -18.73 50.53 24.60
C ARG A 344 -17.56 49.57 24.36
N SER A 345 -17.16 49.35 23.10
CA SER A 345 -16.11 48.38 22.84
C SER A 345 -14.70 48.91 23.12
N ASN A 346 -13.72 48.47 22.34
CA ASN A 346 -12.35 48.89 22.60
C ASN A 346 -12.03 50.20 21.91
N ARG A 347 -10.85 50.74 22.21
CA ARG A 347 -10.44 52.04 21.70
C ARG A 347 -10.32 52.14 20.19
N GLU A 348 -10.03 51.04 19.51
CA GLU A 348 -9.94 51.13 18.06
C GLU A 348 -11.33 51.28 17.50
N VAL A 349 -12.25 50.48 18.01
CA VAL A 349 -13.61 50.56 17.57
C VAL A 349 -14.16 51.93 17.89
N GLN A 350 -13.89 52.40 19.10
CA GLN A 350 -14.39 53.68 19.51
C GLN A 350 -13.90 54.77 18.59
N TYR A 351 -12.63 54.71 18.25
CA TYR A 351 -12.07 55.69 17.37
C TYR A 351 -12.80 55.74 16.05
N ILE A 352 -12.96 54.60 15.42
CA ILE A 352 -13.63 54.56 14.14
C ILE A 352 -15.08 54.93 14.20
N VAL A 353 -15.78 54.39 15.18
CA VAL A 353 -17.18 54.65 15.32
C VAL A 353 -17.45 56.11 15.58
N LEU A 354 -16.65 56.73 16.44
CA LEU A 354 -16.82 58.14 16.72
C LEU A 354 -16.63 58.95 15.47
N GLN A 355 -15.69 58.56 14.60
CA GLN A 355 -15.54 59.27 13.35
C GLN A 355 -16.78 59.14 12.50
N ASN A 356 -17.39 57.96 12.51
CA ASN A 356 -18.62 57.77 11.75
C ASN A 356 -19.76 58.58 12.34
N ILE A 357 -19.83 58.65 13.66
CA ILE A 357 -20.87 59.42 14.31
C ILE A 357 -20.72 60.88 14.01
N ALA A 358 -19.50 61.38 14.14
CA ALA A 358 -19.21 62.78 13.88
C ALA A 358 -19.56 63.12 12.45
N THR A 359 -19.28 62.20 11.53
CA THR A 359 -19.58 62.41 10.14
C THR A 359 -21.08 62.45 9.89
N MET A 360 -21.80 61.49 10.47
CA MET A 360 -23.24 61.40 10.29
C MET A 360 -24.02 62.55 10.89
N SER A 361 -23.65 62.96 12.10
CA SER A 361 -24.36 63.99 12.86
C SER A 361 -24.41 65.33 12.17
N ILE A 362 -23.49 65.56 11.25
CA ILE A 362 -23.46 66.77 10.47
C ILE A 362 -24.77 66.93 9.71
N GLN A 363 -25.32 65.83 9.24
CA GLN A 363 -26.54 65.89 8.49
C GLN A 363 -27.77 65.61 9.35
N ARG A 364 -27.61 64.81 10.40
CA ARG A 364 -28.74 64.47 11.26
C ARG A 364 -28.42 64.54 12.74
N LYS A 365 -28.33 65.74 13.29
CA LYS A 365 -27.99 65.93 14.70
C LYS A 365 -28.97 65.24 15.66
N GLY A 366 -30.25 65.17 15.28
CA GLY A 366 -31.30 64.59 16.10
C GLY A 366 -31.12 63.09 16.37
N MET A 367 -30.27 62.42 15.60
CA MET A 367 -30.07 60.99 15.80
C MET A 367 -29.15 60.66 16.96
N PHE A 368 -28.38 61.65 17.43
CA PHE A 368 -27.43 61.38 18.48
C PHE A 368 -27.69 62.17 19.73
N GLU A 369 -28.29 63.35 19.57
CA GLU A 369 -28.59 64.21 20.70
C GLU A 369 -29.27 63.51 21.91
N PRO A 370 -30.24 62.59 21.73
CA PRO A 370 -30.92 61.85 22.78
C PRO A 370 -29.94 61.08 23.65
N TYR A 371 -28.75 60.82 23.14
CA TYR A 371 -27.75 60.06 23.86
C TYR A 371 -26.59 60.94 24.29
N LEU A 372 -26.78 62.26 24.30
CA LEU A 372 -25.71 63.24 24.58
C LEU A 372 -24.72 62.88 25.67
N LYS A 373 -25.20 62.40 26.82
CA LYS A 373 -24.30 62.09 27.93
C LYS A 373 -23.28 61.01 27.62
N SER A 374 -23.59 60.16 26.64
CA SER A 374 -22.69 59.10 26.24
C SER A 374 -21.46 59.64 25.57
N PHE A 375 -21.48 60.89 25.16
CA PHE A 375 -20.36 61.48 24.50
C PHE A 375 -19.51 62.30 25.45
N TYR A 376 -19.76 62.20 26.74
CA TYR A 376 -18.96 62.96 27.69
C TYR A 376 -17.55 62.43 27.73
N VAL A 377 -16.59 63.34 27.86
CA VAL A 377 -15.18 63.00 27.87
C VAL A 377 -14.71 62.70 29.25
N ARG A 378 -13.98 61.60 29.38
CA ARG A 378 -13.47 61.21 30.68
C ARG A 378 -11.96 61.18 30.71
N SER A 379 -11.41 61.12 31.91
CA SER A 379 -9.97 61.20 32.12
C SER A 379 -9.16 60.07 31.53
N THR A 380 -9.81 58.95 31.26
CA THR A 380 -9.10 57.80 30.71
C THR A 380 -9.04 57.87 29.20
N ASP A 381 -9.82 58.74 28.61
CA ASP A 381 -9.86 58.84 27.17
C ASP A 381 -8.55 59.41 26.63
N PRO A 382 -7.96 58.79 25.60
CA PRO A 382 -6.81 59.24 24.83
C PRO A 382 -7.14 60.57 24.19
N THR A 383 -6.15 61.43 24.03
CA THR A 383 -6.35 62.76 23.46
C THR A 383 -7.16 62.72 22.17
N MET A 384 -6.85 61.79 21.28
CA MET A 384 -7.56 61.69 20.02
C MET A 384 -9.03 61.32 20.20
N ILE A 385 -9.34 60.62 21.29
CA ILE A 385 -10.70 60.22 21.59
C ILE A 385 -11.41 61.36 22.22
N LYS A 386 -10.70 62.05 23.10
CA LYS A 386 -11.24 63.20 23.77
C LYS A 386 -11.63 64.22 22.73
N THR A 387 -10.80 64.34 21.72
CA THR A 387 -11.05 65.22 20.62
C THR A 387 -12.29 64.81 19.86
N LEU A 388 -12.39 63.55 19.49
CA LEU A 388 -13.55 63.11 18.73
C LEU A 388 -14.86 63.30 19.47
N LYS A 389 -14.87 62.99 20.76
CA LYS A 389 -16.09 63.17 21.51
C LYS A 389 -16.43 64.62 21.57
N LEU A 390 -15.43 65.45 21.77
CA LEU A 390 -15.59 66.87 21.82
C LEU A 390 -16.22 67.38 20.52
N GLU A 391 -15.74 66.86 19.39
CA GLU A 391 -16.27 67.22 18.08
C GLU A 391 -17.73 66.85 17.95
N ILE A 392 -18.11 65.70 18.49
CA ILE A 392 -19.51 65.30 18.48
C ILE A 392 -20.33 66.21 19.39
N LEU A 393 -19.78 66.51 20.57
CA LEU A 393 -20.44 67.39 21.52
C LEU A 393 -20.65 68.74 20.89
N THR A 394 -19.71 69.16 20.04
CA THR A 394 -19.82 70.40 19.31
C THR A 394 -21.12 70.42 18.51
N ASN A 395 -21.32 69.41 17.65
CA ASN A 395 -22.53 69.34 16.85
C ASN A 395 -23.80 69.18 17.67
N LEU A 396 -23.71 68.49 18.79
CA LEU A 396 -24.90 68.25 19.57
C LEU A 396 -25.23 69.38 20.55
N ALA A 397 -24.39 70.41 20.61
CA ALA A 397 -24.66 71.50 21.54
C ALA A 397 -25.71 72.45 20.98
N ASN A 398 -26.60 72.88 21.85
CA ASN A 398 -27.63 73.85 21.48
C ASN A 398 -28.14 74.54 22.74
N GLU A 399 -29.07 75.46 22.58
CA GLU A 399 -29.59 76.24 23.69
C GLU A 399 -30.33 75.43 24.77
N ALA A 400 -30.74 74.21 24.45
CA ALA A 400 -31.45 73.39 25.41
C ALA A 400 -30.47 72.55 26.25
N ASN A 401 -29.18 72.61 25.94
CA ASN A 401 -28.21 71.85 26.70
C ASN A 401 -26.88 72.57 26.91
N ILE A 402 -26.76 73.77 26.36
CA ILE A 402 -25.53 74.55 26.45
C ILE A 402 -25.14 74.90 27.88
N SER A 403 -26.14 75.01 28.76
CA SER A 403 -25.90 75.31 30.16
C SER A 403 -25.15 74.18 30.88
N THR A 404 -25.23 72.98 30.35
CA THR A 404 -24.55 71.84 30.91
C THR A 404 -23.23 71.63 30.22
N LEU A 405 -23.26 71.65 28.89
CA LEU A 405 -22.07 71.38 28.13
C LEU A 405 -20.97 72.40 28.37
N LEU A 406 -21.31 73.67 28.56
CA LEU A 406 -20.25 74.64 28.86
C LEU A 406 -19.59 74.34 30.18
N ARG A 407 -20.36 73.88 31.16
CA ARG A 407 -19.79 73.55 32.45
C ARG A 407 -18.84 72.37 32.31
N GLU A 408 -19.23 71.43 31.44
CA GLU A 408 -18.39 70.29 31.16
C GLU A 408 -17.12 70.75 30.46
N PHE A 409 -17.28 71.70 29.56
CA PHE A 409 -16.16 72.25 28.82
C PHE A 409 -15.21 72.98 29.75
N GLN A 410 -15.75 73.66 30.76
CA GLN A 410 -14.90 74.36 31.71
C GLN A 410 -14.01 73.37 32.44
N THR A 411 -14.59 72.25 32.85
CA THR A 411 -13.82 71.21 33.51
C THR A 411 -12.76 70.68 32.57
N TYR A 412 -13.15 70.48 31.33
CA TYR A 412 -12.25 69.99 30.30
C TYR A 412 -11.09 70.95 30.07
N VAL A 413 -11.36 72.24 30.14
CA VAL A 413 -10.31 73.23 30.02
C VAL A 413 -9.40 73.18 31.23
N LYS A 414 -9.99 72.98 32.41
CA LYS A 414 -9.23 72.86 33.65
C LYS A 414 -8.31 71.63 33.68
N SER A 415 -8.65 70.60 32.90
CA SER A 415 -7.79 69.42 32.81
C SER A 415 -6.38 69.74 32.37
N GLN A 416 -5.43 68.98 32.89
CA GLN A 416 -4.01 69.16 32.59
C GLN A 416 -3.67 68.92 31.12
N ASP A 417 -4.55 68.27 30.37
CA ASP A 417 -4.28 68.07 28.96
C ASP A 417 -4.59 69.33 28.20
N LYS A 418 -3.58 70.18 28.10
CA LYS A 418 -3.70 71.47 27.46
C LYS A 418 -4.03 71.41 25.98
N GLN A 419 -3.66 70.34 25.30
CA GLN A 419 -4.01 70.24 23.89
C GLN A 419 -5.50 70.09 23.79
N PHE A 420 -6.04 69.26 24.66
CA PHE A 420 -7.47 69.05 24.77
C PHE A 420 -8.17 70.31 25.21
N ALA A 421 -7.62 70.97 26.23
CA ALA A 421 -8.19 72.19 26.75
C ALA A 421 -8.30 73.26 25.68
N ALA A 422 -7.25 73.42 24.87
CA ALA A 422 -7.25 74.41 23.80
C ALA A 422 -8.33 74.09 22.79
N ALA A 423 -8.44 72.81 22.45
CA ALA A 423 -9.45 72.37 21.52
C ALA A 423 -10.83 72.62 22.08
N THR A 424 -10.96 72.39 23.39
CA THR A 424 -12.20 72.59 24.10
C THR A 424 -12.61 74.02 24.03
N ILE A 425 -11.64 74.92 24.16
CA ILE A 425 -11.93 76.33 24.06
C ILE A 425 -12.50 76.67 22.69
N GLN A 426 -11.95 76.11 21.61
CA GLN A 426 -12.57 76.36 20.32
C GLN A 426 -13.97 75.81 20.26
N THR A 427 -14.19 74.65 20.87
CA THR A 427 -15.52 74.08 20.93
C THR A 427 -16.45 75.02 21.63
N LEU A 619 -19.72 57.01 3.92
CA LEU A 619 -19.69 56.77 5.34
C LEU A 619 -19.44 55.32 5.60
N GLY A 620 -18.53 55.00 6.51
CA GLY A 620 -18.26 53.62 6.87
C GLY A 620 -17.01 53.02 6.25
N THR A 621 -16.38 53.70 5.30
CA THR A 621 -15.20 53.08 4.72
C THR A 621 -13.90 53.81 5.04
N LEU A 622 -12.80 53.27 4.52
CA LEU A 622 -11.47 53.76 4.82
C LEU A 622 -11.28 55.19 4.40
N SER A 623 -11.69 55.48 3.18
CA SER A 623 -11.50 56.81 2.65
C SER A 623 -11.97 57.93 3.57
N HIS A 624 -13.17 57.85 4.15
CA HIS A 624 -13.56 58.98 4.98
C HIS A 624 -12.86 58.96 6.32
N THR A 625 -12.41 57.78 6.76
CA THR A 625 -11.67 57.74 8.02
C THR A 625 -10.30 58.36 7.81
N LEU A 626 -9.80 58.31 6.60
CA LEU A 626 -8.57 59.01 6.25
C LEU A 626 -8.89 60.43 5.82
N ASN A 627 -10.10 60.59 5.29
CA ASN A 627 -10.57 61.81 4.65
C ASN A 627 -9.70 62.04 3.41
N ILE A 628 -9.28 60.93 2.81
CA ILE A 628 -8.43 60.85 1.64
C ILE A 628 -8.93 59.76 0.75
N LYS A 629 -9.07 60.01 -0.54
CA LYS A 629 -9.54 58.93 -1.40
C LYS A 629 -8.55 57.79 -1.35
N ALA A 630 -8.96 56.67 -0.75
CA ALA A 630 -8.12 55.52 -0.58
C ALA A 630 -8.02 54.72 -1.86
N THR A 631 -6.95 53.96 -1.98
CA THR A 631 -6.72 53.16 -3.17
C THR A 631 -7.89 52.24 -3.48
N GLY A 632 -8.42 52.37 -4.68
CA GLY A 632 -9.53 51.52 -5.10
C GLY A 632 -10.91 52.03 -4.67
N TYR A 633 -10.97 53.18 -4.01
CA TYR A 633 -12.25 53.75 -3.57
C TYR A 633 -13.29 53.79 -4.66
N LEU A 634 -14.37 53.08 -4.43
CA LEU A 634 -15.45 53.10 -5.37
C LEU A 634 -16.30 54.29 -5.03
N GLU A 635 -16.80 54.95 -6.04
CA GLU A 635 -17.61 56.14 -5.79
C GLU A 635 -19.08 55.78 -5.87
N LEU A 636 -19.88 56.35 -4.97
CA LEU A 636 -21.30 56.07 -5.01
C LEU A 636 -21.97 56.99 -5.99
N SER A 637 -22.94 56.46 -6.70
CA SER A 637 -23.67 57.26 -7.64
C SER A 637 -24.86 57.91 -6.96
N ASN A 638 -25.46 58.85 -7.67
CA ASN A 638 -26.67 59.50 -7.20
C ASN A 638 -27.81 58.69 -7.73
N TRP A 639 -28.97 58.74 -7.08
CA TRP A 639 -30.09 57.99 -7.60
C TRP A 639 -30.35 58.42 -9.03
N PRO A 640 -30.43 57.49 -9.96
CA PRO A 640 -30.74 57.67 -11.36
C PRO A 640 -32.07 58.39 -11.50
N GLU A 641 -32.22 59.20 -12.52
CA GLU A 641 -33.49 59.85 -12.71
C GLU A 641 -34.52 58.82 -13.11
N VAL A 642 -34.08 57.83 -13.86
CA VAL A 642 -34.95 56.74 -14.28
C VAL A 642 -34.37 55.42 -13.83
N ALA A 643 -35.18 54.63 -13.15
CA ALA A 643 -34.71 53.34 -12.67
C ALA A 643 -34.50 52.39 -13.83
N PRO A 644 -33.48 51.53 -13.75
CA PRO A 644 -33.16 50.44 -14.67
C PRO A 644 -34.35 49.48 -14.78
N ASP A 645 -34.49 48.87 -15.95
CA ASP A 645 -35.62 47.99 -16.21
C ASP A 645 -35.72 46.86 -15.20
N PRO A 646 -36.84 46.78 -14.46
CA PRO A 646 -37.13 45.92 -13.32
C PRO A 646 -37.10 44.44 -13.62
N SER A 647 -37.15 44.05 -14.90
CA SER A 647 -37.13 42.64 -15.29
C SER A 647 -35.86 41.93 -14.86
N VAL A 648 -34.81 42.69 -14.56
CA VAL A 648 -33.56 42.10 -14.11
C VAL A 648 -33.55 41.89 -12.60
N ARG A 649 -34.72 42.01 -11.95
CA ARG A 649 -34.88 41.91 -10.51
C ARG A 649 -34.22 43.12 -9.87
N ASN A 650 -34.45 44.28 -10.49
CA ASN A 650 -33.88 45.57 -10.08
C ASN A 650 -32.49 45.45 -9.48
N MET B 1 -6.78 41.57 1.16
CA MET B 1 -7.00 42.76 1.97
C MET B 1 -5.81 43.01 2.87
N ILE B 2 -5.51 42.07 3.74
CA ILE B 2 -4.36 42.22 4.61
C ILE B 2 -3.14 41.58 4.02
N HIS B 3 -2.15 42.38 3.66
CA HIS B 3 -0.97 41.82 3.03
C HIS B 3 0.01 41.26 4.02
N SER B 4 0.15 41.91 5.16
CA SER B 4 1.09 41.39 6.15
C SER B 4 0.78 41.83 7.57
N LEU B 5 1.41 41.16 8.51
CA LEU B 5 1.23 41.42 9.92
C LEU B 5 2.54 41.51 10.67
N PHE B 6 2.71 42.58 11.43
CA PHE B 6 3.90 42.74 12.27
C PHE B 6 3.51 42.88 13.71
N LEU B 7 4.20 42.17 14.58
CA LEU B 7 3.95 42.36 15.99
C LEU B 7 5.05 43.23 16.51
N ILE B 8 4.67 44.37 17.08
CA ILE B 8 5.66 45.30 17.56
C ILE B 8 5.73 45.37 19.05
N ASN B 9 6.90 45.05 19.58
CA ASN B 9 7.17 45.15 20.99
C ASN B 9 7.12 46.59 21.36
N CYS B 10 6.41 46.92 22.44
CA CYS B 10 6.25 48.30 22.88
C CYS B 10 7.57 49.05 23.17
N SER B 11 8.68 48.32 23.25
CA SER B 11 10.01 48.91 23.40
C SER B 11 10.52 49.47 22.07
N GLY B 12 9.83 49.17 20.97
CA GLY B 12 10.21 49.64 19.66
C GLY B 12 10.88 48.56 18.82
N ASP B 13 10.41 47.31 18.94
CA ASP B 13 11.07 46.22 18.23
C ASP B 13 10.15 45.31 17.41
N ILE B 14 10.57 45.00 16.19
CA ILE B 14 9.78 44.08 15.39
C ILE B 14 9.89 42.69 15.94
N PHE B 15 8.93 42.36 16.77
CA PHE B 15 8.91 41.08 17.41
C PHE B 15 8.70 39.91 16.47
N LEU B 16 7.68 39.99 15.63
CA LEU B 16 7.37 38.87 14.76
C LEU B 16 6.67 39.28 13.48
N GLU B 17 6.97 38.62 12.37
CA GLU B 17 6.31 39.01 11.14
C GLU B 17 5.71 37.84 10.38
N LYS B 18 4.67 38.15 9.61
CA LYS B 18 3.93 37.21 8.80
C LYS B 18 3.52 37.85 7.49
N HIS B 19 3.76 37.17 6.39
CA HIS B 19 3.40 37.73 5.10
C HIS B 19 2.46 36.82 4.37
N TRP B 20 1.42 37.39 3.77
CA TRP B 20 0.49 36.58 3.01
C TRP B 20 0.59 36.81 1.54
N LYS B 21 0.71 38.06 1.13
CA LYS B 21 0.75 38.25 -0.31
C LYS B 21 2.11 38.50 -0.87
N SER B 22 2.96 39.18 -0.16
CA SER B 22 4.30 39.41 -0.64
C SER B 22 5.15 39.83 0.50
N VAL B 23 6.45 39.87 0.30
CA VAL B 23 7.30 40.24 1.40
C VAL B 23 7.29 41.71 1.59
N VAL B 24 6.64 42.15 2.65
CA VAL B 24 6.60 43.55 2.94
C VAL B 24 7.85 43.97 3.68
N SER B 25 8.54 44.98 3.16
CA SER B 25 9.74 45.44 3.79
C SER B 25 9.51 45.90 5.20
N GLN B 26 10.41 45.53 6.09
CA GLN B 26 10.30 45.92 7.48
C GLN B 26 10.43 47.41 7.65
N SER B 27 11.01 48.08 6.67
CA SER B 27 11.16 49.52 6.73
C SER B 27 9.83 50.24 6.79
N VAL B 28 8.76 49.57 6.38
CA VAL B 28 7.45 50.18 6.45
C VAL B 28 7.09 50.58 7.87
N CYS B 29 7.66 49.90 8.87
CA CYS B 29 7.33 50.16 10.24
C CYS B 29 7.94 51.45 10.75
N ASP B 30 8.81 52.07 9.96
CA ASP B 30 9.38 53.34 10.34
C ASP B 30 8.29 54.36 10.52
N TYR B 31 7.22 54.24 9.74
CA TYR B 31 6.15 55.17 9.83
C TYR B 31 5.35 54.93 11.08
N PHE B 32 5.21 53.67 11.43
CA PHE B 32 4.56 53.35 12.68
C PHE B 32 5.30 53.95 13.81
N PHE B 33 6.61 53.74 13.82
CA PHE B 33 7.45 54.25 14.88
C PHE B 33 7.43 55.75 14.92
N GLU B 34 7.39 56.39 13.76
CA GLU B 34 7.23 57.83 13.72
C GLU B 34 5.97 58.25 14.42
N ALA B 35 4.86 57.61 14.09
CA ALA B 35 3.60 57.91 14.71
C ALA B 35 3.67 57.67 16.19
N GLN B 36 4.36 56.60 16.58
CA GLN B 36 4.53 56.30 17.97
C GLN B 36 5.29 57.40 18.66
N GLU B 37 6.30 57.93 17.99
CA GLU B 37 7.09 59.03 18.51
C GLU B 37 6.28 60.29 18.66
N LYS B 38 5.37 60.51 17.73
CA LYS B 38 4.52 61.67 17.75
C LYS B 38 3.25 61.46 18.56
N ALA B 39 3.09 60.27 19.16
CA ALA B 39 1.92 59.99 19.96
C ALA B 39 2.15 60.41 21.38
N ALA B 40 1.09 60.88 22.03
CA ALA B 40 1.17 61.28 23.43
C ALA B 40 1.47 60.08 24.29
N ASP B 41 0.86 58.95 23.97
CA ASP B 41 1.04 57.74 24.73
C ASP B 41 0.72 56.53 23.86
N VAL B 42 0.95 55.34 24.40
CA VAL B 42 0.67 54.11 23.68
C VAL B 42 -0.81 53.91 23.43
N GLU B 43 -1.64 54.54 24.23
CA GLU B 43 -3.06 54.43 24.00
C GLU B 43 -3.57 55.55 23.12
N ASN B 44 -2.70 56.45 22.70
CA ASN B 44 -3.13 57.54 21.85
C ASN B 44 -2.59 57.41 20.44
N VAL B 45 -2.33 56.20 20.03
CA VAL B 45 -1.85 55.94 18.69
C VAL B 45 -3.03 55.76 17.76
N PRO B 46 -3.12 56.51 16.69
CA PRO B 46 -4.21 56.50 15.74
C PRO B 46 -4.26 55.14 15.08
N PRO B 47 -5.36 54.43 15.20
CA PRO B 47 -5.63 53.11 14.67
C PRO B 47 -5.32 53.01 13.21
N VAL B 48 -5.55 54.08 12.47
CA VAL B 48 -5.25 54.05 11.06
C VAL B 48 -4.20 55.10 10.69
N ILE B 49 -3.13 54.65 10.05
CA ILE B 49 -2.04 55.52 9.68
C ILE B 49 -1.71 55.44 8.21
N SER B 50 -1.69 56.55 7.52
CA SER B 50 -1.36 56.49 6.10
C SER B 50 0.11 56.71 5.88
N THR B 51 0.70 55.87 5.03
CA THR B 51 2.10 56.00 4.70
C THR B 51 2.14 56.20 3.20
N PRO B 52 3.27 56.56 2.59
CA PRO B 52 3.48 56.81 1.16
C PRO B 52 2.94 55.67 0.33
N HIS B 53 3.12 54.48 0.83
CA HIS B 53 2.56 53.29 0.24
C HIS B 53 2.03 52.47 1.36
N HIS B 54 0.85 51.91 1.18
CA HIS B 54 0.22 51.07 2.18
C HIS B 54 -0.36 51.85 3.35
N TYR B 55 -1.39 51.29 3.93
CA TYR B 55 -2.02 51.91 5.05
C TYR B 55 -1.78 51.01 6.22
N LEU B 56 -1.53 51.57 7.38
CA LEU B 56 -1.33 50.71 8.53
C LEU B 56 -2.53 50.74 9.40
N ILE B 57 -2.95 49.58 9.84
CA ILE B 57 -4.06 49.51 10.76
C ILE B 57 -3.59 48.76 11.95
N SER B 58 -3.82 49.31 13.13
CA SER B 58 -3.28 48.63 14.29
C SER B 58 -4.17 48.62 15.49
N ILE B 59 -3.90 47.66 16.36
CA ILE B 59 -4.61 47.49 17.61
C ILE B 59 -3.67 47.44 18.77
N TYR B 60 -3.92 48.29 19.74
CA TYR B 60 -3.09 48.28 20.93
C TYR B 60 -3.76 47.52 22.03
N ARG B 61 -3.09 46.49 22.52
CA ARG B 61 -3.63 45.74 23.63
C ARG B 61 -2.57 44.86 24.22
N ASP B 62 -2.72 44.55 25.51
CA ASP B 62 -1.78 43.70 26.19
C ASP B 62 -0.34 44.17 26.03
N LYS B 63 -0.15 45.49 26.07
CA LYS B 63 1.16 46.11 25.86
C LYS B 63 1.85 45.63 24.58
N LEU B 64 1.08 45.42 23.53
CA LEU B 64 1.59 44.94 22.27
C LEU B 64 0.85 45.57 21.11
N PHE B 65 1.58 46.00 20.09
CA PHE B 65 0.89 46.55 18.95
C PHE B 65 0.77 45.59 17.82
N PHE B 66 -0.44 45.31 17.43
CA PHE B 66 -0.67 44.49 16.28
C PHE B 66 -0.72 45.42 15.12
N VAL B 67 0.22 45.33 14.20
CA VAL B 67 0.20 46.24 13.08
C VAL B 67 0.02 45.52 11.78
N SER B 68 -1.05 45.82 11.08
CA SER B 68 -1.30 45.17 9.81
C SER B 68 -1.03 46.10 8.65
N VAL B 69 -0.72 45.52 7.50
CA VAL B 69 -0.43 46.29 6.31
C VAL B 69 -1.50 46.06 5.25
N ILE B 70 -2.17 47.15 4.86
CA ILE B 70 -3.25 47.13 3.90
C ILE B 70 -2.88 47.79 2.60
N GLN B 71 -3.12 47.12 1.49
CA GLN B 71 -2.81 47.67 0.18
C GLN B 71 -3.88 48.54 -0.41
N THR B 72 -5.12 48.08 -0.35
CA THR B 72 -6.22 48.81 -0.96
C THR B 72 -7.32 49.05 0.03
N GLU B 73 -8.29 49.86 -0.33
CA GLU B 73 -9.38 50.15 0.59
C GLU B 73 -10.12 48.95 1.10
N VAL B 74 -10.17 48.87 2.42
CA VAL B 74 -10.89 47.85 3.16
C VAL B 74 -11.55 48.54 4.33
N PRO B 75 -12.82 48.28 4.63
CA PRO B 75 -13.55 48.82 5.75
C PRO B 75 -12.70 48.61 6.98
N PRO B 76 -12.27 49.66 7.66
CA PRO B 76 -11.41 49.67 8.82
C PRO B 76 -11.85 48.70 9.87
N LEU B 77 -13.14 48.61 10.12
CA LEU B 77 -13.61 47.69 11.13
C LEU B 77 -13.47 46.26 10.73
N PHE B 78 -13.54 45.97 9.45
CA PHE B 78 -13.35 44.61 8.99
C PHE B 78 -11.98 44.16 9.45
N VAL B 79 -11.00 44.99 9.18
CA VAL B 79 -9.64 44.70 9.56
C VAL B 79 -9.47 44.66 11.05
N ILE B 80 -10.03 45.66 11.74
CA ILE B 80 -9.89 45.75 13.17
C ILE B 80 -10.50 44.58 13.90
N GLU B 81 -11.71 44.19 13.54
CA GLU B 81 -12.29 43.07 14.23
C GLU B 81 -11.53 41.80 13.94
N PHE B 82 -11.12 41.61 12.70
CA PHE B 82 -10.38 40.40 12.38
C PHE B 82 -9.12 40.35 13.17
N LEU B 83 -8.35 41.41 13.11
CA LEU B 83 -7.09 41.46 13.81
C LEU B 83 -7.29 41.28 15.29
N HIS B 84 -8.31 41.91 15.85
CA HIS B 84 -8.59 41.79 17.25
C HIS B 84 -8.91 40.34 17.58
N ARG B 85 -9.67 39.70 16.71
CA ARG B 85 -10.08 38.31 16.87
C ARG B 85 -8.84 37.42 16.94
N VAL B 86 -7.84 37.73 16.12
CA VAL B 86 -6.58 37.00 16.14
C VAL B 86 -5.93 37.05 17.48
N ALA B 87 -5.88 38.24 18.07
CA ALA B 87 -5.29 38.38 19.38
C ALA B 87 -6.05 37.52 20.39
N ASP B 88 -7.37 37.52 20.29
CA ASP B 88 -8.17 36.72 21.20
C ASP B 88 -7.86 35.24 21.04
N THR B 89 -7.65 34.83 19.79
CA THR B 89 -7.30 33.46 19.48
C THR B 89 -6.01 33.06 20.15
N PHE B 90 -5.03 33.96 20.16
CA PHE B 90 -3.78 33.65 20.80
C PHE B 90 -3.98 33.40 22.27
N GLN B 91 -4.83 34.19 22.90
CA GLN B 91 -5.11 33.96 24.30
C GLN B 91 -5.76 32.60 24.52
N ASP B 92 -6.66 32.21 23.61
CA ASP B 92 -7.31 30.91 23.70
C ASP B 92 -6.34 29.75 23.62
N TYR B 93 -5.42 29.80 22.67
CA TYR B 93 -4.46 28.72 22.49
C TYR B 93 -3.33 28.68 23.47
N PHE B 94 -2.87 29.81 23.96
CA PHE B 94 -1.74 29.77 24.84
C PHE B 94 -2.07 30.14 26.26
N GLY B 95 -3.29 30.61 26.48
CA GLY B 95 -3.77 30.99 27.80
C GLY B 95 -3.51 32.45 28.11
N GLU B 96 -2.61 33.05 27.34
CA GLU B 96 -2.22 34.43 27.49
C GLU B 96 -1.75 34.96 26.18
N CYS B 97 -2.16 36.17 25.86
CA CYS B 97 -1.68 36.76 24.64
C CYS B 97 -0.53 37.68 24.97
N SER B 98 0.69 37.16 24.83
CA SER B 98 1.89 37.92 25.14
C SER B 98 3.02 37.44 24.30
N GLU B 99 4.04 38.26 24.17
CA GLU B 99 5.16 37.88 23.36
C GLU B 99 5.84 36.68 23.93
N ALA B 100 5.92 36.60 25.25
CA ALA B 100 6.56 35.46 25.86
C ALA B 100 5.86 34.17 25.48
N ALA B 101 4.53 34.19 25.49
CA ALA B 101 3.78 33.00 25.11
C ALA B 101 4.11 32.62 23.67
N ILE B 102 4.20 33.64 22.82
CA ILE B 102 4.52 33.44 21.43
C ILE B 102 5.93 32.93 21.24
N LYS B 103 6.89 33.51 21.96
CA LYS B 103 8.28 33.11 21.87
C LYS B 103 8.43 31.62 22.09
N ASP B 104 7.67 31.08 23.02
CA ASP B 104 7.70 29.65 23.26
C ASP B 104 6.93 28.85 22.21
N ASN B 105 5.84 29.41 21.70
CA ASN B 105 5.03 28.68 20.74
C ASN B 105 5.05 29.21 19.33
N VAL B 106 6.16 29.85 18.93
CA VAL B 106 6.27 30.47 17.61
C VAL B 106 5.72 29.66 16.48
N VAL B 107 6.10 28.39 16.39
CA VAL B 107 5.66 27.58 15.28
C VAL B 107 4.17 27.46 15.20
N ILE B 108 3.55 27.19 16.34
CA ILE B 108 2.10 27.06 16.37
C ILE B 108 1.46 28.37 16.00
N VAL B 109 1.99 29.44 16.56
CA VAL B 109 1.47 30.76 16.28
C VAL B 109 1.48 31.06 14.82
N TYR B 110 2.58 30.76 14.17
CA TYR B 110 2.73 31.06 12.78
C TYR B 110 1.71 30.26 11.98
N GLU B 111 1.53 29.00 12.35
CA GLU B 111 0.55 28.14 11.71
C GLU B 111 -0.86 28.65 11.88
N LEU B 112 -1.18 29.16 13.06
CA LEU B 112 -2.52 29.69 13.29
C LEU B 112 -2.78 30.85 12.38
N LEU B 113 -1.78 31.70 12.17
CA LEU B 113 -1.95 32.82 11.28
C LEU B 113 -2.19 32.34 9.88
N GLU B 114 -1.52 31.26 9.49
CA GLU B 114 -1.75 30.71 8.18
C GLU B 114 -3.15 30.17 8.01
N GLU B 115 -3.70 29.53 9.05
CA GLU B 115 -5.04 29.02 8.93
C GLU B 115 -6.11 30.07 8.93
N MET B 116 -5.93 31.10 9.74
CA MET B 116 -6.94 32.13 9.83
C MET B 116 -7.05 33.04 8.65
N LEU B 117 -5.95 33.40 8.02
CA LEU B 117 -6.12 34.35 6.94
C LEU B 117 -5.64 33.76 5.63
N ASP B 118 -6.49 33.79 4.62
CA ASP B 118 -6.14 33.23 3.33
C ASP B 118 -5.86 34.28 2.29
N ASN B 119 -4.59 34.56 2.05
CA ASN B 119 -4.21 35.54 1.06
C ASN B 119 -4.89 36.87 1.25
N GLY B 120 -5.00 37.30 2.49
CA GLY B 120 -5.61 38.58 2.77
C GLY B 120 -7.08 38.52 3.13
N PHE B 121 -7.75 37.40 2.92
CA PHE B 121 -9.16 37.31 3.30
C PHE B 121 -9.40 36.15 4.25
N PRO B 122 -10.12 36.32 5.36
CA PRO B 122 -10.37 35.35 6.41
C PRO B 122 -10.87 34.01 5.92
N LEU B 123 -10.26 32.96 6.46
CA LEU B 123 -10.61 31.57 6.15
C LEU B 123 -11.07 30.84 7.40
N ALA B 124 -10.13 30.44 8.25
CA ALA B 124 -10.55 29.82 9.50
C ALA B 124 -10.97 30.94 10.42
N THR B 125 -12.06 30.75 11.13
CA THR B 125 -12.56 31.84 11.94
C THR B 125 -12.86 31.41 13.35
N GLU B 126 -14.08 30.94 13.57
CA GLU B 126 -14.53 30.55 14.88
C GLU B 126 -13.71 29.42 15.45
N SER B 127 -13.47 29.54 16.75
CA SER B 127 -12.64 28.63 17.50
C SER B 127 -13.09 27.18 17.49
N ASN B 128 -14.37 26.94 17.33
CA ASN B 128 -14.81 25.56 17.29
C ASN B 128 -14.45 24.83 15.99
N ILE B 129 -13.95 25.56 15.01
CA ILE B 129 -13.43 24.93 13.83
C ILE B 129 -11.95 24.90 13.94
N LEU B 130 -11.38 26.06 14.26
CA LEU B 130 -9.95 26.21 14.36
C LEU B 130 -9.33 25.25 15.36
N LYS B 131 -9.98 25.04 16.51
CA LYS B 131 -9.50 24.08 17.52
C LYS B 131 -9.40 22.67 16.97
N GLU B 132 -10.18 22.35 15.94
CA GLU B 132 -10.13 21.04 15.35
C GLU B 132 -9.09 20.98 14.26
N LEU B 133 -8.89 22.08 13.55
CA LEU B 133 -7.88 22.10 12.52
C LEU B 133 -6.50 22.02 13.13
N ILE B 134 -6.28 22.80 14.17
CA ILE B 134 -5.03 22.75 14.92
C ILE B 134 -5.30 22.53 16.38
N LYS B 135 -4.86 21.40 16.89
CA LYS B 135 -5.07 21.08 18.29
C LYS B 135 -4.18 21.98 19.12
N PRO B 136 -4.69 22.50 20.23
CA PRO B 136 -3.99 23.38 21.14
C PRO B 136 -2.96 22.57 21.89
N PRO B 137 -1.82 23.17 22.20
CA PRO B 137 -0.68 22.60 22.88
C PRO B 137 -0.93 22.45 24.34
N THR B 138 -0.75 21.24 24.85
CA THR B 138 -0.85 20.98 26.28
C THR B 138 0.33 20.12 26.67
N ILE B 139 0.55 19.97 27.96
CA ILE B 139 1.67 19.17 28.42
C ILE B 139 1.48 17.73 28.02
N LEU B 140 0.30 17.20 28.31
CA LEU B 140 -0.01 15.82 28.00
C LEU B 140 0.04 15.59 26.51
N ARG B 141 -0.42 16.57 25.73
CA ARG B 141 -0.39 16.43 24.30
C ARG B 141 1.04 16.37 23.80
N SER B 142 1.93 17.19 24.36
CA SER B 142 3.31 17.17 23.93
C SER B 142 3.96 15.83 24.27
N VAL B 143 3.49 15.19 25.34
CA VAL B 143 3.99 13.88 25.70
C VAL B 143 3.61 12.89 24.63
N VAL B 144 2.35 12.94 24.22
CA VAL B 144 1.88 12.07 23.15
C VAL B 144 2.68 12.33 21.89
N ASN B 145 2.90 13.60 21.59
CA ASN B 145 3.65 14.02 20.43
C ASN B 145 5.10 13.53 20.45
N SER B 146 5.71 13.43 21.63
CA SER B 146 7.07 12.93 21.69
C SER B 146 7.15 11.44 21.31
N ILE B 147 6.01 10.76 21.31
CA ILE B 147 5.94 9.35 21.01
C ILE B 147 5.46 9.09 19.60
N THR B 148 4.33 9.69 19.24
CA THR B 148 3.71 9.46 17.95
C THR B 148 4.15 10.45 16.88
N GLY B 149 4.79 11.53 17.30
CA GLY B 149 5.21 12.58 16.39
C GLY B 149 4.35 13.81 16.66
N SER B 150 4.92 14.98 16.43
CA SER B 150 4.27 16.27 16.69
C SER B 150 3.06 16.54 15.82
N SER B 151 1.99 15.78 16.01
CA SER B 151 0.83 15.95 15.19
C SER B 151 -0.29 16.67 15.88
N ASN B 152 -0.49 17.92 15.47
CA ASN B 152 -1.57 18.71 16.00
C ASN B 152 -2.51 19.12 14.88
N VAL B 153 -2.26 18.66 13.67
CA VAL B 153 -3.12 19.04 12.57
C VAL B 153 -4.02 17.91 12.14
N GLY B 154 -5.32 18.20 12.04
CA GLY B 154 -6.30 17.20 11.66
C GLY B 154 -6.15 16.83 10.19
N ASP B 155 -6.54 15.60 9.85
CA ASP B 155 -6.45 15.14 8.47
C ASP B 155 -7.77 15.23 7.72
N THR B 156 -8.82 15.69 8.38
CA THR B 156 -10.10 15.84 7.73
C THR B 156 -10.72 17.18 8.06
N LEU B 157 -11.77 17.53 7.35
CA LEU B 157 -12.49 18.75 7.65
C LEU B 157 -13.37 18.50 8.84
N PRO B 158 -13.44 19.40 9.79
CA PRO B 158 -14.37 19.37 10.90
C PRO B 158 -15.73 19.28 10.27
N THR B 159 -16.51 18.27 10.66
CA THR B 159 -17.81 18.03 10.03
C THR B 159 -18.70 19.26 10.12
N GLY B 160 -18.64 19.92 11.27
CA GLY B 160 -19.43 21.13 11.52
C GLY B 160 -19.18 22.23 10.49
N GLN B 161 -17.99 22.26 9.90
CA GLN B 161 -17.65 23.25 8.88
C GLN B 161 -18.58 23.24 7.71
N LEU B 162 -19.12 22.07 7.37
CA LEU B 162 -20.01 21.96 6.25
C LEU B 162 -21.45 21.77 6.67
N SER B 163 -21.73 21.95 7.95
CA SER B 163 -23.08 21.82 8.46
C SER B 163 -23.74 23.16 8.47
N ASN B 164 -25.00 23.19 8.87
CA ASN B 164 -25.72 24.44 8.99
C ASN B 164 -25.56 25.04 10.37
N ILE B 165 -24.69 24.45 11.19
CA ILE B 165 -24.35 24.93 12.52
C ILE B 165 -22.83 24.93 12.72
N PRO B 166 -22.09 25.75 11.95
CA PRO B 166 -20.64 25.86 11.89
C PRO B 166 -20.00 26.30 13.18
N TRP B 167 -20.76 26.92 14.06
CA TRP B 167 -20.16 27.35 15.30
C TRP B 167 -20.07 26.24 16.33
N ARG B 168 -20.59 25.06 16.03
CA ARG B 168 -20.52 23.96 16.99
C ARG B 168 -19.76 22.78 16.44
N ARG B 169 -18.93 22.20 17.29
CA ARG B 169 -18.14 21.03 16.93
C ARG B 169 -19.05 19.83 16.80
N ALA B 170 -18.77 18.97 15.85
CA ALA B 170 -19.58 17.77 15.72
C ALA B 170 -18.99 16.64 16.54
N GLY B 171 -19.85 15.76 17.04
CA GLY B 171 -19.39 14.60 17.79
C GLY B 171 -18.93 14.92 19.21
N VAL B 172 -19.42 16.02 19.76
CA VAL B 172 -19.05 16.40 21.12
C VAL B 172 -19.53 15.40 22.13
N LYS B 173 -18.64 14.98 23.03
CA LYS B 173 -19.02 14.00 24.03
C LYS B 173 -18.48 14.30 25.43
N TYR B 174 -19.40 14.35 26.38
CA TYR B 174 -19.10 14.53 27.78
C TYR B 174 -19.83 13.50 28.60
N THR B 175 -19.26 13.10 29.72
CA THR B 175 -20.00 12.27 30.65
C THR B 175 -20.57 13.13 31.75
N ASN B 176 -19.87 14.21 32.03
CA ASN B 176 -20.31 15.19 33.00
C ASN B 176 -20.94 16.35 32.27
N ASN B 177 -22.19 16.19 31.87
CA ASN B 177 -22.84 17.24 31.11
C ASN B 177 -23.28 18.37 32.00
N GLU B 178 -22.89 19.57 31.60
CA GLU B 178 -23.22 20.76 32.35
C GLU B 178 -23.19 22.00 31.50
N ALA B 179 -23.80 23.05 32.02
CA ALA B 179 -23.81 24.32 31.34
C ALA B 179 -23.86 25.45 32.35
N TYR B 180 -23.12 26.50 32.11
CA TYR B 180 -23.15 27.62 33.02
C TYR B 180 -23.45 28.91 32.33
N PHE B 181 -24.19 29.75 33.03
CA PHE B 181 -24.48 31.07 32.54
C PHE B 181 -24.11 32.09 33.57
N ASP B 182 -23.16 32.92 33.20
CA ASP B 182 -22.70 33.97 34.08
C ASP B 182 -23.21 35.30 33.62
N VAL B 183 -24.17 35.82 34.36
CA VAL B 183 -24.75 37.09 34.03
C VAL B 183 -23.98 38.16 34.74
N VAL B 184 -23.22 38.93 33.98
CA VAL B 184 -22.41 39.96 34.58
C VAL B 184 -22.87 41.31 34.14
N GLU B 185 -23.18 42.15 35.11
CA GLU B 185 -23.63 43.48 34.78
C GLU B 185 -22.51 44.47 34.93
N GLU B 186 -22.55 45.53 34.15
CA GLU B 186 -21.52 46.54 34.19
C GLU B 186 -22.01 47.90 34.60
N ILE B 187 -21.44 48.43 35.67
CA ILE B 187 -21.81 49.77 36.11
C ILE B 187 -20.83 50.81 35.61
N ASP B 188 -21.23 51.53 34.60
CA ASP B 188 -20.39 52.57 34.04
C ASP B 188 -20.95 53.93 34.45
N ALA B 189 -20.18 54.74 35.18
CA ALA B 189 -20.77 55.94 35.76
C ALA B 189 -19.82 57.12 35.91
N ILE B 190 -20.40 58.31 35.81
CA ILE B 190 -19.76 59.59 35.99
C ILE B 190 -20.40 60.27 37.19
N ILE B 191 -19.62 60.49 38.23
CA ILE B 191 -20.11 61.09 39.44
C ILE B 191 -19.58 62.50 39.63
N ASP B 192 -20.48 63.42 39.91
CA ASP B 192 -20.21 64.82 40.17
C ASP B 192 -19.40 64.99 41.44
N LYS B 193 -18.70 66.11 41.55
CA LYS B 193 -17.93 66.44 42.73
C LYS B 193 -18.78 66.48 44.01
N SER B 194 -20.08 66.72 43.86
CA SER B 194 -21.03 66.74 44.96
C SER B 194 -21.51 65.35 45.37
N GLY B 195 -21.16 64.33 44.59
CA GLY B 195 -21.64 62.98 44.84
C GLY B 195 -22.86 62.64 43.97
N SER B 196 -23.43 63.65 43.30
CA SER B 196 -24.56 63.46 42.42
C SER B 196 -24.15 62.69 41.18
N THR B 197 -25.01 61.81 40.70
CA THR B 197 -24.68 61.06 39.51
C THR B 197 -24.90 61.89 38.28
N VAL B 198 -23.84 62.08 37.49
CA VAL B 198 -23.95 62.83 36.26
C VAL B 198 -24.54 61.95 35.19
N PHE B 199 -23.93 60.80 35.04
CA PHE B 199 -24.36 59.82 34.07
C PHE B 199 -24.06 58.42 34.51
N ALA B 200 -25.02 57.54 34.37
CA ALA B 200 -24.77 56.17 34.72
C ALA B 200 -25.59 55.27 33.87
N GLU B 201 -25.04 54.14 33.52
CA GLU B 201 -25.77 53.18 32.73
C GLU B 201 -25.28 51.78 33.00
N ILE B 202 -26.22 50.86 32.94
CA ILE B 202 -25.89 49.48 33.15
C ILE B 202 -25.85 48.75 31.83
N GLN B 203 -24.70 48.19 31.55
CA GLN B 203 -24.50 47.37 30.37
C GLN B 203 -24.41 45.97 30.90
N GLY B 204 -24.41 44.98 30.05
CA GLY B 204 -24.26 43.66 30.61
C GLY B 204 -23.95 42.61 29.59
N VAL B 205 -23.55 41.46 30.10
CA VAL B 205 -23.20 40.38 29.23
C VAL B 205 -23.47 39.05 29.89
N ILE B 206 -23.97 38.11 29.10
CA ILE B 206 -24.19 36.79 29.61
C ILE B 206 -23.18 35.87 28.97
N ASP B 207 -22.23 35.41 29.77
CA ASP B 207 -21.20 34.51 29.31
C ASP B 207 -21.63 33.10 29.49
N ALA B 208 -21.13 32.20 28.67
CA ALA B 208 -21.56 30.84 28.84
C ALA B 208 -20.44 29.85 28.64
N CYS B 209 -20.52 28.80 29.44
CA CYS B 209 -19.60 27.68 29.41
C CYS B 209 -20.41 26.46 29.14
N ILE B 210 -20.29 25.93 27.95
CA ILE B 210 -21.12 24.81 27.61
C ILE B 210 -20.36 23.51 27.48
N LYS B 211 -20.79 22.53 28.27
CA LYS B 211 -20.22 21.20 28.27
C LYS B 211 -21.28 20.18 28.01
N LEU B 212 -22.13 20.44 27.04
CA LEU B 212 -23.19 19.52 26.72
C LEU B 212 -22.84 18.77 25.47
N SER B 213 -23.06 17.47 25.47
CA SER B 213 -22.74 16.63 24.32
C SER B 213 -23.81 16.68 23.25
N GLY B 214 -23.48 16.12 22.08
CA GLY B 214 -24.40 16.02 20.95
C GLY B 214 -24.82 17.33 20.35
N MET B 215 -26.13 17.50 20.13
CA MET B 215 -26.71 18.68 19.51
C MET B 215 -27.87 19.29 20.32
N PRO B 216 -27.61 19.76 21.54
CA PRO B 216 -28.56 20.30 22.51
C PRO B 216 -29.09 21.64 22.08
N ASP B 217 -30.25 22.00 22.58
CA ASP B 217 -30.85 23.27 22.28
C ASP B 217 -31.20 23.96 23.56
N LEU B 218 -30.50 25.04 23.86
CA LEU B 218 -30.73 25.72 25.11
C LEU B 218 -31.67 26.86 24.90
N SER B 219 -32.46 27.15 25.92
CA SER B 219 -33.44 28.19 25.82
C SER B 219 -33.56 28.99 27.10
N LEU B 220 -33.28 30.29 27.02
CA LEU B 220 -33.36 31.13 28.20
C LEU B 220 -34.57 32.04 28.24
N SER B 221 -35.14 32.13 29.43
CA SER B 221 -36.27 33.00 29.74
C SER B 221 -35.85 33.92 30.85
N PHE B 222 -36.23 35.20 30.78
CA PHE B 222 -35.82 36.18 31.79
C PHE B 222 -36.93 36.63 32.71
N MET B 223 -36.55 36.98 33.93
CA MET B 223 -37.49 37.44 34.94
C MET B 223 -38.12 38.77 34.58
N ASN B 224 -37.39 39.62 33.88
CA ASN B 224 -37.97 40.87 33.43
C ASN B 224 -37.46 41.28 32.07
N PRO B 225 -38.09 40.77 31.02
CA PRO B 225 -37.80 40.98 29.61
C PRO B 225 -37.69 42.45 29.26
N ARG B 226 -38.45 43.29 29.95
CA ARG B 226 -38.50 44.71 29.64
C ARG B 226 -37.20 45.45 29.92
N LEU B 227 -36.34 44.88 30.76
CA LEU B 227 -35.06 45.49 31.04
C LEU B 227 -34.14 45.42 29.84
N LEU B 228 -34.36 44.42 29.00
CA LEU B 228 -33.53 44.24 27.84
C LEU B 228 -33.98 45.13 26.70
N ASP B 229 -33.04 45.95 26.22
CA ASP B 229 -33.35 46.88 25.14
C ASP B 229 -32.44 46.64 23.96
N ASP B 230 -31.30 47.30 23.91
CA ASP B 230 -30.41 47.08 22.80
C ASP B 230 -29.63 45.82 23.12
N VAL B 231 -29.95 44.73 22.44
CA VAL B 231 -29.31 43.47 22.78
C VAL B 231 -28.62 42.81 21.61
N SER B 232 -27.33 42.61 21.72
CA SER B 232 -26.62 41.89 20.70
C SER B 232 -26.69 40.41 20.94
N PHE B 233 -26.94 39.67 19.88
CA PHE B 233 -27.08 38.23 20.00
C PHE B 233 -25.99 37.49 19.28
N HIS B 234 -25.38 36.53 19.96
CA HIS B 234 -24.43 35.65 19.31
C HIS B 234 -25.11 35.05 18.08
N PRO B 235 -24.43 34.95 16.94
CA PRO B 235 -24.90 34.43 15.66
C PRO B 235 -25.68 33.14 15.76
N CYS B 236 -25.38 32.32 16.77
CA CYS B 236 -26.10 31.08 16.94
C CYS B 236 -27.56 31.24 17.36
N ILE B 237 -27.94 32.43 17.82
CA ILE B 237 -29.28 32.64 18.31
C ILE B 237 -30.32 32.90 17.25
N ARG B 238 -31.41 32.15 17.31
CA ARG B 238 -32.48 32.31 16.35
C ARG B 238 -33.35 33.48 16.77
N PHE B 239 -32.91 34.66 16.40
CA PHE B 239 -33.54 35.91 16.76
C PHE B 239 -35.02 36.00 16.47
N LYS B 240 -35.55 35.18 15.58
CA LYS B 240 -36.96 35.24 15.30
C LYS B 240 -37.78 34.88 16.53
N ARG B 241 -37.30 33.92 17.31
CA ARG B 241 -37.97 33.56 18.53
C ARG B 241 -37.78 34.68 19.52
N TRP B 242 -36.59 35.24 19.53
CA TRP B 242 -36.38 36.41 20.38
C TRP B 242 -37.33 37.53 20.01
N GLU B 243 -37.55 37.72 18.73
CA GLU B 243 -38.39 38.80 18.26
C GLU B 243 -39.85 38.60 18.59
N SER B 244 -40.35 37.39 18.44
CA SER B 244 -41.76 37.15 18.69
C SER B 244 -42.11 36.66 20.09
N GLU B 245 -41.20 35.96 20.73
CA GLU B 245 -41.44 35.43 22.06
C GLU B 245 -40.52 36.04 23.09
N ARG B 246 -39.37 36.53 22.65
CA ARG B 246 -38.33 37.06 23.52
C ARG B 246 -37.75 35.93 24.30
N VAL B 247 -37.49 34.83 23.59
CA VAL B 247 -36.88 33.66 24.18
C VAL B 247 -35.61 33.28 23.45
N LEU B 248 -34.53 33.07 24.20
CA LEU B 248 -33.25 32.76 23.59
C LEU B 248 -33.03 31.30 23.29
N SER B 249 -33.62 30.81 22.21
CA SER B 249 -33.38 29.42 21.81
C SER B 249 -32.22 29.34 20.83
N PHE B 250 -31.32 28.41 21.07
CA PHE B 250 -30.15 28.27 20.22
C PHE B 250 -29.35 27.00 20.43
N ILE B 251 -28.59 26.62 19.42
CA ILE B 251 -27.70 25.49 19.54
C ILE B 251 -26.38 26.09 19.94
N PRO B 252 -25.92 25.86 21.14
CA PRO B 252 -24.74 26.43 21.71
C PRO B 252 -23.49 25.83 21.14
N PRO B 253 -22.47 26.63 20.92
CA PRO B 253 -21.13 26.24 20.61
C PRO B 253 -20.61 25.75 21.93
N ASP B 254 -19.66 24.82 21.95
CA ASP B 254 -19.18 24.46 23.28
C ASP B 254 -18.03 25.36 23.66
N GLY B 255 -17.50 25.17 24.86
CA GLY B 255 -16.39 25.97 25.33
C GLY B 255 -16.88 27.28 25.92
N ASN B 256 -15.99 28.25 26.04
CA ASN B 256 -16.35 29.53 26.62
C ASN B 256 -16.62 30.57 25.55
N PHE B 257 -17.73 31.27 25.69
CA PHE B 257 -18.05 32.32 24.72
C PHE B 257 -19.05 33.30 25.29
N ARG B 258 -19.16 34.48 24.69
CA ARG B 258 -20.17 35.41 25.15
C ARG B 258 -21.44 35.10 24.40
N LEU B 259 -22.55 35.13 25.08
CA LEU B 259 -23.81 34.83 24.43
C LEU B 259 -24.60 36.09 24.16
N ILE B 260 -24.92 36.79 25.24
CA ILE B 260 -25.73 38.00 25.13
C ILE B 260 -24.99 39.24 25.55
N SER B 261 -25.07 40.29 24.77
CA SER B 261 -24.52 41.56 25.20
C SER B 261 -25.66 42.56 25.20
N TYR B 262 -25.83 43.33 26.26
CA TYR B 262 -26.99 44.19 26.26
C TYR B 262 -26.92 45.45 27.06
N ARG B 263 -27.83 46.35 26.70
CA ARG B 263 -28.03 47.58 27.42
C ARG B 263 -29.34 47.52 28.19
N VAL B 264 -29.28 47.94 29.45
CA VAL B 264 -30.45 47.98 30.31
C VAL B 264 -31.28 49.20 30.01
N SER B 265 -32.59 49.02 29.96
CA SER B 265 -33.48 50.12 29.65
C SER B 265 -33.26 51.33 30.53
N SER B 266 -33.14 52.47 29.86
CA SER B 266 -32.91 53.76 30.49
C SER B 266 -34.13 54.27 31.23
N GLN B 267 -35.27 53.61 31.05
CA GLN B 267 -36.47 53.97 31.76
C GLN B 267 -36.27 53.86 33.25
N ASN B 268 -35.48 52.88 33.66
CA ASN B 268 -35.23 52.70 35.07
C ASN B 268 -33.90 53.32 35.43
N LEU B 269 -33.80 53.79 36.66
CA LEU B 269 -32.59 54.45 37.11
C LEU B 269 -31.57 53.47 37.63
N VAL B 270 -30.31 53.82 37.44
CA VAL B 270 -29.20 52.99 37.84
C VAL B 270 -28.85 53.15 39.30
N ALA B 271 -28.85 52.05 40.02
CA ALA B 271 -28.47 52.13 41.40
C ALA B 271 -26.96 52.21 41.49
N ILE B 272 -26.46 53.20 42.23
CA ILE B 272 -25.04 53.34 42.41
C ILE B 272 -24.69 52.88 43.81
N PRO B 273 -23.97 51.78 43.97
CA PRO B 273 -23.61 51.13 45.20
C PRO B 273 -22.50 51.82 45.94
N VAL B 274 -21.77 52.68 45.26
CA VAL B 274 -20.66 53.32 45.94
C VAL B 274 -20.73 54.81 45.93
N TYR B 275 -20.58 55.41 47.11
CA TYR B 275 -20.47 56.85 47.18
C TYR B 275 -19.06 57.19 47.56
N VAL B 276 -18.66 58.39 47.19
CA VAL B 276 -17.33 58.84 47.49
C VAL B 276 -17.33 60.19 48.16
N LYS B 277 -17.00 60.22 49.44
CA LYS B 277 -16.87 61.48 50.12
C LYS B 277 -15.44 61.88 49.90
N HIS B 278 -15.19 63.07 49.37
CA HIS B 278 -13.79 63.38 49.15
C HIS B 278 -13.46 64.84 49.32
N SER B 279 -12.70 65.13 50.37
CA SER B 279 -12.22 66.47 50.64
C SER B 279 -10.76 66.53 50.21
N ILE B 280 -10.46 67.48 49.34
CA ILE B 280 -9.12 67.62 48.82
C ILE B 280 -8.80 69.06 48.53
N SER B 281 -7.58 69.48 48.83
CA SER B 281 -7.25 70.86 48.55
C SER B 281 -5.80 71.06 48.17
N PHE B 282 -5.58 72.12 47.41
CA PHE B 282 -4.27 72.53 46.94
C PHE B 282 -4.11 74.01 47.16
N LYS B 283 -2.88 74.46 47.26
CA LYS B 283 -2.61 75.87 47.44
C LYS B 283 -1.46 76.33 46.58
N GLU B 284 -1.63 77.50 45.97
CA GLU B 284 -0.66 78.11 45.09
C GLU B 284 0.71 78.21 45.73
N ASN B 285 1.68 77.49 45.15
CA ASN B 285 3.07 77.46 45.60
C ASN B 285 3.30 76.82 46.98
N SER B 286 2.28 76.13 47.52
CA SER B 286 2.38 75.50 48.83
C SER B 286 3.18 74.23 48.82
N SER B 287 3.80 73.95 49.95
CA SER B 287 4.53 72.71 50.16
C SER B 287 3.61 71.62 50.72
N CYS B 288 2.34 71.95 50.92
CA CYS B 288 1.41 70.99 51.51
C CYS B 288 -0.06 71.27 51.21
N GLY B 289 -0.78 70.19 50.89
CA GLY B 289 -2.22 70.22 50.60
C GLY B 289 -2.94 69.25 51.53
N ARG B 290 -4.20 68.92 51.22
CA ARG B 290 -4.98 68.03 52.08
C ARG B 290 -5.68 66.93 51.31
N PHE B 291 -5.95 65.79 51.97
CA PHE B 291 -6.64 64.69 51.31
C PHE B 291 -7.43 63.83 52.31
N ASP B 292 -8.72 63.67 52.06
CA ASP B 292 -9.60 62.91 52.93
C ASP B 292 -10.73 62.26 52.15
N ILE B 293 -10.65 60.95 51.91
CA ILE B 293 -11.67 60.31 51.10
C ILE B 293 -12.29 59.13 51.82
N THR B 294 -13.60 58.99 51.70
CA THR B 294 -14.29 57.86 52.30
C THR B 294 -15.15 57.15 51.27
N ILE B 295 -14.95 55.85 51.18
CA ILE B 295 -15.67 55.03 50.23
C ILE B 295 -16.72 54.24 50.97
N GLY B 296 -17.96 54.29 50.50
CA GLY B 296 -18.96 53.54 51.22
C GLY B 296 -20.15 53.16 50.37
N PRO B 297 -21.07 52.41 50.97
CA PRO B 297 -22.27 51.80 50.45
C PRO B 297 -23.40 52.79 50.26
N LYS B 298 -23.62 53.21 49.03
CA LYS B 298 -24.73 54.10 48.78
C LYS B 298 -25.99 53.28 48.55
N GLN B 299 -26.17 52.79 47.33
CA GLN B 299 -27.26 51.87 47.03
C GLN B 299 -26.66 50.49 46.93
N ASN B 300 -26.17 49.95 48.04
CA ASN B 300 -25.35 48.74 47.97
C ASN B 300 -26.18 47.46 47.85
N MET B 301 -27.50 47.60 47.72
CA MET B 301 -28.40 46.48 47.50
C MET B 301 -28.48 45.52 48.70
N GLY B 302 -27.94 45.93 49.84
CA GLY B 302 -27.89 45.09 51.04
C GLY B 302 -26.78 44.06 50.92
N LYS B 303 -25.86 44.27 49.98
CA LYS B 303 -24.80 43.32 49.73
C LYS B 303 -23.45 43.91 50.09
N THR B 304 -22.45 43.05 50.26
CA THR B 304 -21.10 43.52 50.55
C THR B 304 -20.39 43.84 49.26
N ILE B 305 -19.79 45.02 49.19
CA ILE B 305 -19.07 45.46 48.01
C ILE B 305 -17.64 44.97 48.13
N GLU B 306 -17.10 44.38 47.07
CA GLU B 306 -15.78 43.76 47.16
C GLU B 306 -14.98 43.91 45.88
N GLY B 307 -13.70 43.57 45.93
CA GLY B 307 -12.83 43.66 44.77
C GLY B 307 -12.61 45.13 44.42
N ILE B 308 -12.41 45.94 45.45
CA ILE B 308 -12.35 47.35 45.24
C ILE B 308 -10.96 47.93 45.07
N THR B 309 -10.78 48.64 43.96
CA THR B 309 -9.53 49.34 43.67
C THR B 309 -9.80 50.80 43.42
N VAL B 310 -9.12 51.65 44.16
CA VAL B 310 -9.32 53.08 44.08
C VAL B 310 -8.06 53.73 43.46
N THR B 311 -8.23 54.37 42.29
CA THR B 311 -7.10 54.98 41.57
C THR B 311 -7.25 56.46 41.28
N VAL B 312 -6.46 57.30 41.94
CA VAL B 312 -6.56 58.74 41.71
C VAL B 312 -5.41 59.22 40.84
N HIS B 313 -5.73 59.97 39.79
CA HIS B 313 -4.66 60.50 38.96
C HIS B 313 -4.37 61.93 39.39
N MET B 314 -3.28 62.11 40.13
CA MET B 314 -2.90 63.40 40.73
C MET B 314 -2.16 64.31 39.76
N PRO B 315 -2.19 65.62 39.99
CA PRO B 315 -1.48 66.68 39.28
C PRO B 315 0.01 66.64 39.59
N LYS B 316 0.80 67.20 38.69
CA LYS B 316 2.27 67.19 38.77
C LYS B 316 2.83 67.85 40.03
N VAL B 317 2.06 68.77 40.62
CA VAL B 317 2.43 69.46 41.85
C VAL B 317 2.67 68.52 43.05
N VAL B 318 2.08 67.33 43.01
CA VAL B 318 2.24 66.41 44.13
C VAL B 318 3.58 65.70 44.09
N LEU B 319 4.32 65.80 45.19
CA LEU B 319 5.64 65.15 45.30
C LEU B 319 5.56 63.86 46.09
N ASN B 320 4.75 63.86 47.14
CA ASN B 320 4.58 62.71 47.99
C ASN B 320 3.27 62.88 48.73
N MET B 321 2.91 61.95 49.59
CA MET B 321 1.67 62.15 50.30
C MET B 321 1.60 61.39 51.61
N ASN B 322 1.32 62.11 52.69
CA ASN B 322 1.22 61.50 54.02
C ASN B 322 -0.20 61.04 54.24
N LEU B 323 -0.54 59.92 53.63
CA LEU B 323 -1.92 59.46 53.64
C LEU B 323 -2.10 58.03 54.15
N THR B 324 -2.97 57.85 55.14
CA THR B 324 -3.18 56.54 55.78
C THR B 324 -4.59 55.98 55.54
N PRO B 325 -4.71 54.74 55.02
CA PRO B 325 -5.92 53.98 54.78
C PRO B 325 -6.52 53.34 56.03
N THR B 326 -7.86 53.20 56.03
CA THR B 326 -8.55 52.47 57.08
C THR B 326 -8.82 51.04 56.61
N GLN B 327 -8.45 50.76 55.36
CA GLN B 327 -8.69 49.45 54.77
C GLN B 327 -7.68 49.10 53.69
N GLY B 328 -7.33 47.82 53.64
CA GLY B 328 -6.43 47.26 52.64
C GLY B 328 -5.03 47.88 52.63
N SER B 329 -4.61 48.40 51.47
CA SER B 329 -3.26 48.95 51.33
C SER B 329 -3.17 50.10 50.34
N TYR B 330 -2.34 51.09 50.67
CA TYR B 330 -2.18 52.30 49.88
C TYR B 330 -0.74 52.66 49.47
N THR B 331 -0.54 52.92 48.17
CA THR B 331 0.75 53.32 47.62
C THR B 331 0.66 54.48 46.63
N PHE B 332 1.54 55.47 46.80
CA PHE B 332 1.63 56.59 45.86
C PHE B 332 2.74 56.42 44.85
N ASP B 333 2.40 56.63 43.59
CA ASP B 333 3.33 56.59 42.47
C ASP B 333 3.71 57.99 42.01
N PRO B 334 4.89 58.51 42.39
CA PRO B 334 5.44 59.83 42.08
C PRO B 334 5.92 59.95 40.64
N VAL B 335 6.03 58.82 39.94
CA VAL B 335 6.46 58.83 38.55
C VAL B 335 5.32 59.26 37.66
N THR B 336 4.15 58.67 37.88
CA THR B 336 2.98 59.01 37.09
C THR B 336 1.93 59.76 37.90
N LYS B 337 2.23 60.04 39.18
CA LYS B 337 1.33 60.77 40.09
C LYS B 337 0.01 60.04 40.31
N VAL B 338 0.08 58.80 40.78
CA VAL B 338 -1.11 58.01 41.00
C VAL B 338 -1.30 57.44 42.41
N LEU B 339 -2.51 57.58 42.94
CA LEU B 339 -2.84 57.04 44.26
C LEU B 339 -3.48 55.70 44.09
N THR B 340 -2.73 54.64 44.37
CA THR B 340 -3.29 53.31 44.25
C THR B 340 -3.71 52.83 45.62
N TRP B 341 -5.00 52.67 45.79
CA TRP B 341 -5.52 52.20 47.05
C TRP B 341 -6.32 50.93 46.88
N ASP B 342 -5.78 49.86 47.41
CA ASP B 342 -6.43 48.58 47.38
C ASP B 342 -7.37 48.50 48.55
N VAL B 343 -8.65 48.59 48.27
CA VAL B 343 -9.65 48.53 49.31
C VAL B 343 -10.09 47.13 49.61
N GLY B 344 -10.29 46.33 48.59
CA GLY B 344 -10.81 45.01 48.87
C GLY B 344 -12.31 45.15 49.06
N LYS B 345 -12.78 45.12 50.30
CA LYS B 345 -14.21 45.22 50.49
C LYS B 345 -14.64 46.26 51.51
N ILE B 346 -15.91 46.66 51.39
CA ILE B 346 -16.53 47.59 52.33
C ILE B 346 -17.31 46.84 53.37
N THR B 347 -16.94 47.05 54.61
CA THR B 347 -17.63 46.45 55.73
C THR B 347 -18.82 47.36 56.08
N PRO B 348 -20.04 46.82 56.18
CA PRO B 348 -21.26 47.53 56.53
C PRO B 348 -21.11 48.40 57.79
N GLN B 349 -20.30 47.93 58.72
CA GLN B 349 -20.03 48.62 59.98
C GLN B 349 -18.71 49.41 60.01
N LYS B 350 -17.95 49.42 58.92
CA LYS B 350 -16.66 50.13 58.91
C LYS B 350 -16.25 50.52 57.50
N LEU B 351 -16.02 51.80 57.27
CA LEU B 351 -15.71 52.24 55.93
C LEU B 351 -14.24 52.45 55.61
N PRO B 352 -13.80 52.02 54.43
CA PRO B 352 -12.53 52.29 53.81
C PRO B 352 -12.35 53.79 53.69
N SER B 353 -11.23 54.30 54.15
CA SER B 353 -11.00 55.73 54.00
C SER B 353 -9.52 56.10 54.04
N LEU B 354 -9.12 57.10 53.26
CA LEU B 354 -7.75 57.59 53.28
C LEU B 354 -7.76 58.96 53.93
N LYS B 355 -6.97 59.14 54.98
CA LYS B 355 -6.95 60.43 55.67
C LYS B 355 -5.52 60.92 55.91
N GLY B 356 -5.25 62.15 55.49
CA GLY B 356 -3.91 62.69 55.68
C GLY B 356 -3.63 63.98 54.91
N LEU B 357 -2.35 64.25 54.69
CA LEU B 357 -1.88 65.46 54.03
C LEU B 357 -1.11 65.17 52.75
N VAL B 358 -1.06 66.15 51.87
CA VAL B 358 -0.37 66.00 50.58
C VAL B 358 0.94 66.77 50.56
N ASN B 359 2.03 66.12 50.17
CA ASN B 359 3.31 66.82 50.06
C ASN B 359 3.40 67.45 48.67
N LEU B 360 3.23 68.76 48.62
CA LEU B 360 3.22 69.49 47.35
C LEU B 360 4.56 70.16 47.05
N GLN B 361 4.78 70.47 45.78
CA GLN B 361 5.98 71.15 45.37
C GLN B 361 5.88 72.64 45.63
N SER B 362 6.67 73.12 46.59
CA SER B 362 6.73 74.54 46.88
C SER B 362 7.21 75.28 45.65
N GLY B 363 6.53 76.39 45.36
CA GLY B 363 6.85 77.18 44.18
C GLY B 363 6.06 76.76 42.94
N ALA B 364 5.40 75.60 42.99
CA ALA B 364 4.59 75.16 41.86
C ALA B 364 3.16 75.67 42.05
N PRO B 365 2.49 76.06 40.97
CA PRO B 365 1.16 76.64 40.92
C PRO B 365 0.07 75.63 41.27
N LYS B 366 -1.04 76.17 41.76
CA LYS B 366 -2.20 75.38 42.13
C LYS B 366 -2.87 74.78 40.90
N PRO B 367 -3.21 73.48 40.91
CA PRO B 367 -3.95 72.75 39.89
C PRO B 367 -5.24 73.47 39.58
N GLU B 368 -5.57 73.54 38.29
CA GLU B 368 -6.78 74.21 37.83
C GLU B 368 -8.05 73.50 38.31
N GLU B 369 -7.95 72.21 38.57
CA GLU B 369 -9.05 71.44 39.11
C GLU B 369 -8.51 70.27 39.91
N ASN B 370 -9.30 69.80 40.85
CA ASN B 370 -8.90 68.69 41.68
C ASN B 370 -8.96 67.43 40.83
N PRO B 371 -8.05 66.47 41.05
CA PRO B 371 -7.86 65.24 40.31
C PRO B 371 -9.04 64.29 40.44
N SER B 372 -9.29 63.55 39.38
CA SER B 372 -10.40 62.61 39.36
C SER B 372 -10.00 61.25 39.88
N LEU B 373 -11.02 60.48 40.21
CA LEU B 373 -10.85 59.15 40.74
C LEU B 373 -11.62 58.06 40.02
N ASN B 374 -10.90 57.02 39.63
CA ASN B 374 -11.51 55.86 39.00
C ASN B 374 -11.64 54.72 40.03
N ILE B 375 -12.80 54.09 40.14
CA ILE B 375 -12.93 53.01 41.13
C ILE B 375 -13.47 51.71 40.57
N GLN B 376 -12.75 50.62 40.81
CA GLN B 376 -13.21 49.30 40.43
C GLN B 376 -13.87 48.66 41.63
N PHE B 377 -14.98 47.96 41.44
CA PHE B 377 -15.66 47.27 42.53
C PHE B 377 -16.65 46.25 42.00
N LYS B 378 -17.13 45.34 42.86
CA LYS B 378 -18.11 44.36 42.40
C LYS B 378 -18.90 43.72 43.55
N ILE B 379 -20.02 43.11 43.20
CA ILE B 379 -20.84 42.42 44.20
C ILE B 379 -21.28 41.02 43.75
N GLN B 380 -20.95 40.03 44.58
CA GLN B 380 -21.30 38.66 44.29
C GLN B 380 -22.77 38.41 44.45
N GLN B 381 -23.30 37.56 43.59
CA GLN B 381 -24.71 37.17 43.62
C GLN B 381 -25.63 38.36 43.32
N LEU B 382 -25.09 39.45 42.79
CA LEU B 382 -25.92 40.61 42.51
C LEU B 382 -26.08 40.91 41.03
N ALA B 383 -27.33 41.08 40.64
CA ALA B 383 -27.71 41.53 39.31
C ALA B 383 -28.39 42.87 39.47
N ILE B 384 -27.62 43.88 39.86
CA ILE B 384 -28.14 45.20 40.27
C ILE B 384 -29.27 45.81 39.44
N SER B 385 -29.33 45.53 38.13
CA SER B 385 -30.43 46.05 37.31
C SER B 385 -31.77 45.41 37.64
N GLY B 386 -31.71 44.26 38.30
CA GLY B 386 -32.87 43.47 38.62
C GLY B 386 -33.03 42.32 37.63
N LEU B 387 -32.28 42.36 36.53
CA LEU B 387 -32.43 41.31 35.55
C LEU B 387 -31.95 40.00 36.08
N LYS B 388 -32.88 39.08 36.16
CA LYS B 388 -32.58 37.74 36.59
C LYS B 388 -33.10 36.81 35.53
N VAL B 389 -32.66 35.56 35.55
CA VAL B 389 -33.10 34.61 34.54
C VAL B 389 -34.25 33.78 35.09
N ASN B 390 -35.33 33.70 34.34
CA ASN B 390 -36.51 32.95 34.73
C ASN B 390 -36.39 31.46 34.55
N ARG B 391 -35.87 31.00 33.42
CA ARG B 391 -35.85 29.57 33.21
C ARG B 391 -35.00 29.07 32.05
N LEU B 392 -34.23 28.01 32.29
CA LEU B 392 -33.44 27.36 31.25
C LEU B 392 -34.03 26.02 30.89
N ASP B 393 -34.30 25.83 29.61
CA ASP B 393 -34.95 24.61 29.18
C ASP B 393 -34.25 23.97 27.98
N MET B 394 -33.56 22.86 28.24
CA MET B 394 -32.78 22.17 27.21
C MET B 394 -33.56 21.10 26.46
N TYR B 395 -33.42 21.12 25.14
CA TYR B 395 -34.05 20.14 24.26
C TYR B 395 -33.05 19.40 23.40
N GLY B 396 -33.45 18.21 22.95
CA GLY B 396 -32.66 17.42 22.02
C GLY B 396 -31.71 16.41 22.65
N GLU B 397 -31.44 16.54 23.94
CA GLU B 397 -30.55 15.59 24.58
C GLU B 397 -31.18 14.99 25.82
N LYS B 398 -30.78 13.76 26.12
CA LYS B 398 -31.30 12.98 27.25
C LYS B 398 -30.90 13.46 28.63
N TYR B 399 -29.94 14.37 28.64
CA TYR B 399 -29.30 14.74 29.93
C TYR B 399 -30.09 15.64 30.82
N LYS B 400 -29.74 15.57 32.09
CA LYS B 400 -30.27 16.44 33.11
C LYS B 400 -29.03 17.09 33.72
N PRO B 401 -28.39 17.99 32.97
CA PRO B 401 -27.07 18.52 33.14
C PRO B 401 -27.12 19.58 34.20
N PHE B 402 -25.98 20.02 34.70
CA PHE B 402 -26.08 21.10 35.66
C PHE B 402 -26.56 22.34 34.96
N LYS B 403 -27.59 22.96 35.50
CA LYS B 403 -28.09 24.21 34.97
C LYS B 403 -27.73 25.29 35.94
N GLY B 404 -26.52 25.82 35.84
CA GLY B 404 -26.10 26.82 36.82
C GLY B 404 -26.17 28.23 36.29
N VAL B 405 -26.57 29.16 37.17
CA VAL B 405 -26.58 30.56 36.80
C VAL B 405 -26.02 31.40 37.92
N LYS B 406 -25.22 32.37 37.56
CA LYS B 406 -24.58 33.22 38.54
C LYS B 406 -24.78 34.67 38.21
N TYR B 407 -24.98 35.49 39.23
CA TYR B 407 -25.20 36.89 38.98
C TYR B 407 -24.12 37.72 39.65
N VAL B 408 -23.35 38.45 38.88
CA VAL B 408 -22.33 39.30 39.48
C VAL B 408 -22.35 40.69 38.88
N THR B 409 -22.39 41.69 39.74
CA THR B 409 -22.33 43.04 39.23
C THR B 409 -20.92 43.53 39.38
N LYS B 410 -20.36 44.02 38.28
CA LYS B 410 -18.99 44.48 38.27
C LYS B 410 -18.88 45.88 37.69
N ALA B 411 -18.17 46.74 38.37
CA ALA B 411 -18.04 48.08 37.88
C ALA B 411 -17.30 48.15 36.57
N GLY B 412 -17.75 49.05 35.73
CA GLY B 412 -16.99 49.46 34.56
C GLY B 412 -16.26 50.70 34.96
N LYS B 413 -16.03 51.59 34.03
CA LYS B 413 -15.37 52.81 34.43
C LYS B 413 -16.28 53.58 35.36
N PHE B 414 -15.74 53.88 36.52
CA PHE B 414 -16.44 54.65 37.52
C PHE B 414 -15.61 55.84 37.85
N GLN B 415 -15.96 56.98 37.29
CA GLN B 415 -15.16 58.16 37.53
C GLN B 415 -15.90 59.17 38.37
N VAL B 416 -15.28 59.60 39.45
CA VAL B 416 -15.86 60.62 40.31
C VAL B 416 -14.93 61.80 40.38
N ARG B 417 -15.50 62.98 40.27
CA ARG B 417 -14.75 64.20 40.25
C ARG B 417 -14.33 64.71 41.62
N THR B 418 -13.16 65.35 41.64
CA THR B 418 -12.58 65.95 42.85
C THR B 418 -12.42 64.95 43.98
N GLY C 1 22.42 2.15 21.55
CA GLY C 1 23.44 1.95 20.51
C GLY C 1 23.82 0.48 20.39
N ASN C 2 23.01 -0.41 20.97
CA ASN C 2 23.29 -1.87 20.90
C ASN C 2 23.63 -2.24 19.45
N ILE C 3 24.83 -2.78 19.24
CA ILE C 3 25.22 -3.23 17.87
C ILE C 3 24.16 -4.26 17.40
N PHE C 4 23.81 -5.21 18.27
CA PHE C 4 22.84 -6.27 17.88
C PHE C 4 21.54 -5.61 17.42
N ALA C 5 21.06 -4.60 18.16
CA ALA C 5 19.84 -3.88 17.74
C ALA C 5 19.94 -3.56 16.24
N ASN C 6 21.05 -2.95 15.83
CA ASN C 6 21.26 -2.63 14.39
C ASN C 6 21.23 -3.93 13.58
N LEU C 7 22.03 -4.92 13.98
CA LEU C 7 22.04 -6.23 13.27
C LEU C 7 20.60 -6.77 13.20
N PHE C 8 19.86 -6.69 14.30
CA PHE C 8 18.44 -7.14 14.31
C PHE C 8 17.71 -6.45 13.15
N LYS C 9 17.61 -5.13 13.20
CA LYS C 9 16.97 -4.38 12.09
C LYS C 9 17.51 -4.90 10.76
N GLY C 10 18.84 -4.90 10.59
CA GLY C 10 19.46 -5.38 9.34
C GLY C 10 18.85 -6.70 8.89
N LEU C 11 18.81 -7.69 9.77
CA LEU C 11 18.29 -9.03 9.40
C LEU C 11 16.78 -8.96 9.23
N PHE C 12 16.09 -8.12 10.03
CA PHE C 12 14.63 -7.94 9.86
C PHE C 12 14.41 -7.10 8.60
N GLY C 13 15.49 -6.84 7.87
CA GLY C 13 15.41 -5.99 6.68
C GLY C 13 15.66 -4.52 6.99
N LYS C 14 16.78 -3.97 6.52
CA LYS C 14 17.04 -2.56 6.81
C LYS C 14 18.07 -1.92 5.89
N LYS C 15 18.04 -2.24 4.61
CA LYS C 15 18.95 -1.58 3.68
C LYS C 15 18.19 -0.52 2.94
N GLU C 16 18.91 0.44 2.35
CA GLU C 16 18.24 1.48 1.58
C GLU C 16 19.15 2.03 0.52
N MET C 17 18.57 2.44 -0.60
CA MET C 17 19.37 2.99 -1.68
C MET C 17 18.79 4.25 -2.25
N ARG C 18 19.64 5.25 -2.47
CA ARG C 18 19.17 6.45 -3.12
C ARG C 18 19.34 6.33 -4.62
N ILE C 19 18.24 6.22 -5.32
CA ILE C 19 18.30 6.08 -6.75
C ILE C 19 17.63 7.20 -7.49
N LEU C 20 18.39 7.88 -8.30
CA LEU C 20 17.86 8.97 -9.08
C LEU C 20 17.41 8.50 -10.42
N MET C 21 16.16 8.72 -10.78
CA MET C 21 15.72 8.28 -12.08
C MET C 21 15.56 9.46 -13.02
N VAL C 22 16.37 9.44 -14.08
CA VAL C 22 16.31 10.55 -15.08
C VAL C 22 16.15 9.94 -16.47
N GLY C 23 15.68 10.74 -17.43
CA GLY C 23 15.52 10.28 -18.79
C GLY C 23 14.82 11.34 -19.59
N LEU C 24 14.38 11.00 -20.79
CA LEU C 24 13.71 11.99 -21.61
C LEU C 24 12.21 11.87 -21.51
N ASP C 25 11.52 12.88 -22.02
CA ASP C 25 10.09 12.88 -21.99
C ASP C 25 9.56 11.68 -22.72
N ALA C 26 8.55 11.05 -22.11
CA ALA C 26 7.88 9.86 -22.63
C ALA C 26 8.75 8.61 -22.62
N ALA C 27 9.86 8.63 -21.86
CA ALA C 27 10.70 7.44 -21.72
C ALA C 27 9.94 6.32 -21.03
N GLY C 28 9.05 6.68 -20.10
CA GLY C 28 8.22 5.73 -19.37
C GLY C 28 8.56 5.66 -17.88
N LYS C 29 9.30 6.64 -17.41
CA LYS C 29 9.80 6.66 -16.04
C LYS C 29 8.71 6.56 -14.99
N THR C 30 7.76 7.50 -15.03
CA THR C 30 6.69 7.56 -14.05
C THR C 30 5.98 6.23 -13.94
N THR C 31 5.62 5.68 -15.09
CA THR C 31 4.93 4.41 -15.16
C THR C 31 5.69 3.35 -14.42
N ILE C 32 6.99 3.27 -14.67
CA ILE C 32 7.81 2.27 -14.03
C ILE C 32 7.78 2.40 -12.54
N LEU C 33 7.94 3.61 -12.05
CA LEU C 33 7.96 3.82 -10.62
C LEU C 33 6.72 3.32 -9.95
N TYR C 34 5.57 3.69 -10.47
CA TYR C 34 4.36 3.26 -9.80
C TYR C 34 4.07 1.81 -10.02
N LYS C 35 4.47 1.26 -11.16
CA LYS C 35 4.21 -0.15 -11.30
C LYS C 35 5.03 -0.91 -10.27
N LEU C 36 6.25 -0.48 -10.02
CA LEU C 36 7.01 -1.12 -8.97
C LEU C 36 6.42 -0.89 -7.58
N LYS C 37 5.89 0.29 -7.34
CA LYS C 37 5.33 0.59 -6.03
C LYS C 37 3.98 -0.01 -5.76
N LEU C 38 3.06 0.20 -6.67
CA LEU C 38 1.70 -0.26 -6.50
C LEU C 38 1.46 -1.58 -7.18
N GLY C 39 2.10 -1.78 -8.31
CA GLY C 39 1.94 -3.01 -9.06
C GLY C 39 1.09 -2.76 -10.29
N GLU C 40 0.14 -1.84 -10.14
CA GLU C 40 -0.74 -1.50 -11.23
C GLU C 40 -0.20 -0.31 -11.97
N ILE C 41 -0.67 -0.15 -13.19
CA ILE C 41 -0.28 0.98 -14.00
C ILE C 41 -1.32 2.06 -13.85
N VAL C 42 -0.88 3.24 -13.48
CA VAL C 42 -1.79 4.33 -13.20
C VAL C 42 -1.84 5.35 -14.30
N THR C 43 -2.95 6.05 -14.37
CA THR C 43 -3.11 7.11 -15.36
C THR C 43 -2.15 8.22 -15.03
N THR C 44 -1.37 8.67 -15.98
CA THR C 44 -0.42 9.75 -15.70
C THR C 44 -0.47 10.88 -16.69
N ILE C 45 0.17 11.97 -16.29
CA ILE C 45 0.31 13.18 -17.07
C ILE C 45 1.77 13.55 -17.04
N PRO C 46 2.24 14.42 -17.91
CA PRO C 46 3.60 14.91 -17.98
C PRO C 46 4.02 15.44 -16.62
N THR C 47 5.22 15.09 -16.20
CA THR C 47 5.70 15.48 -14.88
C THR C 47 6.46 16.80 -14.94
N ILE C 48 6.19 17.68 -13.99
CA ILE C 48 6.82 18.99 -13.91
C ILE C 48 7.88 18.99 -12.86
N GLY C 49 7.52 18.48 -11.71
CA GLY C 49 8.43 18.39 -10.57
C GLY C 49 8.98 16.98 -10.51
N PHE C 50 8.79 16.33 -9.37
CA PHE C 50 9.24 14.97 -9.26
C PHE C 50 8.39 14.20 -8.29
N ASN C 51 8.38 12.90 -8.44
CA ASN C 51 7.66 12.03 -7.53
C ASN C 51 8.65 11.15 -6.83
N VAL C 52 8.78 11.27 -5.53
CA VAL C 52 9.71 10.38 -4.90
C VAL C 52 8.92 9.30 -4.22
N GLU C 53 9.36 8.07 -4.37
CA GLU C 53 8.64 6.96 -3.80
C GLU C 53 9.60 5.84 -3.46
N THR C 54 9.29 5.09 -2.40
CA THR C 54 10.17 4.03 -1.97
C THR C 54 9.56 2.66 -2.17
N VAL C 55 10.30 1.80 -2.85
CA VAL C 55 9.90 0.44 -3.12
C VAL C 55 10.78 -0.53 -2.36
N GLU C 56 10.18 -1.30 -1.47
CA GLU C 56 10.91 -2.28 -0.70
C GLU C 56 11.00 -3.60 -1.45
N TYR C 57 12.20 -4.09 -1.65
CA TYR C 57 12.41 -5.31 -2.39
C TYR C 57 13.69 -5.98 -1.94
N LYS C 58 13.62 -7.27 -1.67
CA LYS C 58 14.79 -8.03 -1.20
C LYS C 58 15.46 -7.39 0.02
N ASN C 59 14.64 -6.88 0.95
CA ASN C 59 15.09 -6.23 2.18
C ASN C 59 15.79 -4.90 1.96
N ILE C 60 15.64 -4.32 0.77
CA ILE C 60 16.24 -3.06 0.45
C ILE C 60 15.17 -2.04 0.14
N SER C 61 15.25 -0.89 0.78
CA SER C 61 14.32 0.18 0.54
C SER C 61 14.86 1.03 -0.58
N PHE C 62 14.36 0.81 -1.78
CA PHE C 62 14.86 1.56 -2.91
C PHE C 62 14.07 2.85 -3.02
N THR C 63 14.71 3.97 -2.75
CA THR C 63 14.04 5.24 -2.89
C THR C 63 14.33 5.79 -4.25
N VAL C 64 13.28 5.99 -5.02
CA VAL C 64 13.46 6.44 -6.37
C VAL C 64 12.89 7.81 -6.61
N TRP C 65 13.69 8.66 -7.22
CA TRP C 65 13.25 10.01 -7.50
C TRP C 65 12.83 10.13 -8.96
N ASP C 66 11.52 10.25 -9.19
CA ASP C 66 10.99 10.41 -10.55
C ASP C 66 11.15 11.82 -11.01
N VAL C 67 12.33 12.17 -11.48
CA VAL C 67 12.53 13.54 -11.89
C VAL C 67 12.24 13.74 -13.35
N GLY C 68 11.35 14.69 -13.67
CA GLY C 68 10.92 14.93 -15.05
C GLY C 68 12.06 15.36 -15.96
N GLY C 69 11.94 15.02 -17.24
CA GLY C 69 12.99 15.34 -18.23
C GLY C 69 12.69 16.48 -19.19
N LEU C 70 11.56 17.17 -19.03
CA LEU C 70 11.21 18.28 -19.90
C LEU C 70 12.27 19.37 -19.86
N ASP C 71 12.64 19.91 -21.02
CA ASP C 71 13.72 20.89 -21.10
C ASP C 71 13.60 22.02 -20.08
N LYS C 72 12.38 22.47 -19.85
CA LYS C 72 12.09 23.53 -18.92
C LYS C 72 12.50 23.22 -17.49
N ILE C 73 12.54 21.94 -17.16
CA ILE C 73 12.85 21.50 -15.82
C ILE C 73 14.09 20.63 -15.78
N ARG C 74 14.55 20.19 -16.94
CA ARG C 74 15.66 19.24 -17.04
C ARG C 74 16.91 19.58 -16.23
N PRO C 75 17.43 20.82 -16.21
CA PRO C 75 18.61 21.24 -15.47
C PRO C 75 18.52 20.81 -13.99
N LEU C 76 17.29 20.76 -13.46
CA LEU C 76 17.00 20.30 -12.10
C LEU C 76 17.76 19.12 -11.62
N TRP C 77 18.08 18.19 -12.52
CA TRP C 77 18.66 16.92 -12.14
C TRP C 77 19.84 17.11 -11.21
N ARG C 78 20.58 18.19 -11.40
CA ARG C 78 21.77 18.48 -10.62
C ARG C 78 21.52 18.60 -9.14
N HIS C 79 20.29 18.87 -8.73
CA HIS C 79 19.99 19.02 -7.33
C HIS C 79 19.72 17.68 -6.65
N TYR C 80 19.87 16.59 -7.38
CA TYR C 80 19.74 15.28 -6.82
C TYR C 80 21.02 14.51 -6.96
N PHE C 81 22.04 15.15 -7.49
CA PHE C 81 23.27 14.42 -7.69
C PHE C 81 23.88 14.01 -6.39
N GLN C 82 23.71 14.86 -5.39
CA GLN C 82 24.29 14.63 -4.09
C GLN C 82 23.90 13.33 -3.43
N ASN C 83 24.93 12.59 -3.02
CA ASN C 83 24.80 11.38 -2.24
C ASN C 83 23.91 10.27 -2.78
N THR C 84 23.99 9.97 -4.07
CA THR C 84 23.19 8.88 -4.59
C THR C 84 23.94 7.57 -4.55
N GLN C 85 23.22 6.47 -4.67
CA GLN C 85 23.82 5.14 -4.71
C GLN C 85 23.81 4.63 -6.13
N GLY C 86 22.75 4.98 -6.85
CA GLY C 86 22.64 4.54 -8.22
C GLY C 86 21.87 5.51 -9.08
N LEU C 87 22.00 5.30 -10.37
CA LEU C 87 21.38 6.10 -11.38
C LEU C 87 20.66 5.24 -12.38
N ILE C 88 19.37 5.46 -12.53
CA ILE C 88 18.63 4.74 -13.55
C ILE C 88 18.35 5.67 -14.67
N PHE C 89 18.70 5.25 -15.86
CA PHE C 89 18.46 6.05 -17.01
C PHE C 89 17.51 5.30 -17.91
N VAL C 90 16.31 5.83 -18.08
CA VAL C 90 15.31 5.13 -18.87
C VAL C 90 15.28 5.64 -20.28
N VAL C 91 15.28 4.73 -21.23
CA VAL C 91 15.30 5.09 -22.64
C VAL C 91 14.14 4.54 -23.43
N ASP C 92 13.54 5.38 -24.24
CA ASP C 92 12.51 4.90 -25.13
C ASP C 92 13.12 4.20 -26.31
N SER C 93 13.00 2.87 -26.34
CA SER C 93 13.57 2.04 -27.39
C SER C 93 12.96 2.24 -28.79
N ASN C 94 11.94 3.08 -28.90
CA ASN C 94 11.32 3.36 -30.18
C ASN C 94 11.64 4.76 -30.65
N ASP C 95 12.06 5.63 -29.73
CA ASP C 95 12.31 7.00 -30.13
C ASP C 95 13.70 7.20 -30.63
N ARG C 96 13.90 6.76 -31.85
CA ARG C 96 15.18 6.76 -32.52
C ARG C 96 15.73 8.16 -32.61
N GLU C 97 14.86 9.09 -32.93
CA GLU C 97 15.21 10.49 -33.10
C GLU C 97 15.85 11.14 -31.90
N ARG C 98 15.55 10.66 -30.70
CA ARG C 98 16.13 11.28 -29.53
C ARG C 98 17.06 10.37 -28.77
N VAL C 99 17.49 9.27 -29.39
CA VAL C 99 18.38 8.40 -28.65
C VAL C 99 19.70 9.11 -28.39
N ASN C 100 20.24 9.78 -29.40
CA ASN C 100 21.48 10.52 -29.26
C ASN C 100 21.34 11.60 -28.20
N GLU C 101 20.18 12.24 -28.16
CA GLU C 101 19.90 13.24 -27.16
C GLU C 101 20.01 12.62 -25.79
N ALA C 102 19.36 11.47 -25.63
CA ALA C 102 19.38 10.75 -24.38
C ALA C 102 20.80 10.40 -24.02
N ARG C 103 21.56 9.98 -25.02
CA ARG C 103 22.95 9.65 -24.83
C ARG C 103 23.71 10.82 -24.29
N GLU C 104 23.49 11.98 -24.89
CA GLU C 104 24.17 13.20 -24.45
C GLU C 104 23.83 13.53 -23.03
N GLU C 105 22.56 13.45 -22.67
CA GLU C 105 22.18 13.77 -21.32
C GLU C 105 22.79 12.77 -20.37
N LEU C 106 22.77 11.51 -20.77
CA LEU C 106 23.40 10.48 -19.99
C LEU C 106 24.88 10.72 -19.83
N MET C 107 25.56 11.10 -20.90
CA MET C 107 26.98 11.34 -20.79
C MET C 107 27.23 12.52 -19.86
N ARG C 108 26.34 13.50 -19.88
CA ARG C 108 26.43 14.63 -18.97
C ARG C 108 26.26 14.17 -17.55
N MET C 109 25.36 13.22 -17.34
CA MET C 109 25.18 12.65 -16.02
C MET C 109 26.47 11.98 -15.61
N LEU C 110 27.03 11.22 -16.54
CA LEU C 110 28.24 10.48 -16.31
C LEU C 110 29.45 11.39 -16.13
N ALA C 111 29.38 12.59 -16.67
CA ALA C 111 30.46 13.56 -16.53
C ALA C 111 30.48 14.23 -15.15
N GLU C 112 29.43 14.05 -14.35
CA GLU C 112 29.38 14.65 -13.03
C GLU C 112 30.23 13.94 -11.99
N ASP C 113 31.18 14.66 -11.41
CA ASP C 113 32.07 14.13 -10.38
C ASP C 113 31.33 13.57 -9.18
N GLU C 114 30.28 14.24 -8.76
CA GLU C 114 29.43 13.79 -7.67
C GLU C 114 28.82 12.42 -7.89
N LEU C 115 28.59 12.07 -9.14
CA LEU C 115 27.94 10.81 -9.46
C LEU C 115 28.90 9.69 -9.82
N ARG C 116 30.20 9.92 -9.68
CA ARG C 116 31.17 8.89 -10.10
C ARG C 116 31.02 7.58 -9.35
N ASP C 117 30.44 7.60 -8.16
CA ASP C 117 30.29 6.39 -7.39
C ASP C 117 28.98 5.66 -7.67
N ALA C 118 28.12 6.26 -8.48
CA ALA C 118 26.84 5.64 -8.72
C ALA C 118 26.93 4.56 -9.77
N VAL C 119 26.13 3.53 -9.60
CA VAL C 119 26.08 2.50 -10.61
C VAL C 119 25.11 2.94 -11.69
N LEU C 120 25.33 2.51 -12.92
CA LEU C 120 24.45 2.94 -13.98
C LEU C 120 23.60 1.81 -14.53
N LEU C 121 22.30 1.95 -14.40
CA LEU C 121 21.37 0.98 -14.92
C LEU C 121 20.52 1.60 -16.01
N VAL C 122 20.57 1.03 -17.19
CA VAL C 122 19.82 1.58 -18.29
C VAL C 122 18.66 0.72 -18.69
N PHE C 123 17.48 1.32 -18.78
CA PHE C 123 16.30 0.59 -19.18
C PHE C 123 15.88 0.81 -20.61
N ALA C 124 16.03 -0.21 -21.42
CA ALA C 124 15.58 -0.13 -22.81
C ALA C 124 14.08 -0.38 -22.83
N ASN C 125 13.30 0.64 -22.52
CA ASN C 125 11.87 0.47 -22.29
C ASN C 125 11.05 0.46 -23.57
N LYS C 126 9.82 -0.06 -23.43
CA LYS C 126 8.83 -0.21 -24.49
C LYS C 126 9.16 -1.31 -25.48
N GLN C 127 9.68 -2.43 -24.99
CA GLN C 127 10.01 -3.55 -25.85
C GLN C 127 8.79 -4.18 -26.52
N ASP C 128 7.59 -3.89 -26.04
CA ASP C 128 6.39 -4.44 -26.67
C ASP C 128 5.98 -3.70 -27.94
N LEU C 129 6.73 -2.70 -28.36
CA LEU C 129 6.38 -2.05 -29.60
C LEU C 129 7.22 -2.63 -30.73
N PRO C 130 6.65 -2.73 -31.93
CA PRO C 130 7.20 -3.37 -33.14
C PRO C 130 8.46 -2.72 -33.68
N ASN C 131 8.68 -1.47 -33.34
CA ASN C 131 9.85 -0.80 -33.85
C ASN C 131 10.97 -0.73 -32.82
N ALA C 132 10.76 -1.31 -31.66
CA ALA C 132 11.73 -1.23 -30.58
C ALA C 132 13.03 -1.88 -30.95
N MET C 133 14.11 -1.23 -30.56
CA MET C 133 15.44 -1.80 -30.75
C MET C 133 15.73 -2.71 -29.58
N ASN C 134 16.60 -3.68 -29.77
CA ASN C 134 16.91 -4.59 -28.68
C ASN C 134 18.02 -4.00 -27.84
N ALA C 135 18.35 -4.65 -26.74
CA ALA C 135 19.33 -4.11 -25.80
C ALA C 135 20.68 -3.88 -26.44
N ALA C 136 21.11 -4.77 -27.32
CA ALA C 136 22.40 -4.60 -27.96
C ALA C 136 22.40 -3.36 -28.83
N GLU C 137 21.32 -3.17 -29.57
CA GLU C 137 21.19 -2.04 -30.46
C GLU C 137 21.17 -0.76 -29.68
N ILE C 138 20.48 -0.79 -28.54
CA ILE C 138 20.44 0.37 -27.68
C ILE C 138 21.80 0.63 -27.08
N THR C 139 22.49 -0.42 -26.68
CA THR C 139 23.82 -0.29 -26.12
C THR C 139 24.74 0.40 -27.10
N ASP C 140 24.67 -0.02 -28.35
CA ASP C 140 25.49 0.55 -29.39
C ASP C 140 25.16 2.00 -29.65
N LYS C 141 23.87 2.32 -29.69
CA LYS C 141 23.46 3.68 -29.93
C LYS C 141 23.88 4.59 -28.80
N LEU C 142 23.80 4.09 -27.57
CA LEU C 142 24.19 4.86 -26.42
C LEU C 142 25.70 4.82 -26.19
N GLY C 143 26.36 3.78 -26.69
CA GLY C 143 27.80 3.66 -26.52
C GLY C 143 28.14 3.34 -25.09
N LEU C 144 27.26 2.59 -24.42
CA LEU C 144 27.45 2.32 -23.00
C LEU C 144 28.73 1.58 -22.72
N HIS C 145 29.12 0.72 -23.63
CA HIS C 145 30.33 -0.06 -23.49
C HIS C 145 31.60 0.76 -23.70
N SER C 146 31.47 2.00 -24.13
CA SER C 146 32.63 2.87 -24.26
C SER C 146 32.94 3.51 -22.91
N LEU C 147 32.03 3.37 -21.95
CA LEU C 147 32.19 3.91 -20.62
C LEU C 147 33.29 3.21 -19.87
N ARG C 148 34.11 3.99 -19.19
CA ARG C 148 35.24 3.45 -18.48
C ARG C 148 35.23 3.83 -17.04
N HIS C 149 35.78 2.96 -16.21
CA HIS C 149 35.90 3.17 -14.79
C HIS C 149 34.57 3.18 -14.06
N ARG C 150 33.49 2.76 -14.73
CA ARG C 150 32.18 2.79 -14.09
C ARG C 150 31.48 1.46 -14.18
N ASN C 151 30.72 1.17 -13.15
CA ASN C 151 29.95 -0.03 -13.05
C ASN C 151 28.62 0.16 -13.75
N TRP C 152 28.39 -0.53 -14.87
CA TRP C 152 27.13 -0.30 -15.56
C TRP C 152 26.56 -1.55 -16.18
N TYR C 153 25.27 -1.50 -16.49
CA TYR C 153 24.54 -2.61 -17.09
C TYR C 153 23.27 -2.17 -17.76
N ILE C 154 22.98 -2.78 -18.89
CA ILE C 154 21.75 -2.47 -19.60
C ILE C 154 20.78 -3.60 -19.47
N GLN C 155 19.52 -3.26 -19.27
CA GLN C 155 18.44 -4.21 -19.09
C GLN C 155 17.27 -3.91 -20.00
N ALA C 156 16.88 -4.87 -20.83
CA ALA C 156 15.71 -4.65 -21.66
C ALA C 156 14.48 -4.64 -20.78
N THR C 157 13.57 -3.69 -21.03
CA THR C 157 12.37 -3.61 -20.21
C THR C 157 11.09 -3.36 -21.00
N CYS C 158 9.99 -3.58 -20.33
CA CYS C 158 8.68 -3.36 -20.90
C CYS C 158 7.72 -3.11 -19.78
N ALA C 159 7.65 -1.86 -19.31
CA ALA C 159 6.86 -1.47 -18.15
C ALA C 159 5.39 -1.87 -18.24
N THR C 160 4.83 -1.91 -19.44
CA THR C 160 3.44 -2.32 -19.56
C THR C 160 3.22 -3.78 -19.16
N SER C 161 4.28 -4.56 -19.22
CA SER C 161 4.24 -5.95 -18.78
C SER C 161 4.89 -6.10 -17.42
N GLY C 162 5.84 -5.21 -17.14
CA GLY C 162 6.61 -5.26 -15.90
C GLY C 162 7.95 -5.94 -16.11
N ASP C 163 8.19 -6.46 -17.31
CA ASP C 163 9.41 -7.16 -17.60
C ASP C 163 10.64 -6.31 -17.49
N GLY C 164 11.67 -6.90 -16.89
CA GLY C 164 12.94 -6.23 -16.76
C GLY C 164 13.01 -5.33 -15.53
N LEU C 165 11.92 -5.16 -14.81
CA LEU C 165 11.99 -4.21 -13.73
C LEU C 165 12.55 -4.84 -12.48
N TYR C 166 12.07 -6.03 -12.13
CA TYR C 166 12.68 -6.67 -10.99
C TYR C 166 14.10 -7.04 -11.32
N GLU C 167 14.31 -7.44 -12.57
CA GLU C 167 15.63 -7.80 -13.04
C GLU C 167 16.60 -6.66 -12.83
N GLY C 168 16.11 -5.44 -13.09
CA GLY C 168 16.91 -4.26 -12.87
C GLY C 168 17.26 -4.14 -11.41
N LEU C 169 16.27 -4.34 -10.55
CA LEU C 169 16.53 -4.27 -9.13
C LEU C 169 17.44 -5.39 -8.68
N ASP C 170 17.36 -6.55 -9.31
CA ASP C 170 18.22 -7.65 -8.94
C ASP C 170 19.65 -7.30 -9.24
N TRP C 171 19.89 -6.69 -10.39
CA TRP C 171 21.24 -6.30 -10.74
C TRP C 171 21.74 -5.28 -9.76
N LEU C 172 20.90 -4.28 -9.47
CA LEU C 172 21.27 -3.26 -8.52
C LEU C 172 21.51 -3.85 -7.17
N SER C 173 20.71 -4.84 -6.80
CA SER C 173 20.87 -5.45 -5.51
C SER C 173 22.26 -6.03 -5.42
N ASN C 174 22.69 -6.71 -6.45
CA ASN C 174 24.01 -7.29 -6.42
C ASN C 174 25.12 -6.25 -6.44
N GLN C 175 24.91 -5.14 -7.11
CA GLN C 175 25.97 -4.15 -7.19
C GLN C 175 26.05 -3.30 -5.95
N LEU C 176 24.92 -3.07 -5.33
CA LEU C 176 24.85 -2.23 -4.17
C LEU C 176 25.07 -3.05 -2.91
N ARG C 177 24.70 -4.32 -2.97
CA ARG C 177 24.90 -5.19 -1.83
C ARG C 177 26.32 -5.69 -1.81
N ASN C 178 27.20 -4.90 -1.22
CA ASN C 178 28.59 -5.30 -1.05
C ASN C 178 28.66 -6.50 -0.13
N GLN C 179 27.73 -6.55 0.82
CA GLN C 179 27.55 -7.64 1.74
C GLN C 179 26.11 -7.62 2.21
N LYS C 180 25.60 -8.75 2.69
CA LYS C 180 24.21 -8.91 3.12
C LYS C 180 23.56 -7.63 3.63
N SER D 5 -16.80 23.28 40.61
CA SER D 5 -17.06 24.42 39.74
C SER D 5 -18.50 24.87 39.82
N HIS D 6 -19.40 23.93 40.13
CA HIS D 6 -20.82 24.26 40.25
C HIS D 6 -21.09 25.17 41.43
N ALA D 7 -20.24 25.11 42.44
CA ALA D 7 -20.39 25.95 43.62
C ALA D 7 -20.44 27.42 43.22
N GLY D 8 -21.41 28.14 43.79
CA GLY D 8 -21.61 29.55 43.50
C GLY D 8 -22.72 29.80 42.48
N TYR D 9 -23.11 28.76 41.74
CA TYR D 9 -24.18 28.90 40.77
C TYR D 9 -25.51 28.47 41.35
N GLN D 10 -26.57 29.07 40.87
CA GLN D 10 -27.90 28.72 41.33
C GLN D 10 -28.48 27.74 40.35
N THR D 11 -29.32 26.84 40.82
CA THR D 11 -29.94 25.88 39.93
C THR D 11 -31.12 26.49 39.22
N ILE D 12 -31.22 26.28 37.91
CA ILE D 12 -32.29 26.86 37.12
C ILE D 12 -32.68 26.00 35.93
N ASP E 40 -20.72 -35.38 5.08
CA ASP E 40 -21.51 -34.74 6.12
C ASP E 40 -21.82 -33.31 5.74
N LEU E 41 -23.10 -33.02 5.58
CA LEU E 41 -23.55 -31.70 5.18
C LEU E 41 -23.14 -30.64 6.19
N LYS E 42 -23.13 -30.99 7.47
CA LYS E 42 -22.73 -30.03 8.48
C LYS E 42 -21.28 -29.63 8.26
N LYS E 43 -20.44 -30.61 7.97
CA LYS E 43 -19.04 -30.33 7.72
C LYS E 43 -18.91 -29.47 6.49
N ASN E 44 -19.76 -29.72 5.50
CA ASN E 44 -19.72 -28.90 4.30
C ASN E 44 -20.04 -27.47 4.66
N GLU E 45 -20.97 -27.27 5.58
CA GLU E 45 -21.29 -25.93 6.01
C GLU E 45 -20.13 -25.30 6.74
N ASP E 46 -19.46 -26.08 7.58
CA ASP E 46 -18.31 -25.58 8.32
C ASP E 46 -17.20 -25.18 7.41
N LEU E 47 -17.00 -25.95 6.34
CA LEU E 47 -16.00 -25.61 5.36
C LEU E 47 -16.36 -24.29 4.74
N LYS E 48 -17.63 -24.11 4.42
CA LYS E 48 -18.05 -22.85 3.85
C LYS E 48 -17.87 -21.71 4.81
N GLN E 49 -18.12 -21.94 6.09
CA GLN E 49 -17.92 -20.89 7.07
C GLN E 49 -16.49 -20.44 7.09
N MET E 50 -15.57 -21.39 7.02
CA MET E 50 -14.16 -21.06 7.02
C MET E 50 -13.76 -20.36 5.75
N LEU E 51 -14.34 -20.76 4.64
CA LEU E 51 -14.07 -20.11 3.39
C LEU E 51 -14.55 -18.67 3.42
N GLU E 52 -15.70 -18.47 4.06
CA GLU E 52 -16.31 -17.16 4.23
C GLU E 52 -15.59 -16.32 5.25
N SER E 53 -15.05 -16.97 6.27
CA SER E 53 -14.35 -16.29 7.33
C SER E 53 -13.20 -15.49 6.82
N ASN E 54 -12.97 -14.35 7.45
CA ASN E 54 -11.87 -13.49 7.09
C ASN E 54 -10.57 -13.91 7.76
N LYS E 55 -10.60 -15.02 8.51
CA LYS E 55 -9.39 -15.50 9.15
C LYS E 55 -8.66 -16.41 8.21
N ASP E 56 -7.45 -16.03 7.86
CA ASP E 56 -6.66 -16.79 6.91
C ASP E 56 -6.37 -18.19 7.39
N SER E 57 -6.15 -18.36 8.69
CA SER E 57 -5.88 -19.68 9.22
C SER E 57 -7.07 -20.61 8.96
N ALA E 58 -8.28 -20.08 9.12
CA ALA E 58 -9.47 -20.85 8.86
C ALA E 58 -9.55 -21.18 7.40
N LYS E 59 -9.23 -20.21 6.54
CA LYS E 59 -9.27 -20.43 5.11
C LYS E 59 -8.30 -21.51 4.71
N LEU E 60 -7.11 -21.46 5.29
CA LEU E 60 -6.07 -22.40 5.00
C LEU E 60 -6.49 -23.80 5.34
N ASP E 61 -7.00 -23.97 6.55
CA ASP E 61 -7.42 -25.28 7.01
C ASP E 61 -8.47 -25.85 6.11
N ALA E 62 -9.44 -25.03 5.73
CA ALA E 62 -10.47 -25.50 4.86
C ALA E 62 -9.89 -25.97 3.56
N MET E 63 -8.95 -25.22 3.01
CA MET E 63 -8.39 -25.62 1.75
C MET E 63 -7.60 -26.90 1.86
N LYS E 64 -6.89 -27.09 2.96
CA LYS E 64 -6.16 -28.33 3.07
C LYS E 64 -7.11 -29.49 3.15
N ARG E 65 -8.20 -29.32 3.87
CA ARG E 65 -9.19 -30.38 3.97
C ARG E 65 -9.75 -30.69 2.61
N ILE E 66 -10.01 -29.64 1.84
CA ILE E 66 -10.55 -29.77 0.52
C ILE E 66 -9.60 -30.48 -0.43
N VAL E 67 -8.34 -30.09 -0.43
CA VAL E 67 -7.38 -30.75 -1.29
C VAL E 67 -7.27 -32.19 -0.95
N GLY E 68 -7.26 -32.50 0.34
CA GLY E 68 -7.22 -33.89 0.75
C GLY E 68 -8.39 -34.64 0.13
N MET E 69 -9.58 -34.04 0.17
CA MET E 69 -10.74 -34.68 -0.41
C MET E 69 -10.58 -34.86 -1.90
N ILE E 70 -9.90 -33.93 -2.55
CA ILE E 70 -9.63 -34.09 -3.96
C ILE E 70 -8.77 -35.30 -4.18
N ALA E 71 -7.71 -35.41 -3.40
CA ALA E 71 -6.80 -36.54 -3.50
C ALA E 71 -7.51 -37.86 -3.23
N LYS E 72 -8.51 -37.84 -2.35
CA LYS E 72 -9.27 -39.03 -2.02
C LYS E 72 -10.40 -39.32 -2.99
N GLY E 73 -10.59 -38.49 -4.00
CA GLY E 73 -11.64 -38.74 -4.97
C GLY E 73 -13.04 -38.40 -4.47
N LYS E 74 -13.14 -37.48 -3.52
CA LYS E 74 -14.44 -37.12 -3.01
C LYS E 74 -15.04 -35.98 -3.81
N ASN E 75 -16.36 -35.99 -3.91
CA ASN E 75 -17.02 -34.97 -4.69
C ASN E 75 -17.20 -33.69 -3.91
N ALA E 76 -16.26 -32.78 -4.05
CA ALA E 76 -16.34 -31.48 -3.37
C ALA E 76 -16.84 -30.37 -4.30
N SER E 77 -17.51 -30.72 -5.40
CA SER E 77 -18.00 -29.72 -6.34
C SER E 77 -19.01 -28.79 -5.71
N GLU E 78 -19.69 -29.26 -4.68
CA GLU E 78 -20.67 -28.48 -3.96
C GLU E 78 -20.09 -27.22 -3.35
N LEU E 79 -18.81 -27.25 -3.01
CA LEU E 79 -18.19 -26.13 -2.38
C LEU E 79 -17.69 -25.09 -3.35
N PHE E 80 -17.77 -25.35 -4.65
CA PHE E 80 -17.18 -24.48 -5.64
C PHE E 80 -17.57 -23.01 -5.50
N PRO E 81 -18.85 -22.65 -5.34
CA PRO E 81 -19.34 -21.30 -5.22
C PRO E 81 -18.66 -20.57 -4.11
N ALA E 82 -18.26 -21.29 -3.07
CA ALA E 82 -17.63 -20.65 -1.95
C ALA E 82 -16.15 -20.59 -2.12
N VAL E 83 -15.55 -21.71 -2.50
CA VAL E 83 -14.10 -21.78 -2.61
C VAL E 83 -13.58 -20.76 -3.56
N VAL E 84 -14.25 -20.62 -4.67
CA VAL E 84 -13.83 -19.72 -5.71
C VAL E 84 -13.70 -18.29 -5.28
N LYS E 85 -14.41 -17.87 -4.24
CA LYS E 85 -14.29 -16.48 -3.82
C LYS E 85 -12.88 -16.18 -3.37
N ASN E 86 -12.20 -17.18 -2.86
CA ASN E 86 -10.88 -16.97 -2.32
C ASN E 86 -9.82 -17.01 -3.38
N VAL E 87 -10.21 -17.14 -4.65
CA VAL E 87 -9.24 -17.10 -5.74
C VAL E 87 -8.56 -15.77 -5.78
N ALA E 88 -9.20 -14.74 -5.24
CA ALA E 88 -8.61 -13.42 -5.24
C ALA E 88 -7.75 -13.16 -4.00
N SER E 89 -7.64 -14.13 -3.11
CA SER E 89 -6.87 -13.95 -1.90
C SER E 89 -5.43 -13.67 -2.18
N LYS E 90 -4.83 -12.86 -1.33
CA LYS E 90 -3.43 -12.49 -1.45
C LYS E 90 -2.52 -13.44 -0.69
N ASN E 91 -3.11 -14.42 0.00
CA ASN E 91 -2.27 -15.37 0.70
C ASN E 91 -1.77 -16.41 -0.26
N ILE E 92 -0.54 -16.21 -0.72
CA ILE E 92 0.14 -17.10 -1.67
C ILE E 92 -0.02 -18.60 -1.46
N GLU E 93 -0.14 -19.05 -0.22
CA GLU E 93 -0.24 -20.46 0.01
C GLU E 93 -1.63 -20.91 -0.23
N ILE E 94 -2.56 -20.10 0.25
CA ILE E 94 -3.95 -20.43 0.08
C ILE E 94 -4.34 -20.37 -1.36
N LYS E 95 -3.96 -19.33 -2.07
CA LYS E 95 -4.39 -19.28 -3.44
C LYS E 95 -3.77 -20.38 -4.27
N LYS E 96 -2.59 -20.87 -3.88
CA LYS E 96 -2.04 -21.98 -4.63
C LYS E 96 -2.97 -23.17 -4.52
N LEU E 97 -3.45 -23.41 -3.31
CA LEU E 97 -4.38 -24.50 -3.07
C LEU E 97 -5.67 -24.28 -3.84
N VAL E 98 -6.10 -23.03 -3.92
CA VAL E 98 -7.32 -22.70 -4.66
C VAL E 98 -7.18 -23.06 -6.10
N TYR E 99 -6.02 -22.81 -6.69
CA TYR E 99 -5.82 -23.14 -8.07
C TYR E 99 -6.05 -24.61 -8.29
N VAL E 100 -5.57 -25.42 -7.35
CA VAL E 100 -5.76 -26.85 -7.47
C VAL E 100 -7.21 -27.22 -7.56
N TYR E 101 -7.99 -26.70 -6.61
CA TYR E 101 -9.40 -26.97 -6.57
C TYR E 101 -10.08 -26.53 -7.83
N LEU E 102 -9.81 -25.29 -8.17
CA LEU E 102 -10.41 -24.65 -9.29
C LEU E 102 -10.25 -25.44 -10.55
N VAL E 103 -9.02 -25.83 -10.83
CA VAL E 103 -8.79 -26.58 -12.03
C VAL E 103 -9.50 -27.90 -12.02
N ARG E 104 -9.39 -28.65 -10.94
CA ARG E 104 -10.04 -29.94 -10.95
C ARG E 104 -11.57 -29.88 -11.13
N TYR E 105 -12.21 -28.80 -10.72
CA TYR E 105 -13.64 -28.69 -10.93
C TYR E 105 -14.06 -27.70 -12.01
N ALA E 106 -13.11 -27.21 -12.79
CA ALA E 106 -13.43 -26.21 -13.80
C ALA E 106 -14.42 -26.73 -14.83
N GLU E 107 -14.33 -28.01 -15.16
CA GLU E 107 -15.18 -28.61 -16.17
C GLU E 107 -16.55 -29.00 -15.67
N GLU E 108 -16.82 -28.79 -14.39
CA GLU E 108 -18.11 -29.18 -13.86
C GLU E 108 -18.94 -27.96 -13.51
N GLN E 109 -18.26 -26.85 -13.24
CA GLN E 109 -18.97 -25.61 -12.93
C GLN E 109 -18.55 -24.49 -13.86
N GLN E 110 -18.53 -24.77 -15.16
CA GLN E 110 -18.09 -23.80 -16.17
C GLN E 110 -18.59 -22.38 -15.95
N ASP E 111 -19.83 -22.23 -15.50
CA ASP E 111 -20.35 -20.89 -15.26
C ASP E 111 -19.57 -20.21 -14.18
N LEU E 112 -19.41 -20.88 -13.06
CA LEU E 112 -18.71 -20.30 -11.96
C LEU E 112 -17.25 -20.09 -12.27
N ALA E 113 -16.66 -20.96 -13.08
CA ALA E 113 -15.28 -20.79 -13.47
C ALA E 113 -15.11 -19.47 -14.22
N LEU E 114 -16.04 -19.18 -15.13
CA LEU E 114 -16.05 -17.93 -15.86
C LEU E 114 -16.01 -16.78 -14.91
N LEU E 115 -16.79 -16.92 -13.87
CA LEU E 115 -16.95 -15.93 -12.86
C LEU E 115 -15.75 -15.73 -11.91
N SER E 116 -14.57 -16.22 -12.29
CA SER E 116 -13.37 -16.01 -11.51
C SER E 116 -12.15 -15.71 -12.38
N ILE E 117 -12.37 -15.39 -13.65
CA ILE E 117 -11.25 -15.17 -14.56
C ILE E 117 -10.39 -13.95 -14.34
N SER E 118 -11.01 -12.82 -14.02
CA SER E 118 -10.28 -11.56 -13.93
C SER E 118 -9.06 -11.55 -13.07
N THR E 119 -9.09 -12.24 -11.94
CA THR E 119 -7.93 -12.21 -11.09
C THR E 119 -6.71 -12.78 -11.79
N PHE E 120 -6.91 -13.68 -12.74
CA PHE E 120 -5.80 -14.27 -13.44
C PHE E 120 -5.34 -13.33 -14.49
N GLN E 121 -6.28 -12.77 -15.20
CA GLN E 121 -5.96 -11.88 -16.28
C GLN E 121 -5.18 -10.70 -15.78
N ARG E 122 -5.55 -10.20 -14.60
CA ARG E 122 -4.80 -9.11 -14.04
C ARG E 122 -3.46 -9.59 -13.54
N ALA E 123 -3.44 -10.73 -12.84
CA ALA E 123 -2.21 -11.29 -12.29
C ALA E 123 -1.19 -11.57 -13.36
N LEU E 124 -1.66 -11.90 -14.55
CA LEU E 124 -0.81 -12.18 -15.69
C LEU E 124 0.19 -11.07 -15.96
N LYS E 125 -0.18 -9.82 -15.67
CA LYS E 125 0.69 -8.68 -15.92
C LYS E 125 1.53 -8.24 -14.71
N ASP E 126 1.51 -9.04 -13.64
CA ASP E 126 2.33 -8.77 -12.47
C ASP E 126 3.80 -8.89 -12.81
N PRO E 127 4.66 -7.97 -12.38
CA PRO E 127 6.10 -7.92 -12.61
C PRO E 127 6.86 -8.89 -11.72
N ASN E 128 6.54 -10.17 -11.84
CA ASN E 128 7.18 -11.26 -11.13
C ASN E 128 7.04 -12.50 -11.96
N GLN E 129 8.16 -12.95 -12.50
CA GLN E 129 8.20 -14.04 -13.43
C GLN E 129 7.56 -15.31 -12.89
N LEU E 130 7.76 -15.61 -11.62
CA LEU E 130 7.15 -16.80 -11.06
C LEU E 130 5.65 -16.72 -11.12
N ILE E 131 5.13 -15.60 -10.64
CA ILE E 131 3.70 -15.41 -10.62
C ILE E 131 3.13 -15.46 -11.99
N ARG E 132 3.79 -14.79 -12.93
CA ARG E 132 3.28 -14.76 -14.29
C ARG E 132 3.11 -16.12 -14.84
N ALA E 133 4.13 -16.93 -14.63
CA ALA E 133 4.08 -18.27 -15.16
C ALA E 133 2.94 -19.04 -14.54
N SER E 134 2.81 -18.97 -13.23
CA SER E 134 1.76 -19.74 -12.60
C SER E 134 0.41 -19.23 -13.00
N ALA E 135 0.31 -17.93 -13.24
CA ALA E 135 -0.94 -17.35 -13.65
C ALA E 135 -1.30 -17.89 -14.99
N LEU E 136 -0.32 -17.94 -15.88
CA LEU E 136 -0.56 -18.44 -17.19
C LEU E 136 -1.03 -19.87 -17.13
N ARG E 137 -0.37 -20.67 -16.29
CA ARG E 137 -0.73 -22.07 -16.18
C ARG E 137 -2.15 -22.28 -15.73
N VAL E 138 -2.51 -21.71 -14.60
CA VAL E 138 -3.83 -21.92 -14.10
C VAL E 138 -4.88 -21.30 -14.99
N LEU E 139 -4.52 -20.22 -15.69
CA LEU E 139 -5.45 -19.62 -16.64
C LEU E 139 -5.71 -20.53 -17.79
N SER E 140 -4.62 -21.02 -18.36
CA SER E 140 -4.67 -21.91 -19.49
C SER E 140 -5.34 -23.24 -19.17
N SER E 141 -5.38 -23.60 -17.90
CA SER E 141 -6.04 -24.84 -17.49
C SER E 141 -7.54 -24.72 -17.31
N ILE E 142 -8.13 -23.57 -17.50
CA ILE E 142 -9.56 -23.53 -17.32
C ILE E 142 -10.27 -23.90 -18.60
N ARG E 143 -10.90 -25.07 -18.63
CA ARG E 143 -11.56 -25.58 -19.82
C ARG E 143 -12.93 -25.00 -20.06
N VAL E 144 -13.01 -23.71 -20.28
CA VAL E 144 -14.30 -23.09 -20.55
C VAL E 144 -14.28 -22.43 -21.91
N PRO E 145 -15.10 -22.88 -22.85
CA PRO E 145 -15.21 -22.40 -24.22
C PRO E 145 -15.30 -20.88 -24.30
N ILE E 146 -16.02 -20.30 -23.36
CA ILE E 146 -16.23 -18.88 -23.32
C ILE E 146 -14.94 -18.07 -23.22
N ILE E 147 -13.96 -18.56 -22.49
CA ILE E 147 -12.74 -17.78 -22.28
C ILE E 147 -11.63 -18.10 -23.26
N VAL E 148 -11.93 -18.89 -24.28
CA VAL E 148 -10.94 -19.19 -25.29
C VAL E 148 -10.23 -17.99 -25.91
N PRO E 149 -10.93 -16.96 -26.43
CA PRO E 149 -10.34 -15.80 -27.06
C PRO E 149 -9.50 -14.99 -26.09
N ILE E 150 -9.83 -15.08 -24.80
CA ILE E 150 -9.07 -14.39 -23.79
C ILE E 150 -7.70 -15.02 -23.72
N MET E 151 -7.71 -16.34 -23.67
CA MET E 151 -6.48 -17.09 -23.60
C MET E 151 -5.67 -16.92 -24.86
N MET E 152 -6.33 -16.83 -26.00
CA MET E 152 -5.62 -16.63 -27.25
C MET E 152 -4.76 -15.39 -27.18
N LEU E 153 -5.34 -14.31 -26.68
CA LEU E 153 -4.58 -13.09 -26.51
C LEU E 153 -3.45 -13.30 -25.53
N ALA E 154 -3.75 -13.95 -24.42
CA ALA E 154 -2.75 -14.20 -23.41
C ALA E 154 -1.56 -14.97 -23.98
N ILE E 155 -1.82 -15.91 -24.86
CA ILE E 155 -0.74 -16.67 -25.48
C ILE E 155 0.18 -15.79 -26.27
N LYS E 156 -0.40 -14.88 -27.04
CA LYS E 156 0.43 -14.00 -27.83
C LYS E 156 1.28 -13.13 -26.93
N GLU E 157 0.69 -12.68 -25.83
CA GLU E 157 1.44 -11.86 -24.90
C GLU E 157 2.53 -12.65 -24.23
N ALA E 158 2.22 -13.88 -23.87
CA ALA E 158 3.18 -14.74 -23.23
C ALA E 158 4.36 -15.02 -24.13
N SER E 159 4.10 -15.24 -25.42
CA SER E 159 5.18 -15.52 -26.34
C SER E 159 6.14 -14.35 -26.49
N ALA E 160 5.63 -13.14 -26.28
CA ALA E 160 6.47 -11.97 -26.38
C ALA E 160 7.17 -11.62 -25.07
N ASP E 161 6.91 -12.36 -24.00
CA ASP E 161 7.51 -12.05 -22.70
C ASP E 161 9.02 -12.12 -22.78
N LEU E 162 9.70 -11.11 -22.26
CA LEU E 162 11.16 -11.09 -22.33
C LEU E 162 11.83 -12.21 -21.55
N SER E 163 11.18 -12.74 -20.51
CA SER E 163 11.81 -13.84 -19.78
C SER E 163 11.52 -15.20 -20.39
N PRO E 164 12.54 -16.03 -20.53
CA PRO E 164 12.49 -17.37 -21.06
C PRO E 164 11.68 -18.27 -20.17
N TYR E 165 11.54 -17.93 -18.90
CA TYR E 165 10.82 -18.82 -18.03
C TYR E 165 9.37 -18.84 -18.46
N VAL E 166 8.84 -17.66 -18.70
CA VAL E 166 7.48 -17.53 -19.13
C VAL E 166 7.32 -18.12 -20.49
N ARG E 167 8.28 -17.90 -21.38
CA ARG E 167 8.16 -18.43 -22.71
C ARG E 167 8.03 -19.94 -22.67
N LYS E 168 8.77 -20.59 -21.79
CA LYS E 168 8.65 -22.03 -21.63
C LYS E 168 7.22 -22.39 -21.31
N ASN E 169 6.62 -21.66 -20.39
CA ASN E 169 5.25 -21.92 -20.03
C ASN E 169 4.30 -21.62 -21.17
N ALA E 170 4.63 -20.63 -21.97
CA ALA E 170 3.79 -20.30 -23.10
C ALA E 170 3.67 -21.46 -24.02
N ALA E 171 4.77 -22.16 -24.24
CA ALA E 171 4.73 -23.30 -25.13
C ALA E 171 3.75 -24.34 -24.62
N HIS E 172 3.78 -24.60 -23.32
CA HIS E 172 2.87 -25.61 -22.79
C HIS E 172 1.44 -25.14 -22.91
N ALA E 173 1.24 -23.87 -22.68
CA ALA E 173 -0.09 -23.30 -22.78
C ALA E 173 -0.64 -23.45 -24.18
N ILE E 174 0.23 -23.33 -25.19
CA ILE E 174 -0.20 -23.52 -26.57
C ILE E 174 -0.75 -24.88 -26.76
N GLN E 175 -0.02 -25.86 -26.25
CA GLN E 175 -0.46 -27.23 -26.35
C GLN E 175 -1.84 -27.41 -25.75
N LYS E 176 -2.08 -26.79 -24.60
CA LYS E 176 -3.38 -26.90 -23.97
C LYS E 176 -4.47 -26.32 -24.82
N LEU E 177 -4.25 -25.09 -25.25
CA LEU E 177 -5.25 -24.37 -26.00
C LEU E 177 -5.60 -25.10 -27.25
N TYR E 178 -4.60 -25.65 -27.91
CA TYR E 178 -4.85 -26.42 -29.10
C TYR E 178 -5.78 -27.57 -28.81
N SER E 179 -5.46 -28.35 -27.78
CA SER E 179 -6.32 -29.47 -27.47
C SER E 179 -7.70 -29.03 -27.03
N LEU E 180 -7.79 -27.85 -26.44
CA LEU E 180 -9.07 -27.32 -26.03
C LEU E 180 -9.89 -26.91 -27.23
N ASP E 181 -9.25 -26.22 -28.15
CA ASP E 181 -9.92 -25.74 -29.33
C ASP E 181 -9.03 -25.81 -30.56
N PRO E 182 -9.11 -26.92 -31.30
CA PRO E 182 -8.39 -27.24 -32.53
C PRO E 182 -8.59 -26.19 -33.63
N GLU E 183 -9.64 -25.39 -33.53
CA GLU E 183 -9.91 -24.41 -34.56
C GLU E 183 -9.03 -23.18 -34.43
N GLN E 184 -8.20 -23.12 -33.39
CA GLN E 184 -7.28 -22.01 -33.24
C GLN E 184 -5.91 -22.37 -33.83
N LYS E 185 -5.78 -23.58 -34.37
CA LYS E 185 -4.52 -24.13 -34.84
C LYS E 185 -3.64 -23.20 -35.63
N GLU E 186 -4.17 -22.56 -36.66
CA GLU E 186 -3.35 -21.70 -37.50
C GLU E 186 -2.72 -20.57 -36.73
N MET E 187 -3.41 -20.07 -35.73
CA MET E 187 -2.91 -18.97 -34.94
C MET E 187 -1.76 -19.47 -34.12
N LEU E 188 -1.95 -20.63 -33.53
CA LEU E 188 -0.96 -21.20 -32.69
C LEU E 188 0.27 -21.58 -33.46
N ILE E 189 0.09 -22.02 -34.69
CA ILE E 189 1.24 -22.36 -35.52
C ILE E 189 2.13 -21.16 -35.69
N GLU E 190 1.52 -20.01 -35.96
CA GLU E 190 2.28 -18.79 -36.05
C GLU E 190 3.11 -18.55 -34.81
N VAL E 191 2.46 -18.68 -33.66
CA VAL E 191 3.13 -18.45 -32.40
C VAL E 191 4.27 -19.44 -32.19
N ILE E 192 4.04 -20.69 -32.52
CA ILE E 192 5.06 -21.71 -32.38
C ILE E 192 6.26 -21.38 -33.21
N GLU E 193 6.04 -20.99 -34.47
CA GLU E 193 7.17 -20.63 -35.32
C GLU E 193 8.00 -19.55 -34.67
N LYS E 194 7.32 -18.55 -34.12
CA LYS E 194 8.02 -17.48 -33.46
C LYS E 194 8.84 -18.01 -32.30
N LEU E 195 8.27 -18.90 -31.50
CA LEU E 195 8.97 -19.46 -30.37
C LEU E 195 10.18 -20.28 -30.80
N LEU E 196 10.07 -20.95 -31.94
CA LEU E 196 11.17 -21.75 -32.47
C LEU E 196 12.40 -20.94 -32.82
N LYS E 197 12.27 -19.62 -32.90
CA LYS E 197 13.38 -18.77 -33.25
C LYS E 197 14.20 -18.35 -32.03
N ASP E 198 13.82 -18.78 -30.83
CA ASP E 198 14.57 -18.44 -29.62
C ASP E 198 15.90 -19.17 -29.60
N LYS E 199 16.81 -18.72 -28.75
CA LYS E 199 18.12 -19.31 -28.62
C LYS E 199 18.28 -20.03 -27.30
N SER E 200 17.49 -19.66 -26.29
CA SER E 200 17.64 -20.32 -25.02
C SER E 200 17.09 -21.73 -25.03
N THR E 201 17.88 -22.64 -24.46
CA THR E 201 17.53 -24.03 -24.36
C THR E 201 16.35 -24.24 -23.42
N LEU E 202 16.15 -23.29 -22.51
CA LEU E 202 15.07 -23.36 -21.55
C LEU E 202 13.74 -23.31 -22.24
N VAL E 203 13.71 -22.72 -23.40
CA VAL E 203 12.51 -22.59 -24.18
C VAL E 203 12.44 -23.63 -25.25
N ALA E 204 13.55 -23.82 -25.96
CA ALA E 204 13.58 -24.71 -27.09
C ALA E 204 12.99 -26.08 -26.81
N GLY E 205 13.38 -26.70 -25.70
CA GLY E 205 12.88 -28.02 -25.37
C GLY E 205 11.35 -28.11 -25.43
N SER E 206 10.70 -27.33 -24.60
CA SER E 206 9.26 -27.32 -24.53
C SER E 206 8.60 -26.95 -25.84
N VAL E 207 9.17 -26.01 -26.56
CA VAL E 207 8.57 -25.61 -27.81
C VAL E 207 8.54 -26.75 -28.77
N VAL E 208 9.63 -27.49 -28.85
CA VAL E 208 9.66 -28.64 -29.75
C VAL E 208 8.58 -29.61 -29.40
N MET E 209 8.39 -29.87 -28.11
CA MET E 209 7.33 -30.77 -27.70
C MET E 209 5.98 -30.27 -28.18
N ALA E 210 5.72 -28.99 -27.97
CA ALA E 210 4.45 -28.43 -28.37
C ALA E 210 4.26 -28.61 -29.85
N PHE E 211 5.33 -28.40 -30.61
CA PHE E 211 5.28 -28.58 -32.03
C PHE E 211 4.91 -30.00 -32.37
N GLU E 212 5.63 -30.93 -31.77
CA GLU E 212 5.44 -32.34 -32.04
C GLU E 212 3.98 -32.75 -31.89
N GLU E 213 3.31 -32.22 -30.88
CA GLU E 213 1.91 -32.54 -30.69
C GLU E 213 0.95 -31.72 -31.53
N VAL E 214 1.10 -30.41 -31.50
CA VAL E 214 0.18 -29.53 -32.20
C VAL E 214 0.29 -29.62 -33.68
N CYS E 215 1.51 -29.63 -34.17
CA CYS E 215 1.76 -29.63 -35.58
C CYS E 215 2.89 -30.56 -35.95
N PRO E 216 2.70 -31.87 -35.93
CA PRO E 216 3.66 -32.91 -36.29
C PRO E 216 4.09 -32.80 -37.75
N ASP E 217 3.22 -32.20 -38.55
CA ASP E 217 3.46 -31.93 -39.94
C ASP E 217 4.17 -30.60 -40.06
N ARG E 218 4.32 -30.10 -41.28
CA ARG E 218 5.01 -28.82 -41.49
C ARG E 218 6.44 -28.85 -41.03
N ILE E 219 7.19 -29.81 -41.58
CA ILE E 219 8.59 -29.95 -41.27
C ILE E 219 9.41 -28.77 -41.78
N ASP E 220 8.78 -27.92 -42.60
CA ASP E 220 9.41 -26.71 -43.06
C ASP E 220 9.62 -25.72 -41.92
N LEU E 221 8.93 -25.94 -40.80
CA LEU E 221 9.09 -25.11 -39.64
C LEU E 221 10.26 -25.58 -38.79
N ILE E 222 10.83 -26.72 -39.14
CA ILE E 222 11.93 -27.27 -38.38
C ILE E 222 13.24 -27.00 -39.03
N HIS E 223 13.35 -27.24 -40.34
CA HIS E 223 14.64 -27.05 -40.99
C HIS E 223 15.22 -25.67 -40.77
N LYS E 224 14.38 -24.68 -40.52
CA LYS E 224 14.83 -23.34 -40.30
C LYS E 224 15.76 -23.23 -39.12
N ASN E 225 15.59 -24.13 -38.16
CA ASN E 225 16.37 -24.13 -36.96
C ASN E 225 17.17 -25.40 -36.80
N TYR E 226 17.37 -26.12 -37.90
CA TYR E 226 18.03 -27.43 -37.82
C TYR E 226 19.41 -27.39 -37.22
N ARG E 227 20.29 -26.60 -37.78
CA ARG E 227 21.64 -26.57 -37.28
C ARG E 227 21.69 -26.00 -35.88
N LYS E 228 20.79 -25.09 -35.59
CA LYS E 228 20.72 -24.53 -34.27
C LYS E 228 20.43 -25.60 -33.26
N LEU E 229 19.34 -26.33 -33.48
CA LEU E 229 18.92 -27.38 -32.57
C LEU E 229 19.95 -28.46 -32.45
N CYS E 230 20.63 -28.76 -33.55
CA CYS E 230 21.66 -29.78 -33.51
C CYS E 230 22.76 -29.47 -32.52
N ASN E 231 22.99 -28.19 -32.24
CA ASN E 231 24.01 -27.84 -31.29
C ASN E 231 23.41 -27.71 -29.91
N LEU E 232 22.23 -27.11 -29.84
CA LEU E 232 21.58 -26.86 -28.57
C LEU E 232 21.27 -28.12 -27.81
N LEU E 233 20.92 -29.17 -28.54
CA LEU E 233 20.57 -30.46 -27.98
C LEU E 233 21.44 -30.87 -26.81
N VAL E 234 22.74 -30.64 -26.90
CA VAL E 234 23.67 -31.03 -25.85
C VAL E 234 23.34 -30.36 -24.53
N ASP E 235 22.97 -29.09 -24.57
CA ASP E 235 22.68 -28.35 -23.37
C ASP E 235 21.22 -28.42 -22.95
N VAL E 236 20.35 -28.85 -23.86
CA VAL E 236 18.94 -29.00 -23.54
C VAL E 236 18.72 -30.04 -22.46
N GLU E 237 17.83 -29.74 -21.54
CA GLU E 237 17.50 -30.64 -20.44
C GLU E 237 17.00 -31.99 -20.93
N GLU E 238 17.40 -33.05 -20.23
CA GLU E 238 17.11 -34.43 -20.58
C GLU E 238 15.69 -34.75 -21.04
N TRP E 239 14.69 -34.06 -20.52
CA TRP E 239 13.34 -34.40 -20.92
C TRP E 239 13.07 -33.86 -22.31
N GLY E 240 13.70 -32.75 -22.61
CA GLY E 240 13.57 -32.16 -23.91
C GLY E 240 14.42 -32.95 -24.86
N GLN E 241 15.54 -33.46 -24.37
CA GLN E 241 16.42 -34.23 -25.24
C GLN E 241 15.68 -35.41 -25.80
N VAL E 242 14.92 -36.10 -24.98
CA VAL E 242 14.19 -37.24 -25.49
C VAL E 242 13.26 -36.84 -26.59
N VAL E 243 12.47 -35.81 -26.36
CA VAL E 243 11.52 -35.40 -27.36
C VAL E 243 12.19 -34.95 -28.64
N ILE E 244 13.21 -34.12 -28.52
CA ILE E 244 13.89 -33.59 -29.67
C ILE E 244 14.50 -34.66 -30.51
N ILE E 245 15.13 -35.62 -29.86
CA ILE E 245 15.78 -36.70 -30.58
C ILE E 245 14.79 -37.46 -31.43
N HIS E 246 13.63 -37.78 -30.88
CA HIS E 246 12.68 -38.51 -31.68
C HIS E 246 12.25 -37.69 -32.87
N MET E 247 12.03 -36.40 -32.63
CA MET E 247 11.63 -35.52 -33.70
C MET E 247 12.67 -35.47 -34.78
N LEU E 248 13.91 -35.28 -34.40
CA LEU E 248 14.98 -35.21 -35.37
C LEU E 248 15.17 -36.51 -36.10
N THR E 249 14.94 -37.62 -35.43
CA THR E 249 15.10 -38.89 -36.08
C THR E 249 14.16 -38.99 -37.25
N ARG E 250 12.88 -38.72 -37.02
CA ARG E 250 11.93 -38.84 -38.11
C ARG E 250 12.09 -37.71 -39.13
N TYR E 251 12.66 -36.59 -38.69
CA TYR E 251 12.99 -35.51 -39.59
C TYR E 251 13.98 -36.00 -40.61
N ALA E 252 15.06 -36.54 -40.09
CA ALA E 252 16.16 -37.03 -40.89
C ALA E 252 15.74 -38.11 -41.85
N ARG E 253 14.76 -38.93 -41.47
CA ARG E 253 14.31 -39.97 -42.37
C ARG E 253 13.71 -39.43 -43.65
N THR E 254 13.29 -38.17 -43.65
CA THR E 254 12.73 -37.59 -44.84
C THR E 254 13.71 -36.68 -45.54
N GLN E 255 14.70 -36.21 -44.80
CA GLN E 255 15.64 -35.28 -45.40
C GLN E 255 16.91 -35.89 -45.92
N PHE E 256 17.28 -37.05 -45.42
CA PHE E 256 18.50 -37.66 -45.91
C PHE E 256 18.22 -38.93 -46.68
N VAL E 257 19.11 -39.27 -47.60
CA VAL E 257 18.88 -40.40 -48.49
C VAL E 257 20.03 -41.39 -48.55
N PRO E 295 27.27 -33.79 -44.79
CA PRO E 295 27.73 -32.88 -43.76
C PRO E 295 26.67 -32.58 -42.69
N ASP E 296 25.40 -32.47 -43.07
CA ASP E 296 24.36 -32.16 -42.10
C ASP E 296 23.91 -33.43 -41.42
N HIS E 297 23.92 -34.53 -42.17
CA HIS E 297 23.57 -35.83 -41.65
C HIS E 297 24.55 -36.20 -40.55
N ARG E 298 25.83 -35.97 -40.84
CA ARG E 298 26.91 -36.29 -39.93
C ARG E 298 26.91 -35.33 -38.77
N LEU E 299 26.48 -34.09 -38.98
CA LEU E 299 26.37 -33.17 -37.88
C LEU E 299 25.47 -33.73 -36.81
N LEU E 300 24.30 -34.19 -37.23
CA LEU E 300 23.35 -34.79 -36.31
C LEU E 300 23.96 -35.91 -35.52
N ILE E 301 24.54 -36.86 -36.23
CA ILE E 301 25.12 -38.03 -35.62
C ILE E 301 26.25 -37.68 -34.67
N ARG E 302 27.14 -36.83 -35.13
CA ARG E 302 28.29 -36.43 -34.36
C ARG E 302 27.91 -35.77 -33.07
N ASN E 303 27.01 -34.80 -33.11
CA ASN E 303 26.63 -34.14 -31.88
C ASN E 303 25.87 -35.04 -30.97
N THR E 304 25.17 -36.02 -31.52
CA THR E 304 24.41 -36.94 -30.70
C THR E 304 25.28 -37.86 -29.88
N LYS E 305 26.32 -38.42 -30.51
CA LYS E 305 27.24 -39.40 -29.88
C LYS E 305 27.43 -39.34 -28.35
N PRO E 306 27.89 -38.23 -27.74
CA PRO E 306 28.15 -38.10 -26.32
C PRO E 306 26.97 -38.49 -25.45
N LEU E 307 25.78 -38.32 -25.97
CA LEU E 307 24.57 -38.59 -25.21
C LEU E 307 24.43 -40.02 -24.76
N LEU E 308 25.15 -40.96 -25.38
CA LEU E 308 25.06 -42.35 -24.96
C LEU E 308 25.48 -42.56 -23.51
N GLN E 309 26.21 -41.62 -22.94
CA GLN E 309 26.66 -41.76 -21.58
C GLN E 309 25.68 -41.12 -20.57
N SER E 310 24.49 -40.73 -21.03
CA SER E 310 23.49 -40.10 -20.17
C SER E 310 22.97 -40.98 -19.04
N ARG E 311 22.64 -40.32 -17.93
CA ARG E 311 22.08 -41.02 -16.77
C ARG E 311 20.65 -41.46 -17.02
N ASN E 312 19.99 -40.84 -17.97
CA ASN E 312 18.59 -41.08 -18.21
C ASN E 312 18.36 -42.12 -19.27
N ALA E 313 17.87 -43.28 -18.85
CA ALA E 313 17.65 -44.40 -19.76
C ALA E 313 16.85 -44.00 -20.97
N ALA E 314 15.89 -43.11 -20.80
CA ALA E 314 15.07 -42.69 -21.90
C ALA E 314 15.92 -42.00 -22.94
N VAL E 315 16.91 -41.24 -22.49
CA VAL E 315 17.77 -40.56 -23.43
C VAL E 315 18.60 -41.55 -24.14
N VAL E 316 19.14 -42.50 -23.39
CA VAL E 316 20.01 -43.48 -23.97
C VAL E 316 19.29 -44.22 -25.06
N MET E 317 18.07 -44.63 -24.76
CA MET E 317 17.29 -45.35 -25.73
C MET E 317 16.94 -44.50 -26.92
N ALA E 318 16.62 -43.24 -26.67
CA ALA E 318 16.29 -42.36 -27.77
C ALA E 318 17.47 -42.23 -28.70
N VAL E 319 18.66 -42.12 -28.13
CA VAL E 319 19.85 -42.04 -28.93
C VAL E 319 20.06 -43.30 -29.70
N ALA E 320 19.88 -44.42 -29.03
CA ALA E 320 20.04 -45.70 -29.67
C ALA E 320 19.09 -45.81 -30.83
N GLN E 321 17.85 -45.35 -30.64
CA GLN E 321 16.87 -45.34 -31.69
C GLN E 321 17.34 -44.59 -32.87
N LEU E 322 17.82 -43.39 -32.63
CA LEU E 322 18.25 -42.55 -33.72
C LEU E 322 19.31 -43.25 -34.50
N TYR E 323 20.34 -43.75 -33.85
CA TYR E 323 21.36 -44.42 -34.63
C TYR E 323 20.80 -45.60 -35.36
N TRP E 324 19.95 -46.38 -34.72
CA TRP E 324 19.39 -47.54 -35.36
C TRP E 324 18.69 -47.23 -36.66
N HIS E 325 17.96 -46.13 -36.72
CA HIS E 325 17.27 -45.80 -37.95
C HIS E 325 17.99 -44.75 -38.79
N ILE E 326 19.17 -44.27 -38.36
CA ILE E 326 19.81 -43.17 -39.14
C ILE E 326 21.29 -43.48 -39.42
N SER E 327 22.02 -43.99 -38.43
CA SER E 327 23.45 -44.23 -38.57
C SER E 327 23.79 -45.20 -39.68
N PRO E 328 24.92 -44.99 -40.34
CA PRO E 328 25.54 -45.89 -41.29
C PRO E 328 25.65 -47.20 -40.58
N LYS E 329 25.38 -48.28 -41.28
CA LYS E 329 25.33 -49.57 -40.65
C LYS E 329 26.65 -49.98 -40.04
N SER E 330 27.75 -49.51 -40.62
CA SER E 330 29.08 -49.84 -40.09
C SER E 330 29.36 -49.25 -38.71
N GLU E 331 28.60 -48.23 -38.32
CA GLU E 331 28.81 -47.58 -37.03
C GLU E 331 27.79 -47.99 -35.99
N ALA E 332 26.82 -48.79 -36.39
CA ALA E 332 25.71 -49.15 -35.51
C ALA E 332 26.13 -49.84 -34.22
N GLY E 333 27.16 -50.68 -34.30
CA GLY E 333 27.61 -51.46 -33.15
C GLY E 333 27.88 -50.64 -31.89
N ILE E 334 28.20 -49.36 -32.04
CA ILE E 334 28.54 -48.52 -30.92
C ILE E 334 27.51 -48.47 -29.81
N ILE E 335 26.25 -48.73 -30.11
CA ILE E 335 25.23 -48.58 -29.07
C ILE E 335 24.96 -49.81 -28.24
N SER E 336 25.35 -50.98 -28.70
CA SER E 336 24.91 -52.14 -27.95
C SER E 336 25.56 -52.23 -26.59
N LYS E 337 26.74 -51.66 -26.44
CA LYS E 337 27.40 -51.64 -25.15
C LYS E 337 26.53 -50.95 -24.12
N SER E 338 25.98 -49.80 -24.50
CA SER E 338 25.15 -49.04 -23.60
C SER E 338 23.81 -49.69 -23.41
N LEU E 339 23.31 -50.36 -24.45
CA LEU E 339 22.05 -51.03 -24.31
C LEU E 339 22.17 -52.12 -23.28
N VAL E 340 23.32 -52.77 -23.24
CA VAL E 340 23.52 -53.77 -22.23
C VAL E 340 23.58 -53.16 -20.86
N ARG E 341 24.26 -52.01 -20.67
CA ARG E 341 24.30 -51.50 -19.30
C ARG E 341 22.95 -51.06 -18.81
N LEU E 342 22.02 -50.76 -19.73
CA LEU E 342 20.69 -50.40 -19.31
C LEU E 342 20.02 -51.54 -18.56
N LEU E 343 20.44 -52.77 -18.84
CA LEU E 343 19.85 -53.94 -18.23
C LEU E 343 20.15 -54.03 -16.76
N ARG E 344 21.09 -53.22 -16.28
CA ARG E 344 21.39 -53.19 -14.88
C ARG E 344 20.39 -52.40 -14.05
N SER E 345 19.47 -51.67 -14.68
CA SER E 345 18.55 -50.83 -13.90
C SER E 345 17.40 -51.62 -13.27
N ASN E 346 16.23 -51.00 -13.18
CA ASN E 346 15.11 -51.65 -12.52
C ASN E 346 14.33 -52.50 -13.52
N ARG E 347 13.38 -53.27 -13.00
CA ARG E 347 12.61 -54.21 -13.80
C ARG E 347 11.77 -53.59 -14.90
N GLU E 348 11.34 -52.35 -14.74
CA GLU E 348 10.56 -51.75 -15.80
C GLU E 348 11.47 -51.42 -16.96
N VAL E 349 12.63 -50.87 -16.63
CA VAL E 349 13.59 -50.55 -17.65
C VAL E 349 14.04 -51.81 -18.32
N GLN E 350 14.32 -52.83 -17.52
CA GLN E 350 14.78 -54.08 -18.08
C GLN E 350 13.78 -54.64 -19.03
N TYR E 351 12.52 -54.60 -18.65
CA TYR E 351 11.48 -55.11 -19.50
C TYR E 351 11.49 -54.42 -20.85
N ILE E 352 11.47 -53.10 -20.85
CA ILE E 352 11.44 -52.37 -22.10
C ILE E 352 12.70 -52.54 -22.92
N VAL E 353 13.83 -52.44 -22.27
CA VAL E 353 15.09 -52.56 -22.96
C VAL E 353 15.25 -53.91 -23.59
N LEU E 354 14.89 -54.97 -22.88
CA LEU E 354 14.98 -56.30 -23.42
C LEU E 354 14.11 -56.43 -24.64
N GLN E 355 12.94 -55.80 -24.64
CA GLN E 355 12.12 -55.85 -25.83
C GLN E 355 12.81 -55.16 -26.98
N ASN E 356 13.50 -54.06 -26.71
CA ASN E 356 14.23 -53.38 -27.76
C ASN E 356 15.39 -54.20 -28.27
N ILE E 357 16.08 -54.88 -27.35
CA ILE E 357 17.20 -55.74 -27.73
C ILE E 357 16.73 -56.88 -28.58
N ALA E 358 15.66 -57.54 -28.15
CA ALA E 358 15.10 -58.66 -28.87
C ALA E 358 14.68 -58.23 -30.25
N THR E 359 14.12 -57.04 -30.36
CA THR E 359 13.69 -56.52 -31.63
C THR E 359 14.88 -56.23 -32.54
N MET E 360 15.90 -55.58 -32.00
CA MET E 360 17.08 -55.22 -32.77
C MET E 360 17.90 -56.41 -33.26
N SER E 361 18.10 -57.39 -32.38
CA SER E 361 18.94 -58.56 -32.64
C SER E 361 18.48 -59.38 -33.83
N ILE E 362 17.20 -59.26 -34.17
CA ILE E 362 16.66 -59.95 -35.32
C ILE E 362 17.41 -59.56 -36.58
N GLN E 363 17.82 -58.30 -36.65
CA GLN E 363 18.51 -57.83 -37.83
C GLN E 363 20.02 -57.85 -37.64
N ARG E 364 20.48 -57.68 -36.41
CA ARG E 364 21.92 -57.64 -36.15
C ARG E 364 22.34 -58.45 -34.93
N LYS E 365 22.37 -59.77 -35.06
CA LYS E 365 22.72 -60.65 -33.94
C LYS E 365 24.12 -60.38 -33.37
N GLY E 366 25.05 -59.97 -34.23
CA GLY E 366 26.44 -59.72 -33.85
C GLY E 366 26.61 -58.57 -32.85
N MET E 367 25.60 -57.73 -32.70
CA MET E 367 25.70 -56.61 -31.77
C MET E 367 25.49 -57.00 -30.32
N PHE E 368 24.92 -58.17 -30.08
CA PHE E 368 24.63 -58.57 -28.71
C PHE E 368 25.34 -59.83 -28.30
N GLU E 369 25.63 -60.69 -29.26
CA GLU E 369 26.33 -61.94 -28.97
C GLU E 369 27.58 -61.82 -28.08
N PRO E 370 28.46 -60.81 -28.23
CA PRO E 370 29.64 -60.57 -27.42
C PRO E 370 29.31 -60.44 -25.94
N TYR E 371 28.07 -60.14 -25.63
CA TYR E 371 27.64 -59.96 -24.27
C TYR E 371 26.71 -61.08 -23.80
N LEU E 372 26.72 -62.20 -24.52
CA LEU E 372 25.79 -63.32 -24.28
C LEU E 372 25.50 -63.66 -22.82
N LYS E 373 26.52 -63.73 -21.98
CA LYS E 373 26.32 -64.11 -20.58
C LYS E 373 25.42 -63.15 -19.82
N SER E 374 25.33 -61.92 -20.28
CA SER E 374 24.50 -60.91 -19.64
C SER E 374 23.04 -61.22 -19.80
N PHE E 375 22.71 -62.12 -20.72
CA PHE E 375 21.33 -62.45 -20.95
C PHE E 375 20.93 -63.73 -20.24
N TYR E 376 21.79 -64.22 -19.35
CA TYR E 376 21.44 -65.44 -18.64
C TYR E 376 20.31 -65.19 -17.67
N VAL E 377 19.42 -66.17 -17.56
CA VAL E 377 18.24 -66.06 -16.72
C VAL E 377 18.52 -66.52 -15.33
N ARG E 378 18.10 -65.72 -14.36
CA ARG E 378 18.32 -66.07 -12.98
C ARG E 378 17.03 -66.25 -12.22
N SER E 379 17.13 -66.85 -11.04
CA SER E 379 15.96 -67.21 -10.24
C SER E 379 15.13 -66.04 -9.74
N THR E 380 15.70 -64.86 -9.71
CA THR E 380 14.98 -63.69 -9.24
C THR E 380 14.20 -63.04 -10.36
N ASP E 381 14.48 -63.41 -11.59
CA ASP E 381 13.81 -62.80 -12.71
C ASP E 381 12.34 -63.21 -12.77
N PRO E 382 11.43 -62.27 -12.95
CA PRO E 382 10.00 -62.43 -13.19
C PRO E 382 9.81 -63.24 -14.45
N THR E 383 8.76 -64.05 -14.50
CA THR E 383 8.49 -64.90 -15.66
C THR E 383 8.58 -64.15 -16.98
N MET E 384 8.01 -62.96 -17.04
CA MET E 384 8.04 -62.17 -18.27
C MET E 384 9.46 -61.75 -18.65
N ILE E 385 10.33 -61.61 -17.66
CA ILE E 385 11.71 -61.23 -17.89
C ILE E 385 12.48 -62.43 -18.31
N LYS E 386 12.19 -63.54 -17.65
CA LYS E 386 12.83 -64.79 -17.96
C LYS E 386 12.54 -65.13 -19.40
N THR E 387 11.32 -64.86 -19.81
CA THR E 387 10.90 -65.07 -21.17
C THR E 387 11.67 -64.19 -22.12
N LEU E 388 11.74 -62.90 -21.84
CA LEU E 388 12.45 -62.01 -22.75
C LEU E 388 13.91 -62.36 -22.91
N LYS E 389 14.58 -62.70 -21.82
CA LYS E 389 15.97 -63.06 -21.93
C LYS E 389 16.11 -64.30 -22.75
N LEU E 390 15.22 -65.24 -22.51
CA LEU E 390 15.20 -66.49 -23.23
C LEU E 390 15.07 -66.23 -24.73
N GLU E 391 14.19 -65.29 -25.09
CA GLU E 391 13.97 -64.91 -26.48
C GLU E 391 15.23 -64.34 -27.10
N ILE E 392 15.97 -63.55 -26.34
CA ILE E 392 17.22 -63.01 -26.81
C ILE E 392 18.25 -64.12 -26.97
N LEU E 393 18.31 -65.02 -25.98
CA LEU E 393 19.21 -66.16 -26.01
C LEU E 393 18.92 -67.01 -27.22
N THR E 394 17.64 -67.08 -27.60
CA THR E 394 17.22 -67.81 -28.79
C THR E 394 17.97 -67.27 -30.01
N ASN E 395 17.86 -65.95 -30.24
CA ASN E 395 18.55 -65.36 -31.39
C ASN E 395 20.06 -65.43 -31.31
N LEU E 396 20.61 -65.38 -30.10
CA LEU E 396 22.05 -65.40 -29.98
C LEU E 396 22.65 -66.79 -29.96
N ALA E 397 21.83 -67.84 -30.00
CA ALA E 397 22.35 -69.20 -29.97
C ALA E 397 22.87 -69.61 -31.33
N ASN E 398 24.01 -70.29 -31.32
CA ASN E 398 24.60 -70.82 -32.54
C ASN E 398 25.55 -71.95 -32.19
N GLU E 399 26.17 -72.55 -33.20
CA GLU E 399 27.05 -73.70 -32.98
C GLU E 399 28.30 -73.40 -32.16
N ALA E 400 28.67 -72.13 -32.01
CA ALA E 400 29.85 -71.79 -31.23
C ALA E 400 29.51 -71.59 -29.76
N ASN E 401 28.23 -71.66 -29.40
CA ASN E 401 27.85 -71.48 -28.01
C ASN E 401 26.70 -72.39 -27.57
N ILE E 402 26.18 -73.19 -28.50
CA ILE E 402 25.05 -74.08 -28.22
C ILE E 402 25.35 -75.11 -27.13
N SER E 403 26.62 -75.49 -27.01
CA SER E 403 27.04 -76.45 -26.00
C SER E 403 26.88 -75.91 -24.58
N THR E 404 26.85 -74.60 -24.43
CA THR E 404 26.68 -73.97 -23.15
C THR E 404 25.22 -73.63 -22.93
N LEU E 405 24.62 -73.01 -23.93
CA LEU E 405 23.25 -72.57 -23.81
C LEU E 405 22.28 -73.71 -23.58
N LEU E 406 22.49 -74.86 -24.22
CA LEU E 406 21.60 -75.99 -23.97
C LEU E 406 21.69 -76.44 -22.53
N ARG E 407 22.88 -76.41 -21.95
CA ARG E 407 23.05 -76.81 -20.56
C ARG E 407 22.31 -75.84 -19.66
N GLU E 408 22.35 -74.56 -20.03
CA GLU E 408 21.63 -73.55 -19.29
C GLU E 408 20.14 -73.77 -19.43
N PHE E 409 19.73 -74.17 -20.63
CA PHE E 409 18.33 -74.42 -20.90
C PHE E 409 17.85 -75.63 -20.12
N GLN E 410 18.71 -76.63 -19.95
CA GLN E 410 18.33 -77.80 -19.17
C GLN E 410 18.04 -77.41 -17.74
N THR E 411 18.88 -76.56 -17.17
CA THR E 411 18.67 -76.07 -15.82
C THR E 411 17.37 -75.29 -15.75
N TYR E 412 17.14 -74.48 -16.77
CA TYR E 412 15.93 -73.68 -16.87
C TYR E 412 14.69 -74.55 -16.94
N VAL E 413 14.79 -75.67 -17.64
CA VAL E 413 13.69 -76.62 -17.69
C VAL E 413 13.48 -77.27 -16.33
N LYS E 414 14.58 -77.58 -15.66
CA LYS E 414 14.53 -78.17 -14.32
C LYS E 414 13.91 -77.23 -13.28
N SER E 415 13.95 -75.91 -13.52
CA SER E 415 13.32 -74.96 -12.61
C SER E 415 11.85 -75.21 -12.43
N GLN E 416 11.37 -74.93 -11.22
CA GLN E 416 9.96 -75.13 -10.86
C GLN E 416 9.00 -74.26 -11.66
N ASP E 417 9.50 -73.22 -12.33
CA ASP E 417 8.60 -72.41 -13.14
C ASP E 417 8.35 -73.11 -14.45
N LYS E 418 7.32 -73.93 -14.45
CA LYS E 418 6.96 -74.73 -15.60
C LYS E 418 6.55 -73.93 -16.82
N GLN E 419 6.03 -72.72 -16.62
CA GLN E 419 5.68 -71.91 -17.79
C GLN E 419 6.95 -71.55 -18.51
N PHE E 420 7.94 -71.16 -17.72
CA PHE E 420 9.26 -70.85 -18.22
C PHE E 420 9.91 -72.06 -18.83
N ALA E 421 9.84 -73.19 -18.13
CA ALA E 421 10.43 -74.43 -18.60
C ALA E 421 9.86 -74.83 -19.96
N ALA E 422 8.55 -74.72 -20.13
CA ALA E 422 7.91 -75.07 -21.39
C ALA E 422 8.40 -74.17 -22.50
N ALA E 423 8.50 -72.88 -22.19
CA ALA E 423 9.00 -71.93 -23.15
C ALA E 423 10.44 -72.23 -23.51
N THR E 424 11.21 -72.63 -22.49
CA THR E 424 12.61 -72.98 -22.66
C THR E 424 12.73 -74.15 -23.59
N ILE E 425 11.84 -75.12 -23.46
CA ILE E 425 11.85 -76.25 -24.34
C ILE E 425 11.65 -75.82 -25.80
N GLN E 426 10.73 -74.89 -26.06
CA GLN E 426 10.62 -74.41 -27.43
C GLN E 426 11.88 -73.73 -27.88
N THR E 427 12.52 -72.97 -26.98
CA THR E 427 13.78 -72.33 -27.30
C THR E 427 14.80 -73.37 -27.67
N LEU E 619 11.55 -48.84 -33.72
CA LEU E 619 12.24 -49.30 -32.53
C LEU E 619 12.34 -48.20 -31.53
N GLY E 620 12.02 -48.48 -30.27
CA GLY E 620 12.14 -47.48 -29.23
C GLY E 620 10.83 -46.83 -28.80
N THR E 621 9.74 -47.05 -29.52
CA THR E 621 8.52 -46.39 -29.09
C THR E 621 7.45 -47.35 -28.58
N LEU E 622 6.32 -46.77 -28.19
CA LEU E 622 5.24 -47.52 -27.56
C LEU E 622 4.69 -48.58 -28.46
N SER E 623 4.42 -48.21 -29.70
CA SER E 623 3.84 -49.13 -30.64
C SER E 623 4.54 -50.48 -30.72
N HIS E 624 5.87 -50.53 -30.82
CA HIS E 624 6.45 -51.86 -30.94
C HIS E 624 6.47 -52.57 -29.61
N THR E 625 6.46 -51.81 -28.49
CA THR E 625 6.41 -52.48 -27.21
C THR E 625 5.05 -53.10 -26.99
N LEU E 626 4.03 -52.54 -27.63
CA LEU E 626 2.72 -53.14 -27.63
C LEU E 626 2.60 -54.13 -28.78
N ASN E 627 3.38 -53.86 -29.83
CA ASN E 627 3.32 -54.55 -31.10
C ASN E 627 1.95 -54.27 -31.71
N ILE E 628 1.45 -53.07 -31.43
CA ILE E 628 0.15 -52.56 -31.85
C ILE E 628 0.31 -51.12 -32.23
N LYS E 629 -0.22 -50.71 -33.37
CA LYS E 629 -0.07 -49.29 -33.71
C LYS E 629 -0.76 -48.45 -32.66
N ALA E 630 0.02 -47.72 -31.88
CA ALA E 630 -0.48 -46.90 -30.79
C ALA E 630 -1.07 -45.62 -31.32
N THR E 631 -1.96 -45.03 -30.54
CA THR E 631 -2.62 -43.81 -30.92
C THR E 631 -1.63 -42.70 -31.27
N GLY E 632 -1.75 -42.17 -32.47
CA GLY E 632 -0.88 -41.09 -32.90
C GLY E 632 0.46 -41.56 -33.48
N TYR E 633 0.67 -42.86 -33.58
CA TYR E 633 1.91 -43.41 -34.13
C TYR E 633 2.30 -42.78 -35.44
N LEU E 634 3.44 -42.14 -35.45
CA LEU E 634 3.93 -41.57 -36.67
C LEU E 634 4.67 -42.65 -37.39
N GLU E 635 4.56 -42.67 -38.70
CA GLU E 635 5.21 -43.71 -39.47
C GLU E 635 6.50 -43.19 -40.05
N LEU E 636 7.55 -44.00 -40.03
CA LEU E 636 8.80 -43.55 -40.62
C LEU E 636 8.80 -43.79 -42.10
N SER E 637 9.38 -42.87 -42.83
CA SER E 637 9.46 -43.02 -44.26
C SER E 637 10.73 -43.74 -44.63
N ASN E 638 10.79 -44.15 -45.88
CA ASN E 638 11.97 -44.78 -46.42
C ASN E 638 12.83 -43.68 -46.98
N TRP E 639 14.13 -43.88 -47.06
CA TRP E 639 14.96 -42.84 -47.63
C TRP E 639 14.44 -42.49 -49.01
N PRO E 640 14.21 -41.22 -49.29
CA PRO E 640 13.78 -40.68 -50.56
C PRO E 640 14.78 -41.05 -51.63
N GLU E 641 14.30 -41.26 -52.85
CA GLU E 641 15.24 -41.57 -53.91
C GLU E 641 16.08 -40.35 -54.21
N VAL E 642 15.47 -39.18 -54.08
CA VAL E 642 16.17 -37.93 -54.28
C VAL E 642 16.06 -37.07 -53.04
N ALA E 643 17.19 -36.60 -52.54
CA ALA E 643 17.18 -35.77 -51.36
C ALA E 643 16.55 -34.41 -51.65
N PRO E 644 15.82 -33.84 -50.70
CA PRO E 644 15.26 -32.50 -50.71
C PRO E 644 16.35 -31.46 -50.90
N ASP E 645 16.01 -30.35 -51.53
CA ASP E 645 16.98 -29.31 -51.85
C ASP E 645 17.70 -28.80 -50.60
N PRO E 646 19.03 -28.94 -50.57
CA PRO E 646 19.94 -28.69 -49.45
C PRO E 646 19.96 -27.26 -48.94
N SER E 647 19.45 -26.32 -49.73
CA SER E 647 19.44 -24.91 -49.34
C SER E 647 18.63 -24.66 -48.07
N VAL E 648 17.75 -25.60 -47.71
CA VAL E 648 16.95 -25.46 -46.51
C VAL E 648 17.69 -26.00 -45.28
N ARG E 649 19.00 -26.26 -45.42
CA ARG E 649 19.84 -26.85 -44.38
C ARG E 649 19.42 -28.29 -44.18
N ASN E 650 19.17 -28.97 -45.29
CA ASN E 650 18.69 -30.36 -45.33
C ASN E 650 17.79 -30.72 -44.17
N MET F 1 1.01 -35.80 -22.22
CA MET F 1 1.43 -37.18 -22.29
C MET F 1 0.79 -37.98 -21.18
N ILE F 2 1.07 -37.61 -19.94
CA ILE F 2 0.47 -38.32 -18.83
C ILE F 2 -0.80 -37.64 -18.38
N HIS F 3 -1.93 -38.29 -18.56
CA HIS F 3 -3.19 -37.66 -18.19
C HIS F 3 -3.49 -37.78 -16.73
N SER F 4 -3.16 -38.90 -16.12
CA SER F 4 -3.43 -39.04 -14.69
C SER F 4 -2.55 -40.06 -14.00
N LEU F 5 -2.56 -40.01 -12.69
CA LEU F 5 -1.76 -40.90 -11.87
C LEU F 5 -2.55 -41.49 -10.73
N PHE F 6 -2.49 -42.81 -10.59
CA PHE F 6 -3.14 -43.50 -9.50
C PHE F 6 -2.13 -44.26 -8.67
N LEU F 7 -2.22 -44.16 -7.37
CA LEU F 7 -1.36 -44.95 -6.53
C LEU F 7 -2.18 -46.10 -6.04
N ILE F 8 -1.74 -47.32 -6.34
CA ILE F 8 -2.48 -48.48 -5.96
C ILE F 8 -1.84 -49.27 -4.86
N ASN F 9 -2.57 -49.39 -3.76
CA ASN F 9 -2.14 -50.19 -2.64
C ASN F 9 -2.11 -51.61 -3.07
N CYS F 10 -1.02 -52.31 -2.77
CA CYS F 10 -0.86 -53.70 -3.19
C CYS F 10 -1.96 -54.67 -2.70
N SER F 11 -2.80 -54.22 -1.77
CA SER F 11 -3.95 -54.97 -1.30
C SER F 11 -5.11 -54.89 -2.30
N GLY F 12 -4.99 -54.02 -3.30
CA GLY F 12 -6.01 -53.86 -4.32
C GLY F 12 -6.85 -52.59 -4.10
N ASP F 13 -6.21 -51.52 -3.64
CA ASP F 13 -6.99 -50.31 -3.33
C ASP F 13 -6.46 -49.01 -3.93
N ILE F 14 -7.36 -48.21 -4.50
CA ILE F 14 -6.94 -46.92 -5.03
C ILE F 14 -6.59 -46.00 -3.91
N PHE F 15 -5.32 -45.98 -3.59
CA PHE F 15 -4.83 -45.17 -2.52
C PHE F 15 -4.94 -43.68 -2.75
N LEU F 16 -4.46 -43.22 -3.89
CA LEU F 16 -4.47 -41.78 -4.16
C LEU F 16 -4.51 -41.43 -5.63
N GLU F 17 -5.23 -40.38 -5.98
CA GLU F 17 -5.28 -40.04 -7.40
C GLU F 17 -4.97 -38.58 -7.69
N LYS F 18 -4.47 -38.35 -8.89
CA LYS F 18 -4.09 -37.05 -9.40
C LYS F 18 -4.44 -36.92 -10.86
N HIS F 19 -5.10 -35.83 -11.23
CA HIS F 19 -5.46 -35.67 -12.63
C HIS F 19 -4.87 -34.41 -13.19
N TRP F 20 -4.33 -34.47 -14.38
CA TRP F 20 -3.77 -33.30 -15.01
C TRP F 20 -4.59 -32.79 -16.16
N LYS F 21 -5.06 -33.70 -17.01
CA LYS F 21 -5.80 -33.20 -18.14
C LYS F 21 -7.29 -33.31 -18.01
N SER F 22 -7.77 -34.36 -17.41
CA SER F 22 -9.20 -34.50 -17.25
C SER F 22 -9.46 -35.52 -16.20
N VAL F 23 -10.68 -35.63 -15.75
CA VAL F 23 -10.94 -36.58 -14.71
C VAL F 23 -11.03 -37.96 -15.28
N VAL F 24 -10.03 -38.76 -15.01
CA VAL F 24 -10.04 -40.12 -15.47
C VAL F 24 -10.83 -40.99 -14.54
N SER F 25 -11.79 -41.70 -15.07
CA SER F 25 -12.61 -42.58 -14.25
C SER F 25 -11.79 -43.61 -13.54
N GLN F 26 -12.10 -43.83 -12.28
CA GLN F 26 -11.40 -44.82 -11.49
C GLN F 26 -11.62 -46.22 -12.02
N SER F 27 -12.69 -46.41 -12.80
CA SER F 27 -12.98 -47.70 -13.35
C SER F 27 -11.89 -48.18 -14.28
N VAL F 28 -11.06 -47.27 -14.78
CA VAL F 28 -9.97 -47.66 -15.64
C VAL F 28 -9.03 -48.63 -14.96
N CYS F 29 -8.96 -48.59 -13.62
CA CYS F 29 -8.04 -49.44 -12.90
C CYS F 29 -8.51 -50.87 -12.84
N ASP F 30 -9.73 -51.15 -13.30
CA ASP F 30 -10.21 -52.51 -13.36
C ASP F 30 -9.30 -53.33 -14.23
N TYR F 31 -8.74 -52.72 -15.26
CA TYR F 31 -7.88 -53.44 -16.15
C TYR F 31 -6.56 -53.72 -15.50
N PHE F 32 -6.10 -52.78 -14.70
CA PHE F 32 -4.90 -53.00 -13.93
C PHE F 32 -5.08 -54.18 -13.02
N PHE F 33 -6.20 -54.16 -12.30
CA PHE F 33 -6.49 -55.22 -11.36
C PHE F 33 -6.65 -56.54 -12.05
N GLU F 34 -7.25 -56.54 -13.24
CA GLU F 34 -7.31 -57.74 -14.03
C GLU F 34 -5.94 -58.29 -14.32
N ALA F 35 -5.05 -57.41 -14.78
CA ALA F 35 -3.69 -57.82 -15.07
C ALA F 35 -3.02 -58.32 -13.81
N GLN F 36 -3.30 -57.67 -12.69
CA GLN F 36 -2.74 -58.09 -11.44
C GLN F 36 -3.22 -59.48 -11.11
N GLU F 37 -4.49 -59.74 -11.37
CA GLU F 37 -5.07 -61.05 -11.13
C GLU F 37 -4.46 -62.12 -12.01
N LYS F 38 -4.14 -61.74 -13.23
CA LYS F 38 -3.54 -62.66 -14.17
C LYS F 38 -2.02 -62.69 -14.08
N ALA F 39 -1.44 -61.92 -13.15
CA ALA F 39 -0.01 -61.90 -12.99
C ALA F 39 0.42 -62.98 -12.02
N ALA F 40 1.57 -63.56 -12.28
CA ALA F 40 2.12 -64.57 -11.40
C ALA F 40 2.44 -64.00 -10.04
N ASP F 41 2.96 -62.77 -10.04
CA ASP F 41 3.32 -62.11 -8.81
C ASP F 41 3.35 -60.61 -9.02
N VAL F 42 3.56 -59.86 -7.94
CA VAL F 42 3.62 -58.41 -8.02
C VAL F 42 4.81 -57.92 -8.82
N GLU F 43 5.84 -58.74 -8.93
CA GLU F 43 6.98 -58.35 -9.72
C GLU F 43 6.85 -58.84 -11.14
N ASN F 44 5.77 -59.54 -11.47
CA ASN F 44 5.60 -60.02 -12.83
C ASN F 44 4.48 -59.31 -13.54
N VAL F 45 4.22 -58.08 -13.14
CA VAL F 45 3.19 -57.28 -13.77
C VAL F 45 3.81 -56.53 -14.94
N PRO F 46 3.27 -56.66 -16.15
CA PRO F 46 3.76 -56.06 -17.36
C PRO F 46 3.68 -54.56 -17.21
N PRO F 47 4.78 -53.84 -17.31
CA PRO F 47 4.93 -52.41 -17.19
C PRO F 47 3.99 -51.68 -18.08
N VAL F 48 3.70 -52.22 -19.25
CA VAL F 48 2.76 -51.56 -20.14
C VAL F 48 1.54 -52.43 -20.40
N ILE F 49 0.37 -51.88 -20.15
CA ILE F 49 -0.88 -52.60 -20.33
C ILE F 49 -1.85 -51.86 -21.21
N SER F 50 -2.34 -52.51 -22.25
CA SER F 50 -3.30 -51.83 -23.11
C SER F 50 -4.72 -52.10 -22.68
N THR F 51 -5.52 -51.05 -22.62
CA THR F 51 -6.91 -51.18 -22.25
C THR F 51 -7.68 -50.64 -23.45
N PRO F 52 -9.01 -50.82 -23.53
CA PRO F 52 -9.90 -50.37 -24.60
C PRO F 52 -9.68 -48.91 -24.93
N HIS F 53 -9.44 -48.13 -23.90
CA HIS F 53 -9.08 -46.76 -24.05
C HIS F 53 -7.98 -46.51 -23.08
N HIS F 54 -6.96 -45.79 -23.51
CA HIS F 54 -5.82 -45.44 -22.67
C HIS F 54 -4.87 -46.60 -22.45
N TYR F 55 -3.63 -46.26 -22.25
CA TYR F 55 -2.62 -47.25 -22.02
C TYR F 55 -2.16 -47.06 -20.60
N LEU F 56 -1.90 -48.14 -19.90
CA LEU F 56 -1.42 -47.97 -18.55
C LEU F 56 0.05 -48.26 -18.48
N ILE F 57 0.77 -47.40 -17.81
CA ILE F 57 2.17 -47.63 -17.62
C ILE F 57 2.45 -47.60 -16.17
N SER F 58 3.12 -48.61 -15.66
CA SER F 58 3.30 -48.65 -14.23
C SER F 58 4.65 -49.10 -13.75
N ILE F 59 4.95 -48.71 -12.52
CA ILE F 59 6.19 -49.07 -11.87
C ILE F 59 5.93 -49.70 -10.53
N TYR F 60 6.50 -50.87 -10.33
CA TYR F 60 6.34 -51.53 -9.07
C TYR F 60 7.54 -51.31 -8.20
N ARG F 61 7.33 -50.75 -7.03
CA ARG F 61 8.42 -50.55 -6.12
C ARG F 61 7.91 -50.20 -4.75
N ASP F 62 8.68 -50.54 -3.73
CA ASP F 62 8.30 -50.23 -2.36
C ASP F 62 6.91 -50.75 -2.03
N LYS F 63 6.58 -51.95 -2.54
CA LYS F 63 5.28 -52.56 -2.37
C LYS F 63 4.13 -51.62 -2.75
N LEU F 64 4.33 -50.84 -3.79
CA LEU F 64 3.35 -49.89 -4.26
C LEU F 64 3.35 -49.77 -5.76
N PHE F 65 2.18 -49.76 -6.37
CA PHE F 65 2.17 -49.61 -7.80
C PHE F 65 1.85 -48.22 -8.24
N PHE F 66 2.77 -47.64 -8.97
CA PHE F 66 2.52 -46.34 -9.54
C PHE F 66 1.89 -46.59 -10.87
N VAL F 67 0.65 -46.19 -11.05
CA VAL F 67 0.01 -46.45 -12.32
C VAL F 67 -0.36 -45.18 -13.03
N SER F 68 0.20 -44.96 -14.19
CA SER F 68 -0.10 -43.76 -14.94
C SER F 68 -1.02 -44.05 -16.10
N VAL F 69 -1.76 -43.03 -16.53
CA VAL F 69 -2.68 -43.18 -17.65
C VAL F 69 -2.22 -42.34 -18.83
N ILE F 70 -1.96 -43.01 -19.94
CA ILE F 70 -1.49 -42.39 -21.17
C ILE F 70 -2.51 -42.40 -22.27
N GLN F 71 -2.74 -41.25 -22.88
CA GLN F 71 -3.71 -41.14 -23.96
C GLN F 71 -3.18 -41.47 -25.32
N THR F 72 -2.00 -40.95 -25.65
CA THR F 72 -1.43 -41.15 -26.98
C THR F 72 -0.03 -41.69 -26.87
N GLU F 73 0.53 -42.09 -28.00
CA GLU F 73 1.87 -42.63 -27.98
C GLU F 73 2.92 -41.74 -27.38
N VAL F 74 3.61 -42.29 -26.39
CA VAL F 74 4.71 -41.67 -25.69
C VAL F 74 5.75 -42.74 -25.48
N PRO F 75 7.03 -42.48 -25.74
CA PRO F 75 8.13 -43.40 -25.52
C PRO F 75 8.01 -43.91 -24.10
N PRO F 76 7.82 -45.21 -23.90
CA PRO F 76 7.62 -45.88 -22.64
C PRO F 76 8.63 -45.48 -21.59
N LEU F 77 9.89 -45.34 -22.00
CA LEU F 77 10.90 -44.98 -21.03
C LEU F 77 10.77 -43.55 -20.57
N PHE F 78 10.25 -42.68 -21.42
CA PHE F 78 10.05 -41.31 -21.01
C PHE F 78 9.14 -41.31 -19.81
N VAL F 79 8.05 -42.05 -19.94
CA VAL F 79 7.09 -42.14 -18.87
C VAL F 79 7.66 -42.85 -17.68
N ILE F 80 8.34 -43.97 -17.91
CA ILE F 80 8.90 -44.75 -16.82
C ILE F 80 9.92 -44.00 -16.02
N GLU F 81 10.84 -43.34 -16.68
CA GLU F 81 11.83 -42.61 -15.90
C GLU F 81 11.20 -41.47 -15.16
N PHE F 82 10.27 -40.76 -15.78
CA PHE F 82 9.64 -39.67 -15.09
C PHE F 82 8.93 -40.15 -13.88
N LEU F 83 8.09 -41.16 -14.07
CA LEU F 83 7.32 -41.70 -12.98
C LEU F 83 8.22 -42.21 -11.88
N HIS F 84 9.29 -42.89 -12.27
CA HIS F 84 10.22 -43.42 -11.30
C HIS F 84 10.85 -42.28 -10.51
N ARG F 85 11.18 -41.20 -11.22
CA ARG F 85 11.78 -40.02 -10.64
C ARG F 85 10.86 -39.44 -9.57
N VAL F 86 9.56 -39.45 -9.84
CA VAL F 86 8.57 -38.99 -8.88
C VAL F 86 8.64 -39.76 -7.60
N ALA F 87 8.72 -41.08 -7.72
CA ALA F 87 8.81 -41.90 -6.53
C ALA F 87 10.06 -41.54 -5.74
N ASP F 88 11.17 -41.33 -6.44
CA ASP F 88 12.40 -40.96 -5.76
C ASP F 88 12.25 -39.63 -5.04
N THR F 89 11.52 -38.71 -5.66
CA THR F 89 11.25 -37.42 -5.07
C THR F 89 10.51 -37.57 -3.77
N PHE F 90 9.54 -38.47 -3.73
CA PHE F 90 8.79 -38.67 -2.51
C PHE F 90 9.70 -39.13 -1.40
N GLN F 91 10.64 -40.01 -1.72
CA GLN F 91 11.58 -40.44 -0.70
C GLN F 91 12.42 -39.26 -0.20
N ASP F 92 12.82 -38.39 -1.12
CA ASP F 92 13.60 -37.21 -0.74
C ASP F 92 12.87 -36.29 0.23
N TYR F 93 11.61 -36.00 -0.07
CA TYR F 93 10.82 -35.11 0.77
C TYR F 93 10.32 -35.69 2.06
N PHE F 94 10.01 -36.97 2.09
CA PHE F 94 9.44 -37.49 3.30
C PHE F 94 10.37 -38.45 4.02
N GLY F 95 11.47 -38.81 3.37
CA GLY F 95 12.47 -39.70 3.93
C GLY F 95 12.18 -41.16 3.58
N GLU F 96 10.96 -41.42 3.16
CA GLU F 96 10.52 -42.74 2.81
C GLU F 96 9.42 -42.64 1.81
N CYS F 97 9.46 -43.48 0.80
CA CYS F 97 8.39 -43.47 -0.15
C CYS F 97 7.43 -44.59 0.20
N SER F 98 6.37 -44.23 0.92
CA SER F 98 5.37 -45.19 1.36
C SER F 98 4.04 -44.52 1.51
N GLU F 99 3.00 -45.31 1.51
CA GLU F 99 1.67 -44.75 1.63
C GLU F 99 1.51 -44.06 2.94
N ALA F 100 2.09 -44.61 3.99
CA ALA F 100 1.97 -44.02 5.30
C ALA F 100 2.57 -42.62 5.30
N ALA F 101 3.73 -42.46 4.65
CA ALA F 101 4.35 -41.14 4.59
C ALA F 101 3.43 -40.18 3.86
N ILE F 102 2.82 -40.67 2.80
CA ILE F 102 1.90 -39.87 2.01
C ILE F 102 0.66 -39.52 2.79
N LYS F 103 0.09 -40.50 3.50
CA LYS F 103 -1.12 -40.29 4.29
C LYS F 103 -0.95 -39.13 5.23
N ASP F 104 0.23 -38.98 5.80
CA ASP F 104 0.50 -37.87 6.68
C ASP F 104 0.77 -36.58 5.92
N ASN F 105 1.39 -36.67 4.76
CA ASN F 105 1.76 -35.48 4.02
C ASN F 105 0.99 -35.27 2.73
N VAL F 106 -0.24 -35.77 2.66
CA VAL F 106 -1.04 -35.70 1.44
C VAL F 106 -1.01 -34.38 0.72
N VAL F 107 -1.21 -33.29 1.45
CA VAL F 107 -1.26 -31.99 0.81
C VAL F 107 0.03 -31.66 0.10
N ILE F 108 1.14 -31.88 0.77
CA ILE F 108 2.43 -31.59 0.17
C ILE F 108 2.64 -32.48 -1.03
N VAL F 109 2.30 -33.74 -0.89
CA VAL F 109 2.45 -34.69 -1.96
C VAL F 109 1.71 -34.25 -3.18
N TYR F 110 0.48 -33.83 -2.99
CA TYR F 110 -0.35 -33.45 -4.09
C TYR F 110 0.27 -32.23 -4.79
N GLU F 111 0.76 -31.29 -4.00
CA GLU F 111 1.42 -30.11 -4.54
C GLU F 111 2.66 -30.45 -5.33
N LEU F 112 3.43 -31.42 -4.85
CA LEU F 112 4.64 -31.82 -5.56
C LEU F 112 4.28 -32.35 -6.91
N LEU F 113 3.20 -33.12 -6.99
CA LEU F 113 2.77 -33.64 -8.26
C LEU F 113 2.38 -32.52 -9.19
N GLU F 114 1.75 -31.49 -8.65
CA GLU F 114 1.40 -30.35 -9.46
C GLU F 114 2.61 -29.62 -9.99
N GLU F 115 3.66 -29.49 -9.19
CA GLU F 115 4.84 -28.82 -9.67
C GLU F 115 5.63 -29.60 -10.68
N MET F 116 5.72 -30.90 -10.48
CA MET F 116 6.51 -31.70 -11.38
C MET F 116 5.92 -31.92 -12.75
N LEU F 117 4.62 -32.08 -12.87
CA LEU F 117 4.13 -32.35 -14.20
C LEU F 117 3.17 -31.29 -14.65
N ASP F 118 3.42 -30.71 -15.82
CA ASP F 118 2.58 -29.66 -16.33
C ASP F 118 1.70 -30.12 -17.47
N ASN F 119 0.46 -30.41 -17.18
CA ASN F 119 -0.49 -30.83 -18.19
C ASN F 119 0.02 -32.00 -19.01
N GLY F 120 0.65 -32.95 -18.36
CA GLY F 120 1.15 -34.11 -19.05
C GLY F 120 2.61 -34.04 -19.45
N PHE F 121 3.24 -32.87 -19.39
CA PHE F 121 4.66 -32.80 -19.75
C PHE F 121 5.46 -32.21 -18.59
N PRO F 122 6.60 -32.80 -18.21
CA PRO F 122 7.45 -32.42 -17.08
C PRO F 122 7.82 -30.95 -17.05
N LEU F 123 7.69 -30.37 -15.85
CA LEU F 123 8.03 -28.99 -15.59
C LEU F 123 9.12 -28.88 -14.54
N ALA F 124 8.76 -29.07 -13.27
CA ALA F 124 9.80 -29.07 -12.25
C ALA F 124 10.45 -30.42 -12.31
N THR F 125 11.76 -30.45 -12.21
CA THR F 125 12.44 -31.72 -12.37
C THR F 125 13.44 -31.98 -11.26
N GLU F 126 14.66 -31.52 -11.46
CA GLU F 126 15.73 -31.75 -10.52
C GLU F 126 15.43 -31.15 -9.17
N SER F 127 15.82 -31.89 -8.15
CA SER F 127 15.58 -31.57 -6.76
C SER F 127 16.16 -30.25 -6.30
N ASN F 128 17.23 -29.80 -6.91
CA ASN F 128 17.77 -28.52 -6.50
C ASN F 128 16.94 -27.32 -6.93
N ILE F 129 15.93 -27.55 -7.76
CA ILE F 129 15.00 -26.50 -8.10
C ILE F 129 13.77 -26.73 -7.29
N LEU F 130 13.28 -27.96 -7.34
CA LEU F 130 12.06 -28.34 -6.66
C LEU F 130 12.12 -28.05 -5.16
N LYS F 131 13.26 -28.33 -4.52
CA LYS F 131 13.44 -28.04 -3.09
C LYS F 131 13.29 -26.56 -2.77
N GLU F 132 13.52 -25.69 -3.75
CA GLU F 132 13.37 -24.28 -3.53
C GLU F 132 11.95 -23.84 -3.82
N LEU F 133 11.30 -24.49 -4.77
CA LEU F 133 9.92 -24.14 -5.07
C LEU F 133 9.02 -24.54 -3.92
N ILE F 134 9.23 -25.75 -3.41
CA ILE F 134 8.50 -26.22 -2.25
C ILE F 134 9.46 -26.70 -1.18
N LYS F 135 9.47 -26.02 -0.06
CA LYS F 135 10.36 -26.37 1.02
C LYS F 135 9.87 -27.67 1.62
N PRO F 136 10.76 -28.59 1.95
CA PRO F 136 10.48 -29.88 2.54
C PRO F 136 10.04 -29.68 3.98
N PRO F 137 9.12 -30.49 4.46
CA PRO F 137 8.53 -30.47 5.77
C PRO F 137 9.47 -31.01 6.81
N THR F 138 9.70 -30.22 7.84
CA THR F 138 10.51 -30.65 8.97
C THR F 138 9.78 -30.26 10.24
N ILE F 139 10.22 -30.77 11.38
CA ILE F 139 9.57 -30.43 12.63
C ILE F 139 9.73 -28.97 12.93
N LEU F 140 10.96 -28.49 12.83
CA LEU F 140 11.27 -27.10 13.11
C LEU F 140 10.54 -26.19 12.14
N ARG F 141 10.45 -26.62 10.89
CA ARG F 141 9.76 -25.82 9.92
C ARG F 141 8.29 -25.71 10.24
N SER F 142 7.68 -26.81 10.70
CA SER F 142 6.26 -26.76 11.05
C SER F 142 6.03 -25.86 12.25
N VAL F 143 7.05 -25.75 13.12
CA VAL F 143 6.96 -24.84 14.25
C VAL F 143 6.91 -23.42 13.76
N VAL F 144 7.80 -23.10 12.82
CA VAL F 144 7.82 -21.78 12.22
C VAL F 144 6.48 -21.50 11.55
N ASN F 145 5.99 -22.50 10.82
CA ASN F 145 4.72 -22.41 10.13
C ASN F 145 3.54 -22.18 11.07
N SER F 146 3.58 -22.74 12.26
CA SER F 146 2.49 -22.51 13.20
C SER F 146 2.43 -21.05 13.67
N ILE F 147 3.52 -20.31 13.46
CA ILE F 147 3.62 -18.92 13.87
C ILE F 147 3.40 -17.96 12.72
N THR F 148 4.13 -18.16 11.64
CA THR F 148 4.09 -17.27 10.50
C THR F 148 3.07 -17.68 9.45
N GLY F 149 2.57 -18.90 9.54
CA GLY F 149 1.63 -19.43 8.57
C GLY F 149 2.34 -20.51 7.77
N SER F 150 1.59 -21.50 7.31
CA SER F 150 2.11 -22.66 6.58
C SER F 150 2.71 -22.32 5.24
N SER F 151 3.83 -21.61 5.23
CA SER F 151 4.42 -21.22 3.99
C SER F 151 5.63 -22.02 3.62
N ASN F 152 5.45 -22.88 2.63
CA ASN F 152 6.54 -23.68 2.13
C ASN F 152 6.77 -23.39 0.67
N VAL F 153 6.03 -22.44 0.10
CA VAL F 153 6.21 -22.14 -1.30
C VAL F 153 6.94 -20.83 -1.51
N GLY F 154 7.98 -20.87 -2.33
CA GLY F 154 8.77 -19.68 -2.61
C GLY F 154 8.00 -18.68 -3.45
N ASP F 155 8.33 -17.40 -3.30
CA ASP F 155 7.66 -16.35 -4.05
C ASP F 155 8.43 -15.90 -5.28
N THR F 156 9.59 -16.49 -5.52
CA THR F 156 10.39 -16.13 -6.68
C THR F 156 10.91 -17.37 -7.35
N LEU F 157 11.44 -17.20 -8.55
CA LEU F 157 12.05 -18.30 -9.25
C LEU F 157 13.42 -18.54 -8.67
N PRO F 158 13.81 -19.77 -8.43
CA PRO F 158 15.15 -20.15 -8.04
C PRO F 158 16.05 -19.59 -9.12
N THR F 159 17.04 -18.80 -8.73
CA THR F 159 17.90 -18.13 -9.69
C THR F 159 18.56 -19.12 -10.63
N GLY F 160 18.97 -20.26 -10.08
CA GLY F 160 19.62 -21.32 -10.83
C GLY F 160 18.77 -21.81 -12.00
N GLN F 161 17.44 -21.71 -11.89
CA GLN F 161 16.53 -22.13 -12.95
C GLN F 161 16.79 -21.43 -14.26
N LEU F 162 17.25 -20.20 -14.20
CA LEU F 162 17.50 -19.45 -15.41
C LEU F 162 18.98 -19.29 -15.69
N SER F 163 19.81 -20.02 -14.96
CA SER F 163 21.24 -19.97 -15.16
C SER F 163 21.65 -21.07 -16.12
N ASN F 164 22.92 -21.11 -16.44
CA ASN F 164 23.45 -22.16 -17.29
C ASN F 164 23.89 -23.38 -16.47
N ILE F 165 23.60 -23.36 -15.17
CA ILE F 165 23.87 -24.46 -14.26
C ILE F 165 22.65 -24.75 -13.39
N PRO F 166 21.53 -25.19 -14.00
CA PRO F 166 20.23 -25.45 -13.40
C PRO F 166 20.23 -26.52 -12.36
N TRP F 167 21.23 -27.39 -12.36
CA TRP F 167 21.23 -28.43 -11.36
C TRP F 167 21.79 -27.97 -10.03
N ARG F 168 22.26 -26.73 -9.93
CA ARG F 168 22.79 -26.26 -8.67
C ARG F 168 22.03 -25.05 -8.15
N ARG F 169 21.79 -25.06 -6.85
CA ARG F 169 21.09 -23.98 -6.19
C ARG F 169 21.97 -22.76 -6.14
N ALA F 170 21.39 -21.59 -6.29
CA ALA F 170 22.18 -20.38 -6.21
C ALA F 170 22.21 -19.88 -4.78
N GLY F 171 23.31 -19.23 -4.40
CA GLY F 171 23.42 -18.64 -3.08
C GLY F 171 23.66 -19.66 -1.96
N VAL F 172 24.20 -20.81 -2.31
CA VAL F 172 24.47 -21.83 -1.32
C VAL F 172 25.51 -21.38 -0.31
N LYS F 173 25.21 -21.57 0.97
CA LYS F 173 26.15 -21.15 2.00
C LYS F 173 26.31 -22.14 3.14
N TYR F 174 27.55 -22.51 3.38
CA TYR F 174 27.94 -23.39 4.47
C TYR F 174 29.10 -22.78 5.23
N THR F 175 29.18 -23.05 6.51
CA THR F 175 30.38 -22.67 7.24
C THR F 175 31.28 -23.87 7.37
N ASN F 176 30.68 -25.04 7.39
CA ASN F 176 31.39 -26.28 7.44
C ASN F 176 31.45 -26.87 6.04
N ASN F 177 32.36 -26.36 5.24
CA ASN F 177 32.42 -26.83 3.87
C ASN F 177 33.08 -28.19 3.76
N GLU F 178 32.38 -29.09 3.08
CA GLU F 178 32.88 -30.44 2.91
C GLU F 178 32.29 -31.12 1.72
N ALA F 179 32.93 -32.20 1.30
CA ALA F 179 32.44 -32.98 0.19
C ALA F 179 32.83 -34.42 0.37
N TYR F 180 31.93 -35.32 0.04
CA TYR F 180 32.24 -36.72 0.17
C TYR F 180 32.01 -37.48 -1.09
N PHE F 181 32.87 -38.44 -1.33
CA PHE F 181 32.72 -39.33 -2.46
C PHE F 181 32.75 -40.75 -2.01
N ASP F 182 31.65 -41.43 -2.22
CA ASP F 182 31.53 -42.81 -1.86
C ASP F 182 31.58 -43.69 -3.08
N VAL F 183 32.69 -44.36 -3.23
CA VAL F 183 32.89 -45.23 -4.36
C VAL F 183 32.41 -46.60 -3.98
N VAL F 184 31.28 -47.00 -4.54
CA VAL F 184 30.73 -48.28 -4.22
C VAL F 184 30.75 -49.20 -5.41
N GLU F 185 31.35 -50.35 -5.24
CA GLU F 185 31.43 -51.29 -6.33
C GLU F 185 30.40 -52.37 -6.15
N GLU F 186 29.92 -52.91 -7.26
CA GLU F 186 28.91 -53.93 -7.21
C GLU F 186 29.35 -55.26 -7.79
N ILE F 187 29.30 -56.31 -6.98
CA ILE F 187 29.65 -57.63 -7.48
C ILE F 187 28.43 -58.41 -7.87
N ASP F 188 28.21 -58.51 -9.16
CA ASP F 188 27.07 -59.26 -9.66
C ASP F 188 27.58 -60.56 -10.28
N ALA F 189 27.15 -61.71 -9.76
CA ALA F 189 27.78 -62.95 -10.19
C ALA F 189 26.88 -64.18 -10.18
N ILE F 190 27.17 -65.09 -11.11
CA ILE F 190 26.54 -66.38 -11.27
C ILE F 190 27.57 -67.45 -11.02
N ILE F 191 27.35 -68.25 -9.99
CA ILE F 191 28.29 -69.28 -9.62
C ILE F 191 27.72 -70.67 -9.89
N ASP F 192 28.53 -71.48 -10.54
CA ASP F 192 28.23 -72.85 -10.89
C ASP F 192 28.11 -73.72 -9.66
N LYS F 193 27.40 -74.83 -9.78
CA LYS F 193 27.25 -75.78 -8.68
C LYS F 193 28.59 -76.32 -8.17
N SER F 194 29.63 -76.29 -9.02
CA SER F 194 30.97 -76.71 -8.66
C SER F 194 31.77 -75.63 -7.93
N GLY F 195 31.23 -74.41 -7.86
CA GLY F 195 31.93 -73.29 -7.26
C GLY F 195 32.61 -72.42 -8.32
N SER F 196 32.67 -72.92 -9.55
CA SER F 196 33.26 -72.18 -10.66
C SER F 196 32.41 -70.96 -11.01
N THR F 197 33.06 -69.87 -11.35
CA THR F 197 32.29 -68.68 -11.72
C THR F 197 31.79 -68.78 -13.13
N VAL F 198 30.47 -68.72 -13.29
CA VAL F 198 29.88 -68.77 -14.62
C VAL F 198 30.00 -67.42 -15.27
N PHE F 199 29.54 -66.42 -14.54
CA PHE F 199 29.58 -65.06 -14.99
C PHE F 199 29.72 -64.09 -13.86
N ALA F 200 30.60 -63.13 -14.00
CA ALA F 200 30.73 -62.14 -12.97
C ALA F 200 31.16 -60.84 -13.56
N GLU F 201 30.65 -59.77 -13.02
CA GLU F 201 31.04 -58.46 -13.49
C GLU F 201 30.93 -57.44 -12.39
N ILE F 202 31.83 -56.47 -12.45
CA ILE F 202 31.83 -55.43 -11.47
C ILE F 202 31.25 -54.17 -12.07
N GLN F 203 30.20 -53.70 -11.46
CA GLN F 203 29.58 -52.45 -11.85
C GLN F 203 29.92 -51.50 -10.75
N GLY F 204 29.65 -50.23 -10.91
CA GLY F 204 29.97 -49.37 -9.79
C GLY F 204 29.35 -48.02 -9.89
N VAL F 205 29.38 -47.31 -8.79
CA VAL F 205 28.82 -46.00 -8.73
C VAL F 205 29.54 -45.12 -7.76
N ILE F 206 29.72 -43.87 -8.12
CA ILE F 206 30.32 -42.94 -7.21
C ILE F 206 29.26 -41.97 -6.77
N ASP F 207 28.88 -42.06 -5.50
CA ASP F 207 27.87 -41.19 -4.93
C ASP F 207 28.52 -40.00 -4.33
N ALA F 208 27.81 -38.90 -4.27
CA ALA F 208 28.43 -37.73 -3.70
C ALA F 208 27.51 -36.93 -2.84
N CYS F 209 28.10 -36.40 -1.78
CA CYS F 209 27.42 -35.53 -0.84
C CYS F 209 28.16 -34.22 -0.82
N ILE F 210 27.55 -33.21 -1.40
CA ILE F 210 28.26 -31.97 -1.52
C ILE F 210 27.72 -30.88 -0.62
N LYS F 211 28.59 -30.35 0.22
CA LYS F 211 28.26 -29.27 1.12
C LYS F 211 29.21 -28.11 0.91
N LEU F 212 29.45 -27.77 -0.34
CA LEU F 212 30.34 -26.68 -0.64
C LEU F 212 29.52 -25.47 -1.04
N SER F 213 29.89 -24.31 -0.52
CA SER F 213 29.18 -23.08 -0.81
C SER F 213 29.59 -22.47 -2.14
N GLY F 214 28.82 -21.48 -2.58
CA GLY F 214 29.10 -20.71 -3.80
C GLY F 214 29.00 -21.53 -5.08
N MET F 215 30.02 -21.39 -5.94
CA MET F 215 30.07 -22.05 -7.24
C MET F 215 31.39 -22.82 -7.48
N PRO F 216 31.68 -23.84 -6.68
CA PRO F 216 32.90 -24.65 -6.68
C PRO F 216 32.97 -25.55 -7.89
N ASP F 217 34.18 -25.94 -8.24
CA ASP F 217 34.39 -26.82 -9.36
C ASP F 217 35.22 -27.99 -8.91
N LEU F 218 34.61 -29.15 -8.87
CA LEU F 218 35.31 -30.31 -8.38
C LEU F 218 35.88 -31.08 -9.53
N SER F 219 37.02 -31.72 -9.28
CA SER F 219 37.69 -32.44 -10.33
C SER F 219 38.29 -33.73 -9.82
N LEU F 220 37.84 -34.86 -10.36
CA LEU F 220 38.37 -36.15 -9.92
C LEU F 220 39.31 -36.80 -10.91
N SER F 221 40.37 -37.37 -10.34
CA SER F 221 41.39 -38.12 -11.07
C SER F 221 41.43 -39.51 -10.48
N PHE F 222 41.56 -40.54 -11.33
CA PHE F 222 41.56 -41.92 -10.86
C PHE F 222 42.90 -42.60 -10.92
N MET F 223 43.10 -43.55 -10.00
CA MET F 223 44.34 -44.31 -9.93
C MET F 223 44.55 -45.21 -11.13
N ASN F 224 43.47 -45.70 -11.70
CA ASN F 224 43.59 -46.50 -12.91
C ASN F 224 42.45 -46.27 -13.86
N PRO F 225 42.56 -45.25 -14.70
CA PRO F 225 41.61 -44.80 -15.70
C PRO F 225 41.16 -45.92 -16.61
N ARG F 226 42.03 -46.88 -16.87
CA ARG F 226 41.75 -47.96 -17.79
C ARG F 226 40.65 -48.91 -17.31
N LEU F 227 40.38 -48.93 -16.02
CA LEU F 227 39.31 -49.76 -15.49
C LEU F 227 37.95 -49.23 -15.90
N LEU F 228 37.88 -47.95 -16.16
CA LEU F 228 36.63 -47.34 -16.53
C LEU F 228 36.35 -47.52 -18.00
N ASP F 229 35.21 -48.13 -18.32
CA ASP F 229 34.83 -48.37 -19.70
C ASP F 229 33.52 -47.72 -20.02
N ASP F 230 32.42 -48.42 -19.83
CA ASP F 230 31.14 -47.81 -20.12
C ASP F 230 30.78 -46.97 -18.91
N VAL F 231 30.88 -45.67 -19.04
CA VAL F 231 30.65 -44.81 -17.90
C VAL F 231 29.58 -43.77 -18.11
N SER F 232 28.53 -43.83 -17.31
CA SER F 232 27.53 -42.80 -17.40
C SER F 232 27.89 -41.62 -16.53
N PHE F 233 27.71 -40.44 -17.09
CA PHE F 233 28.08 -39.24 -16.38
C PHE F 233 26.88 -38.39 -16.04
N HIS F 234 26.79 -37.94 -14.79
CA HIS F 234 25.77 -37.00 -14.40
C HIS F 234 25.86 -35.80 -15.34
N PRO F 235 24.74 -35.25 -15.82
CA PRO F 235 24.61 -34.14 -16.74
C PRO F 235 25.50 -32.96 -16.40
N CYS F 236 25.82 -32.77 -15.14
CA CYS F 236 26.70 -31.67 -14.76
C CYS F 236 28.15 -31.83 -15.23
N ILE F 237 28.54 -33.03 -15.64
CA ILE F 237 29.91 -33.27 -16.02
C ILE F 237 30.27 -32.85 -17.42
N ARG F 238 31.34 -32.08 -17.53
CA ARG F 238 31.80 -31.63 -18.82
C ARG F 238 32.61 -32.72 -19.49
N PHE F 239 31.89 -33.64 -20.10
CA PHE F 239 32.45 -34.82 -20.74
C PHE F 239 33.58 -34.56 -21.70
N LYS F 240 33.73 -33.35 -22.22
CA LYS F 240 34.82 -33.09 -23.14
C LYS F 240 36.16 -33.25 -22.44
N ARG F 241 36.23 -32.86 -21.18
CA ARG F 241 37.45 -33.04 -20.42
C ARG F 241 37.61 -34.51 -20.14
N TRP F 242 36.51 -35.16 -19.82
CA TRP F 242 36.58 -36.60 -19.66
C TRP F 242 37.09 -37.28 -20.92
N GLU F 243 36.64 -36.80 -22.06
CA GLU F 243 37.00 -37.41 -23.32
C GLU F 243 38.45 -37.20 -23.68
N SER F 244 38.98 -36.01 -23.45
CA SER F 244 40.35 -35.73 -23.83
C SER F 244 41.39 -35.95 -22.73
N GLU F 245 40.99 -35.75 -21.48
CA GLU F 245 41.90 -35.90 -20.37
C GLU F 245 41.52 -37.04 -19.45
N ARG F 246 40.24 -37.40 -19.47
CA ARG F 246 39.68 -38.41 -18.58
C ARG F 246 39.70 -37.88 -17.19
N VAL F 247 39.28 -36.62 -17.07
CA VAL F 247 39.18 -35.97 -15.78
C VAL F 247 37.78 -35.45 -15.53
N LEU F 248 37.22 -35.76 -14.37
CA LEU F 248 35.87 -35.37 -14.05
C LEU F 248 35.72 -33.99 -13.48
N SER F 249 35.78 -32.98 -14.33
CA SER F 249 35.56 -31.61 -13.85
C SER F 249 34.10 -31.22 -13.98
N PHE F 250 33.55 -30.64 -12.91
CA PHE F 250 32.14 -30.26 -12.93
C PHE F 250 31.72 -29.37 -11.77
N ILE F 251 30.63 -28.66 -11.99
CA ILE F 251 30.06 -27.85 -10.94
C ILE F 251 29.02 -28.73 -10.30
N PRO F 252 29.22 -29.17 -9.08
CA PRO F 252 28.39 -30.09 -8.38
C PRO F 252 27.11 -29.46 -7.92
N PRO F 253 26.02 -30.18 -7.97
CA PRO F 253 24.75 -29.88 -7.37
C PRO F 253 24.99 -30.14 -5.92
N ASP F 254 24.30 -29.48 -5.00
CA ASP F 254 24.56 -29.85 -3.62
C ASP F 254 23.63 -30.97 -3.22
N GLY F 255 23.77 -31.44 -2.00
CA GLY F 255 22.92 -32.51 -1.50
C GLY F 255 23.45 -33.87 -1.93
N ASN F 256 22.61 -34.88 -1.87
CA ASN F 256 23.03 -36.23 -2.23
C ASN F 256 22.62 -36.58 -3.64
N PHE F 257 23.56 -37.11 -4.41
CA PHE F 257 23.24 -37.52 -5.77
C PHE F 257 24.26 -38.51 -6.30
N ARG F 258 23.90 -39.24 -7.34
CA ARG F 258 24.88 -40.14 -7.94
C ARG F 258 25.66 -39.34 -8.96
N LEU F 259 26.96 -39.54 -8.99
CA LEU F 259 27.78 -38.81 -9.93
C LEU F 259 28.17 -39.68 -11.10
N ILE F 260 28.87 -40.75 -10.80
CA ILE F 260 29.37 -41.65 -11.83
C ILE F 260 28.76 -43.02 -11.76
N SER F 261 28.33 -43.56 -12.89
CA SER F 261 27.89 -44.94 -12.92
C SER F 261 28.74 -45.65 -13.93
N TYR F 262 29.29 -46.81 -13.59
CA TYR F 262 30.19 -47.40 -14.56
C TYR F 262 30.35 -48.89 -14.54
N ARG F 263 30.85 -49.38 -15.66
CA ARG F 263 31.21 -50.77 -15.82
C ARG F 263 32.72 -50.91 -15.84
N VAL F 264 33.21 -51.89 -15.08
CA VAL F 264 34.63 -52.18 -15.03
C VAL F 264 35.05 -52.98 -16.22
N SER F 265 36.20 -52.64 -16.79
CA SER F 265 36.68 -53.32 -17.97
C SER F 265 36.75 -54.82 -17.79
N SER F 266 36.17 -55.51 -18.78
CA SER F 266 36.11 -56.97 -18.82
C SER F 266 37.46 -57.60 -19.10
N GLN F 267 38.45 -56.79 -19.45
CA GLN F 267 39.78 -57.29 -19.68
C GLN F 267 40.33 -57.93 -18.43
N ASN F 268 39.97 -57.37 -17.28
CA ASN F 268 40.45 -57.92 -16.04
C ASN F 268 39.38 -58.81 -15.42
N LEU F 269 39.82 -59.82 -14.70
CA LEU F 269 38.89 -60.76 -14.11
C LEU F 269 38.38 -60.29 -12.77
N VAL F 270 37.15 -60.67 -12.48
CA VAL F 270 36.47 -60.29 -11.25
C VAL F 270 36.85 -61.17 -10.09
N ALA F 271 37.34 -60.55 -9.03
CA ALA F 271 37.66 -61.33 -7.86
C ALA F 271 36.38 -61.64 -7.12
N ILE F 272 36.16 -62.92 -6.81
CA ILE F 272 34.99 -63.32 -6.05
C ILE F 272 35.42 -63.64 -4.65
N PRO F 273 35.00 -62.84 -3.66
CA PRO F 273 35.36 -62.91 -2.27
C PRO F 273 34.67 -64.01 -1.53
N VAL F 274 33.60 -64.53 -2.09
CA VAL F 274 32.87 -65.55 -1.37
C VAL F 274 32.73 -66.85 -2.11
N TYR F 275 33.08 -67.94 -1.46
CA TYR F 275 32.83 -69.23 -2.04
C TYR F 275 31.75 -69.91 -1.25
N VAL F 276 31.07 -70.82 -1.90
CA VAL F 276 29.99 -71.53 -1.27
C VAL F 276 30.14 -73.02 -1.42
N LYS F 277 30.45 -73.69 -0.33
CA LYS F 277 30.49 -75.13 -0.36
C LYS F 277 29.10 -75.57 -0.05
N HIS F 278 28.48 -76.38 -0.87
CA HIS F 278 27.12 -76.73 -0.52
C HIS F 278 26.72 -78.12 -0.94
N SER F 279 26.52 -78.98 0.06
CA SER F 279 26.05 -80.33 -0.15
C SER F 279 24.58 -80.37 0.20
N ILE F 280 23.77 -80.81 -0.75
CA ILE F 280 22.33 -80.85 -0.57
C ILE F 280 21.73 -82.01 -1.32
N SER F 281 20.77 -82.69 -0.71
CA SER F 281 20.15 -83.80 -1.42
C SER F 281 18.69 -83.97 -1.11
N PHE F 282 18.00 -84.56 -2.07
CA PHE F 282 16.59 -84.86 -1.98
C PHE F 282 16.35 -86.28 -2.45
N LYS F 283 15.27 -86.87 -2.01
CA LYS F 283 14.94 -88.23 -2.42
C LYS F 283 13.47 -88.37 -2.72
N GLU F 284 13.19 -89.07 -3.81
CA GLU F 284 11.84 -89.31 -4.30
C GLU F 284 10.93 -89.88 -3.21
N ASN F 285 9.91 -89.10 -2.85
CA ASN F 285 8.91 -89.47 -1.83
C ASN F 285 9.47 -89.61 -0.40
N SER F 286 10.69 -89.13 -0.16
CA SER F 286 11.31 -89.23 1.15
C SER F 286 10.78 -88.21 2.15
N SER F 287 10.82 -88.59 3.41
CA SER F 287 10.44 -87.72 4.51
C SER F 287 11.65 -86.90 4.99
N CYS F 288 12.82 -87.13 4.39
CA CYS F 288 14.02 -86.46 4.83
C CYS F 288 15.12 -86.36 3.77
N GLY F 289 15.74 -85.17 3.70
CA GLY F 289 16.85 -84.87 2.79
C GLY F 289 18.05 -84.39 3.61
N ARG F 290 19.04 -83.79 2.93
CA ARG F 290 20.24 -83.32 3.62
C ARG F 290 20.63 -81.89 3.24
N PHE F 291 21.32 -81.20 4.14
CA PHE F 291 21.75 -79.82 3.86
C PHE F 291 23.04 -79.45 4.64
N ASP F 292 24.05 -79.02 3.89
CA ASP F 292 25.34 -78.67 4.50
C ASP F 292 26.03 -77.58 3.68
N ILE F 293 26.01 -76.35 4.17
CA ILE F 293 26.61 -75.28 3.40
C ILE F 293 27.63 -74.50 4.19
N THR F 294 28.74 -74.16 3.55
CA THR F 294 29.76 -73.37 4.21
C THR F 294 30.11 -72.15 3.37
N ILE F 295 30.06 -71.00 4.02
CA ILE F 295 30.35 -69.74 3.38
C ILE F 295 31.72 -69.27 3.79
N GLY F 296 32.56 -68.93 2.83
CA GLY F 296 33.88 -68.49 3.24
C GLY F 296 34.56 -67.59 2.22
N PRO F 297 35.74 -67.11 2.59
CA PRO F 297 36.62 -66.17 1.92
C PRO F 297 37.37 -66.80 0.78
N LYS F 298 36.94 -66.54 -0.45
CA LYS F 298 37.66 -67.06 -1.58
C LYS F 298 38.76 -66.07 -1.96
N GLN F 299 38.40 -65.04 -2.71
CA GLN F 299 39.32 -63.96 -3.02
C GLN F 299 38.93 -62.78 -2.15
N ASN F 300 39.10 -62.92 -0.82
CA ASN F 300 38.53 -61.94 0.09
C ASN F 300 39.34 -60.66 0.22
N MET F 301 40.41 -60.54 -0.58
CA MET F 301 41.25 -59.35 -0.64
C MET F 301 42.00 -59.06 0.67
N GLY F 302 42.03 -60.04 1.59
CA GLY F 302 42.66 -59.89 2.88
C GLY F 302 41.77 -59.09 3.82
N LYS F 303 40.50 -58.93 3.46
CA LYS F 303 39.58 -58.14 4.23
C LYS F 303 38.51 -58.99 4.86
N THR F 304 37.83 -58.45 5.87
CA THR F 304 36.73 -59.17 6.50
C THR F 304 35.45 -58.93 5.73
N ILE F 305 34.76 -60.00 5.42
CA ILE F 305 33.51 -59.91 4.67
C ILE F 305 32.38 -59.74 5.67
N GLU F 306 31.49 -58.78 5.43
CA GLU F 306 30.46 -58.47 6.42
C GLU F 306 29.14 -58.09 5.78
N GLY F 307 28.09 -58.00 6.60
CA GLY F 307 26.76 -57.64 6.11
C GLY F 307 26.21 -58.76 5.26
N ILE F 308 26.43 -59.98 5.72
CA ILE F 308 26.10 -61.12 4.93
C ILE F 308 24.73 -61.72 5.19
N THR F 309 23.94 -61.84 4.12
CA THR F 309 22.62 -62.47 4.17
C THR F 309 22.56 -63.59 3.15
N VAL F 310 22.21 -64.76 3.62
CA VAL F 310 22.15 -65.94 2.78
C VAL F 310 20.69 -66.37 2.61
N THR F 311 20.19 -66.35 1.35
CA THR F 311 18.78 -66.69 1.07
C THR F 311 18.58 -67.82 0.07
N VAL F 312 18.10 -68.96 0.55
CA VAL F 312 17.89 -70.08 -0.36
C VAL F 312 16.42 -70.23 -0.68
N HIS F 313 16.09 -70.35 -1.96
CA HIS F 313 14.69 -70.56 -2.33
C HIS F 313 14.47 -72.04 -2.56
N MET F 314 13.85 -72.70 -1.58
CA MET F 314 13.63 -74.14 -1.56
C MET F 314 12.40 -74.56 -2.37
N PRO F 315 12.37 -75.82 -2.83
CA PRO F 315 11.28 -76.49 -3.53
C PRO F 315 10.13 -76.79 -2.56
N LYS F 316 8.94 -76.96 -3.12
CA LYS F 316 7.71 -77.19 -2.36
C LYS F 316 7.73 -78.44 -1.48
N VAL F 317 8.56 -79.42 -1.84
CA VAL F 317 8.73 -80.66 -1.08
C VAL F 317 9.22 -80.43 0.36
N VAL F 318 9.87 -79.30 0.62
CA VAL F 318 10.39 -79.06 1.95
C VAL F 318 9.30 -78.59 2.91
N LEU F 319 9.15 -79.30 4.03
CA LEU F 319 8.16 -78.96 5.04
C LEU F 319 8.77 -78.22 6.20
N ASN F 320 9.97 -78.60 6.58
CA ASN F 320 10.68 -77.99 7.69
C ASN F 320 12.15 -78.32 7.53
N MET F 321 12.99 -77.87 8.44
CA MET F 321 14.38 -78.23 8.28
C MET F 321 15.16 -78.18 9.58
N ASN F 322 15.83 -79.28 9.90
CA ASN F 322 16.63 -79.39 11.12
C ASN F 322 18.02 -78.90 10.83
N LEU F 323 18.18 -77.60 10.75
CA LEU F 323 19.44 -77.01 10.31
C LEU F 323 20.03 -75.99 11.29
N THR F 324 21.29 -76.19 11.69
CA THR F 324 21.93 -75.34 12.69
C THR F 324 23.13 -74.54 12.11
N PRO F 325 23.14 -73.21 12.26
CA PRO F 325 24.18 -72.27 11.87
C PRO F 325 25.38 -72.23 12.81
N THR F 326 26.55 -71.94 12.24
CA THR F 326 27.77 -71.71 13.04
C THR F 326 27.96 -70.21 13.24
N GLN F 327 27.08 -69.42 12.63
CA GLN F 327 27.18 -67.97 12.69
C GLN F 327 25.83 -67.27 12.56
N GLY F 328 25.67 -66.19 13.30
CA GLY F 328 24.48 -65.34 13.25
C GLY F 328 23.18 -66.06 13.62
N SER F 329 22.19 -66.01 12.71
CA SER F 329 20.88 -66.60 12.98
C SER F 329 20.17 -67.14 11.74
N TYR F 330 19.48 -68.27 11.92
CA TYR F 330 18.81 -68.96 10.83
C TYR F 330 17.33 -69.27 11.04
N THR F 331 16.49 -68.89 10.06
CA THR F 331 15.06 -69.15 10.08
C THR F 331 14.50 -69.68 8.75
N PHE F 332 13.70 -70.73 8.81
CA PHE F 332 13.03 -71.28 7.62
C PHE F 332 11.60 -70.80 7.49
N ASP F 333 11.27 -70.32 6.29
CA ASP F 333 9.94 -69.88 5.94
C ASP F 333 9.20 -70.94 5.11
N PRO F 334 8.28 -71.72 5.71
CA PRO F 334 7.49 -72.77 5.11
C PRO F 334 6.37 -72.25 4.22
N VAL F 335 6.09 -70.96 4.29
CA VAL F 335 5.05 -70.37 3.47
C VAL F 335 5.57 -70.17 2.06
N THR F 336 6.76 -69.60 1.96
CA THR F 336 7.35 -69.37 0.64
C THR F 336 8.57 -70.27 0.39
N LYS F 337 8.88 -71.16 1.34
CA LYS F 337 9.99 -72.10 1.23
C LYS F 337 11.33 -71.41 1.12
N VAL F 338 11.65 -70.57 2.10
CA VAL F 338 12.91 -69.82 2.06
C VAL F 338 13.81 -69.99 3.28
N LEU F 339 15.10 -70.20 3.03
CA LEU F 339 16.08 -70.31 4.11
C LEU F 339 16.74 -68.99 4.32
N THR F 340 16.36 -68.29 5.38
CA THR F 340 16.97 -67.01 5.67
C THR F 340 18.04 -67.19 6.70
N TRP F 341 19.28 -66.96 6.30
CA TRP F 341 20.37 -67.09 7.20
C TRP F 341 21.16 -65.80 7.30
N ASP F 342 21.09 -65.19 8.46
CA ASP F 342 21.80 -63.98 8.74
C ASP F 342 23.19 -64.35 9.19
N VAL F 343 24.16 -64.12 8.33
CA VAL F 343 25.53 -64.44 8.65
C VAL F 343 26.24 -63.30 9.34
N GLY F 344 26.03 -62.09 8.86
CA GLY F 344 26.79 -61.02 9.46
C GLY F 344 28.16 -61.04 8.83
N LYS F 345 29.17 -61.53 9.53
CA LYS F 345 30.49 -61.53 8.93
C LYS F 345 31.22 -62.86 8.99
N ILE F 346 32.21 -62.99 8.10
CA ILE F 346 33.07 -64.16 8.06
C ILE F 346 34.35 -63.90 8.81
N THR F 347 34.58 -64.73 9.80
CA THR F 347 35.80 -64.66 10.60
C THR F 347 36.87 -65.45 9.85
N PRO F 348 38.05 -64.88 9.61
CA PRO F 348 39.20 -65.49 8.93
C PRO F 348 39.54 -66.88 9.52
N GLN F 349 39.36 -67.02 10.83
CA GLN F 349 39.63 -68.25 11.54
C GLN F 349 38.39 -69.12 11.82
N LYS F 350 37.20 -68.72 11.38
CA LYS F 350 35.98 -69.49 11.64
C LYS F 350 34.90 -69.21 10.61
N LEU F 351 34.44 -70.25 9.94
CA LEU F 351 33.47 -70.02 8.88
C LEU F 351 32.01 -70.25 9.25
N PRO F 352 31.12 -69.37 8.79
CA PRO F 352 29.68 -69.48 8.81
C PRO F 352 29.28 -70.74 8.09
N SER F 353 28.45 -71.56 8.72
CA SER F 353 27.99 -72.76 8.04
C SER F 353 26.68 -73.30 8.61
N LEU F 354 25.84 -73.84 7.74
CA LEU F 354 24.58 -74.46 8.17
C LEU F 354 24.72 -75.95 7.99
N LYS F 355 24.51 -76.72 9.06
CA LYS F 355 24.65 -78.16 8.95
C LYS F 355 23.47 -78.89 9.58
N GLY F 356 22.86 -79.80 8.81
CA GLY F 356 21.72 -80.54 9.33
C GLY F 356 20.94 -81.32 8.28
N LEU F 357 19.68 -81.62 8.60
CA LEU F 357 18.81 -82.42 7.76
C LEU F 357 17.57 -81.65 7.32
N VAL F 358 16.97 -82.09 6.23
CA VAL F 358 15.78 -81.43 5.68
C VAL F 358 14.54 -82.26 5.91
N ASN F 359 13.49 -81.66 6.46
CA ASN F 359 12.23 -82.38 6.65
C ASN F 359 11.41 -82.29 5.37
N LEU F 360 11.36 -83.38 4.62
CA LEU F 360 10.65 -83.40 3.34
C LEU F 360 9.27 -84.02 3.43
N GLN F 361 8.43 -83.70 2.45
CA GLN F 361 7.11 -84.27 2.39
C GLN F 361 7.12 -85.67 1.83
N SER F 362 6.83 -86.64 2.69
CA SER F 362 6.72 -88.02 2.25
C SER F 362 5.64 -88.15 1.21
N GLY F 363 5.93 -88.87 0.15
CA GLY F 363 4.99 -89.06 -0.94
C GLY F 363 5.14 -87.98 -2.04
N ALA F 364 5.90 -86.92 -1.76
CA ALA F 364 6.12 -85.89 -2.77
C ALA F 364 7.38 -86.24 -3.56
N PRO F 365 7.40 -85.97 -4.86
CA PRO F 365 8.46 -86.27 -5.80
C PRO F 365 9.70 -85.43 -5.59
N LYS F 366 10.83 -85.98 -6.01
CA LYS F 366 12.12 -85.31 -5.91
C LYS F 366 12.20 -84.11 -6.86
N PRO F 367 12.66 -82.95 -6.39
CA PRO F 367 12.93 -81.74 -7.13
C PRO F 367 13.80 -82.04 -8.34
N GLU F 368 13.47 -81.45 -9.46
CA GLU F 368 14.21 -81.65 -10.71
C GLU F 368 15.63 -81.10 -10.63
N GLU F 369 15.84 -80.12 -9.77
CA GLU F 369 17.16 -79.56 -9.53
C GLU F 369 17.21 -79.00 -8.12
N ASN F 370 18.42 -78.94 -7.57
CA ASN F 370 18.62 -78.42 -6.24
C ASN F 370 18.42 -76.90 -6.29
N PRO F 371 17.87 -76.30 -5.25
CA PRO F 371 17.51 -74.90 -5.12
C PRO F 371 18.72 -73.99 -5.12
N SER F 372 18.53 -72.80 -5.68
CA SER F 372 19.61 -71.83 -5.77
C SER F 372 19.68 -70.93 -4.55
N LEU F 373 20.81 -70.30 -4.41
CA LEU F 373 21.10 -69.42 -3.31
C LEU F 373 21.58 -68.04 -3.69
N ASN F 374 20.90 -67.02 -3.15
CA ASN F 374 21.28 -65.64 -3.34
C ASN F 374 22.03 -65.13 -2.10
N ILE F 375 23.18 -64.48 -2.27
CA ILE F 375 23.90 -64.00 -1.09
C ILE F 375 24.28 -62.53 -1.14
N GLN F 376 23.91 -61.79 -0.10
CA GLN F 376 24.30 -60.41 0.04
C GLN F 376 25.52 -60.34 0.91
N PHE F 377 26.49 -59.50 0.58
CA PHE F 377 27.69 -59.33 1.39
C PHE F 377 28.43 -58.04 1.01
N LYS F 378 29.38 -57.60 1.85
CA LYS F 378 30.14 -56.41 1.52
C LYS F 378 31.45 -56.29 2.29
N ILE F 379 32.35 -55.46 1.79
CA ILE F 379 33.62 -55.22 2.46
C ILE F 379 33.97 -53.74 2.60
N GLN F 380 34.22 -53.32 3.83
CA GLN F 380 34.56 -51.93 4.11
C GLN F 380 35.94 -51.61 3.65
N GLN F 381 36.12 -50.39 3.16
CA GLN F 381 37.40 -49.89 2.70
C GLN F 381 37.91 -50.65 1.48
N LEU F 382 37.04 -51.42 0.81
CA LEU F 382 37.46 -52.18 -0.33
C LEU F 382 36.87 -51.72 -1.65
N ALA F 383 37.74 -51.52 -2.61
CA ALA F 383 37.39 -51.22 -3.99
C ALA F 383 37.88 -52.37 -4.84
N ILE F 384 37.27 -53.54 -4.68
CA ILE F 384 37.73 -54.82 -5.24
C ILE F 384 38.24 -54.81 -6.69
N SER F 385 37.72 -53.93 -7.55
CA SER F 385 38.21 -53.84 -8.92
C SER F 385 39.61 -53.26 -9.01
N GLY F 386 40.01 -52.58 -7.95
CA GLY F 386 41.29 -51.91 -7.89
C GLY F 386 41.10 -50.42 -8.14
N LEU F 387 39.92 -50.02 -8.62
CA LEU F 387 39.72 -48.62 -8.91
C LEU F 387 39.73 -47.78 -7.67
N LYS F 388 40.70 -46.92 -7.60
CA LYS F 388 40.83 -45.99 -6.51
C LYS F 388 40.89 -44.60 -7.10
N VAL F 389 40.68 -43.59 -6.28
CA VAL F 389 40.70 -42.23 -6.78
C VAL F 389 42.07 -41.61 -6.53
N ASN F 390 42.67 -41.06 -7.56
CA ASN F 390 43.97 -40.43 -7.47
C ASN F 390 43.98 -39.06 -6.84
N ARG F 391 43.05 -38.20 -7.22
CA ARG F 391 43.12 -36.84 -6.66
C ARG F 391 41.89 -35.98 -6.88
N LEU F 392 41.48 -35.26 -5.83
CA LEU F 392 40.38 -34.32 -5.91
C LEU F 392 40.90 -32.90 -5.83
N ASP F 393 40.55 -32.09 -6.81
CA ASP F 393 41.06 -30.74 -6.86
C ASP F 393 39.97 -29.71 -7.09
N MET F 394 39.64 -28.95 -6.05
CA MET F 394 38.57 -27.96 -6.10
C MET F 394 39.02 -26.58 -6.53
N TYR F 395 38.27 -25.98 -7.44
CA TYR F 395 38.52 -24.63 -7.93
C TYR F 395 37.34 -23.70 -7.73
N GLY F 396 37.63 -22.41 -7.68
CA GLY F 396 36.59 -21.38 -7.62
C GLY F 396 36.21 -20.92 -6.22
N GLU F 397 36.57 -21.68 -5.20
CA GLU F 397 36.23 -21.28 -3.85
C GLU F 397 37.44 -21.27 -2.94
N LYS F 398 37.40 -20.40 -1.94
CA LYS F 398 38.50 -20.19 -0.99
C LYS F 398 38.75 -21.31 0.00
N TYR F 399 37.79 -22.23 0.02
CA TYR F 399 37.80 -23.26 1.10
C TYR F 399 38.79 -24.36 0.95
N LYS F 400 39.10 -24.96 2.09
CA LYS F 400 39.93 -26.13 2.18
C LYS F 400 39.06 -27.14 2.92
N PRO F 401 38.04 -27.64 2.23
CA PRO F 401 36.89 -28.38 2.73
C PRO F 401 37.30 -29.80 2.98
N PHE F 402 36.50 -30.56 3.69
CA PHE F 402 36.89 -31.94 3.83
C PHE F 402 36.82 -32.63 2.50
N LYS F 403 37.90 -33.27 2.11
CA LYS F 403 37.90 -34.04 0.89
C LYS F 403 37.92 -35.50 1.27
N GLY F 404 36.76 -36.08 1.50
CA GLY F 404 36.72 -37.45 1.95
C GLY F 404 36.36 -38.43 0.86
N VAL F 405 36.99 -39.59 0.87
CA VAL F 405 36.65 -40.64 -0.08
C VAL F 405 36.58 -41.98 0.62
N LYS F 406 35.59 -42.76 0.28
CA LYS F 406 35.39 -44.05 0.90
C LYS F 406 35.21 -45.12 -0.14
N TYR F 407 35.76 -46.28 0.12
CA TYR F 407 35.65 -47.37 -0.82
C TYR F 407 34.93 -48.54 -0.21
N VAL F 408 33.79 -48.91 -0.76
CA VAL F 408 33.08 -50.07 -0.25
C VAL F 408 32.63 -50.99 -1.35
N THR F 409 32.94 -52.26 -1.22
CA THR F 409 32.47 -53.20 -2.21
C THR F 409 31.25 -53.88 -1.66
N LYS F 410 30.18 -53.86 -2.44
CA LYS F 410 28.92 -54.43 -2.01
C LYS F 410 28.37 -55.38 -3.05
N ALA F 411 27.96 -56.55 -2.63
CA ALA F 411 27.43 -57.51 -3.57
C ALA F 411 26.17 -57.03 -4.21
N GLY F 412 26.03 -57.35 -5.48
CA GLY F 412 24.77 -57.25 -6.18
C GLY F 412 24.16 -58.62 -6.13
N LYS F 413 23.39 -58.98 -7.13
CA LYS F 413 22.85 -60.30 -7.11
C LYS F 413 23.99 -61.30 -7.21
N PHE F 414 24.04 -62.19 -6.25
CA PHE F 414 25.02 -63.24 -6.20
C PHE F 414 24.30 -64.54 -6.13
N GLN F 415 24.19 -65.23 -7.26
CA GLN F 415 23.45 -66.47 -7.26
C GLN F 415 24.35 -67.65 -7.48
N VAL F 416 24.28 -68.62 -6.59
CA VAL F 416 25.06 -69.83 -6.72
C VAL F 416 24.13 -71.01 -6.79
N ARG F 417 24.43 -71.91 -7.70
CA ARG F 417 23.60 -73.07 -7.95
C ARG F 417 23.81 -74.22 -6.98
N THR F 418 22.73 -74.94 -6.71
CA THR F 418 22.72 -76.11 -5.83
C THR F 418 23.26 -75.80 -4.44
N GLY G 1 -9.51 -15.07 25.55
CA GLY G 1 -10.88 -14.54 25.37
C GLY G 1 -11.06 -13.25 26.16
N ASN G 2 -9.97 -12.65 26.63
CA ASN G 2 -10.05 -11.39 27.41
C ASN G 2 -11.00 -10.42 26.68
N ILE G 3 -12.07 -10.00 27.35
CA ILE G 3 -13.00 -9.01 26.74
C ILE G 3 -12.18 -7.76 26.38
N PHE G 4 -11.33 -7.30 27.31
CA PHE G 4 -10.53 -6.06 27.06
C PHE G 4 -9.70 -6.25 25.78
N ALA G 5 -9.06 -7.41 25.62
CA ALA G 5 -8.30 -7.68 24.38
C ALA G 5 -9.14 -7.26 23.17
N ASN G 6 -10.38 -7.73 23.11
CA ASN G 6 -11.29 -7.35 21.99
C ASN G 6 -11.49 -5.84 22.00
N LEU G 7 -11.86 -5.26 23.15
CA LEU G 7 -12.03 -3.80 23.27
C LEU G 7 -10.75 -3.11 22.77
N PHE G 8 -9.59 -3.61 23.20
CA PHE G 8 -8.29 -3.03 22.74
C PHE G 8 -8.30 -2.98 21.22
N LYS G 9 -8.35 -4.14 20.57
CA LYS G 9 -8.43 -4.18 19.09
C LYS G 9 -9.46 -3.16 18.61
N GLY G 10 -10.69 -3.25 19.12
CA GLY G 10 -11.77 -2.32 18.72
C GLY G 10 -11.30 -0.88 18.73
N LEU G 11 -10.71 -0.44 19.84
CA LEU G 11 -10.26 0.98 19.96
C LEU G 11 -9.02 1.19 19.07
N PHE G 12 -8.16 0.18 18.94
CA PHE G 12 -6.99 0.29 18.02
C PHE G 12 -7.50 0.18 16.60
N GLY G 13 -8.84 0.17 16.44
CA GLY G 13 -9.44 0.00 15.12
C GLY G 13 -9.69 -1.45 14.77
N LYS G 14 -10.97 -1.84 14.68
CA LYS G 14 -11.25 -3.25 14.35
C LYS G 14 -12.66 -3.51 13.87
N LYS G 15 -13.21 -2.61 13.05
CA LYS G 15 -14.52 -2.86 12.48
C LYS G 15 -14.35 -3.33 11.06
N GLU G 16 -15.38 -3.98 10.52
CA GLU G 16 -15.31 -4.42 9.14
C GLU G 16 -16.67 -4.51 8.52
N MET G 17 -16.75 -4.26 7.22
CA MET G 17 -18.04 -4.32 6.55
C MET G 17 -17.97 -5.08 5.25
N ARG G 18 -18.94 -5.94 5.01
CA ARG G 18 -19.00 -6.62 3.73
C ARG G 18 -19.85 -5.82 2.78
N ILE G 19 -19.21 -5.24 1.78
CA ILE G 19 -19.93 -4.45 0.82
C ILE G 19 -19.83 -4.99 -0.59
N LEU G 20 -20.97 -5.29 -1.14
CA LEU G 20 -21.03 -5.80 -2.49
C LEU G 20 -21.21 -4.68 -3.46
N MET G 21 -20.32 -4.55 -4.43
CA MET G 21 -20.51 -3.48 -5.40
C MET G 21 -20.97 -4.04 -6.73
N VAL G 22 -22.17 -3.62 -7.12
CA VAL G 22 -22.74 -4.11 -8.41
C VAL G 22 -23.18 -2.89 -9.23
N GLY G 23 -23.34 -3.07 -10.53
CA GLY G 23 -23.79 -1.99 -11.40
C GLY G 23 -23.71 -2.44 -12.84
N LEU G 24 -23.85 -1.52 -13.77
CA LEU G 24 -23.79 -1.90 -15.17
C LEU G 24 -22.42 -1.65 -15.75
N ASP G 25 -22.20 -2.18 -16.94
CA ASP G 25 -20.93 -2.02 -17.59
C ASP G 25 -20.67 -0.56 -17.81
N ALA G 26 -19.42 -0.16 -17.55
CA ALA G 26 -18.93 1.20 -17.68
C ALA G 26 -19.52 2.17 -16.66
N ALA G 27 -20.12 1.65 -15.58
CA ALA G 27 -20.62 2.50 -14.51
C ALA G 27 -19.48 3.25 -13.83
N GLY G 28 -18.32 2.60 -13.73
CA GLY G 28 -17.13 3.19 -13.14
C GLY G 28 -16.71 2.49 -11.85
N LYS G 29 -17.25 1.32 -11.60
CA LYS G 29 -17.04 0.59 -10.37
C LYS G 29 -15.58 0.32 -10.07
N THR G 30 -14.89 -0.36 -11.00
CA THR G 30 -13.50 -0.73 -10.81
C THR G 30 -12.65 0.46 -10.43
N THR G 31 -12.82 1.53 -11.19
CA THR G 31 -12.09 2.76 -10.97
C THR G 31 -12.25 3.23 -9.55
N ILE G 32 -13.50 3.25 -9.09
CA ILE G 32 -13.78 3.70 -7.74
C ILE G 32 -13.06 2.89 -6.71
N LEU G 33 -13.12 1.58 -6.86
CA LEU G 33 -12.48 0.71 -5.90
C LEU G 33 -11.02 0.99 -5.74
N TYR G 34 -10.31 1.07 -6.84
CA TYR G 34 -8.89 1.27 -6.74
C TYR G 34 -8.55 2.68 -6.35
N LYS G 35 -9.36 3.65 -6.72
CA LYS G 35 -9.03 4.98 -6.28
C LYS G 35 -9.15 5.04 -4.77
N LEU G 36 -10.14 4.38 -4.20
CA LEU G 36 -10.22 4.34 -2.75
C LEU G 36 -9.08 3.56 -2.13
N LYS G 37 -8.66 2.48 -2.77
CA LYS G 37 -7.60 1.68 -2.21
C LYS G 37 -6.21 2.25 -2.37
N LEU G 38 -5.87 2.62 -3.58
CA LEU G 38 -4.55 3.10 -3.89
C LEU G 38 -4.48 4.61 -3.86
N GLY G 39 -5.56 5.24 -4.30
CA GLY G 39 -5.61 6.69 -4.35
C GLY G 39 -5.49 7.16 -5.79
N GLU G 40 -4.72 6.43 -6.56
CA GLU G 40 -4.51 6.76 -7.94
C GLU G 40 -5.50 6.02 -8.80
N ILE G 41 -5.69 6.51 -10.00
CA ILE G 41 -6.55 5.87 -10.95
C ILE G 41 -5.71 5.00 -11.85
N VAL G 42 -6.09 3.73 -11.94
CA VAL G 42 -5.30 2.77 -12.69
C VAL G 42 -5.91 2.42 -14.00
N THR G 43 -5.07 1.99 -14.92
CA THR G 43 -5.54 1.56 -16.22
C THR G 43 -6.37 0.31 -16.05
N THR G 44 -7.56 0.27 -16.61
CA THR G 44 -8.38 -0.92 -16.46
C THR G 44 -8.96 -1.43 -17.76
N ILE G 45 -9.48 -2.64 -17.67
CA ILE G 45 -10.12 -3.34 -18.76
C ILE G 45 -11.43 -3.87 -18.21
N PRO G 46 -12.37 -4.28 -19.05
CA PRO G 46 -13.65 -4.85 -18.69
C PRO G 46 -13.43 -6.01 -17.74
N THR G 47 -14.23 -6.07 -16.69
CA THR G 47 -14.06 -7.10 -15.68
C THR G 47 -14.94 -8.31 -15.98
N ILE G 48 -14.36 -9.49 -15.84
CA ILE G 48 -15.05 -10.74 -16.11
C ILE G 48 -15.46 -11.40 -14.81
N GLY G 49 -14.54 -11.46 -13.89
CA GLY G 49 -14.77 -12.04 -12.58
C GLY G 49 -15.03 -10.92 -11.60
N PHE G 50 -14.24 -10.86 -10.55
CA PHE G 50 -14.41 -9.80 -9.60
C PHE G 50 -13.10 -9.49 -8.91
N ASN G 51 -12.99 -8.28 -8.41
CA ASN G 51 -11.82 -7.86 -7.66
C ASN G 51 -12.23 -7.55 -6.26
N VAL G 52 -11.74 -8.30 -5.29
CA VAL G 52 -12.13 -7.94 -3.96
C VAL G 52 -10.98 -7.23 -3.33
N GLU G 53 -11.29 -6.14 -2.64
CA GLU G 53 -10.24 -5.36 -2.02
C GLU G 53 -10.76 -4.67 -0.78
N THR G 54 -9.89 -4.49 0.20
CA THR G 54 -10.31 -3.89 1.45
C THR G 54 -9.69 -2.53 1.67
N VAL G 55 -10.55 -1.55 1.94
CA VAL G 55 -10.15 -0.19 2.19
C VAL G 55 -10.43 0.18 3.63
N GLU G 56 -9.39 0.51 4.36
CA GLU G 56 -9.53 0.90 5.75
C GLU G 56 -9.77 2.38 5.86
N TYR G 57 -10.86 2.75 6.53
CA TYR G 57 -11.25 4.14 6.66
C TYR G 57 -12.05 4.34 7.93
N LYS G 58 -11.69 5.34 8.71
CA LYS G 58 -12.37 5.62 9.98
C LYS G 58 -12.47 4.39 10.89
N ASN G 59 -11.39 3.62 10.95
CA ASN G 59 -11.27 2.41 11.75
C ASN G 59 -12.15 1.25 11.29
N ILE G 60 -12.67 1.35 10.07
CA ILE G 60 -13.51 0.33 9.51
C ILE G 60 -12.86 -0.27 8.29
N SER G 61 -12.78 -1.59 8.26
CA SER G 61 -12.22 -2.28 7.12
C SER G 61 -13.32 -2.55 6.14
N PHE G 62 -13.44 -1.72 5.13
CA PHE G 62 -14.51 -1.91 4.18
C PHE G 62 -14.05 -2.87 3.11
N THR G 63 -14.63 -4.05 3.07
CA THR G 63 -14.27 -5.01 2.04
C THR G 63 -15.24 -4.87 0.92
N VAL G 64 -14.73 -4.54 -0.25
CA VAL G 64 -15.59 -4.31 -1.37
C VAL G 64 -15.39 -5.31 -2.48
N TRP G 65 -16.48 -5.87 -2.96
CA TRP G 65 -16.41 -6.85 -4.02
C TRP G 65 -16.75 -6.21 -5.35
N ASP G 66 -15.74 -6.03 -6.21
CA ASP G 66 -15.94 -5.46 -7.53
C ASP G 66 -16.49 -6.47 -8.47
N VAL G 67 -17.78 -6.70 -8.43
CA VAL G 67 -18.33 -7.73 -9.29
C VAL G 67 -18.79 -7.16 -10.61
N GLY G 68 -18.31 -7.72 -11.70
CA GLY G 68 -18.62 -7.22 -13.04
C GLY G 68 -20.10 -7.31 -13.39
N GLY G 69 -20.56 -6.38 -14.23
CA GLY G 69 -21.97 -6.32 -14.60
C GLY G 69 -22.33 -6.82 -16.01
N LEU G 70 -21.36 -7.35 -16.75
CA LEU G 70 -21.62 -7.86 -18.09
C LEU G 70 -22.67 -8.96 -18.08
N ASP G 71 -23.60 -8.93 -19.01
CA ASP G 71 -24.72 -9.88 -19.03
C ASP G 71 -24.28 -11.32 -18.87
N LYS G 72 -23.15 -11.66 -19.50
CA LYS G 72 -22.60 -13.01 -19.45
C LYS G 72 -22.24 -13.46 -18.06
N ILE G 73 -21.95 -12.51 -17.18
CA ILE G 73 -21.53 -12.81 -15.84
C ILE G 73 -22.45 -12.24 -14.80
N ARG G 74 -23.36 -11.36 -15.22
CA ARG G 74 -24.25 -10.64 -14.32
C ARG G 74 -25.00 -11.47 -13.28
N PRO G 75 -25.60 -12.63 -13.61
CA PRO G 75 -26.32 -13.51 -12.70
C PRO G 75 -25.49 -13.82 -11.46
N LEU G 76 -24.16 -13.87 -11.61
CA LEU G 76 -23.20 -14.09 -10.53
C LEU G 76 -23.49 -13.39 -9.25
N TRP G 77 -24.06 -12.20 -9.33
CA TRP G 77 -24.21 -11.35 -8.17
C TRP G 77 -24.84 -12.11 -7.01
N ARG G 78 -25.71 -13.06 -7.31
CA ARG G 78 -26.41 -13.84 -6.31
C ARG G 78 -25.50 -14.61 -5.38
N HIS G 79 -24.27 -14.88 -5.80
CA HIS G 79 -23.35 -15.64 -4.97
C HIS G 79 -22.63 -14.77 -3.97
N TYR G 80 -22.97 -13.49 -3.92
CA TYR G 80 -22.41 -12.61 -2.94
C TYR G 80 -23.49 -12.03 -2.07
N PHE G 81 -24.72 -12.46 -2.28
CA PHE G 81 -25.79 -11.90 -1.50
C PHE G 81 -25.64 -12.25 -0.04
N GLN G 82 -25.12 -13.43 0.21
CA GLN G 82 -24.99 -13.94 1.55
C GLN G 82 -24.16 -13.07 2.48
N ASN G 83 -24.76 -12.76 3.61
CA ASN G 83 -24.12 -12.06 4.73
C ASN G 83 -23.46 -10.72 4.42
N THR G 84 -24.11 -9.85 3.65
CA THR G 84 -23.52 -8.55 3.40
C THR G 84 -23.98 -7.53 4.42
N GLN G 85 -23.27 -6.42 4.51
CA GLN G 85 -23.63 -5.34 5.40
C GLN G 85 -24.23 -4.21 4.59
N GLY G 86 -23.70 -4.02 3.39
CA GLY G 86 -24.20 -2.98 2.53
C GLY G 86 -24.07 -3.31 1.06
N LEU G 87 -24.77 -2.53 0.28
CA LEU G 87 -24.81 -2.66 -1.15
C LEU G 87 -24.55 -1.34 -1.82
N ILE G 88 -23.52 -1.29 -2.64
CA ILE G 88 -23.28 -0.09 -3.41
C ILE G 88 -23.68 -0.32 -4.82
N PHE G 89 -24.50 0.57 -5.32
CA PHE G 89 -24.95 0.45 -6.67
C PHE G 89 -24.46 1.65 -7.43
N VAL G 90 -23.56 1.43 -8.38
CA VAL G 90 -22.98 2.54 -9.11
C VAL G 90 -23.69 2.78 -10.41
N VAL G 91 -24.02 4.02 -10.68
CA VAL G 91 -24.76 4.38 -11.88
C VAL G 91 -24.05 5.39 -12.75
N ASP G 92 -24.03 5.12 -14.04
CA ASP G 92 -23.49 6.10 -14.96
C ASP G 92 -24.49 7.19 -15.20
N SER G 93 -24.23 8.37 -14.65
CA SER G 93 -25.12 9.52 -14.75
C SER G 93 -25.28 10.10 -16.16
N ASN G 94 -24.55 9.56 -17.14
CA ASN G 94 -24.66 10.01 -18.51
C ASN G 94 -25.34 8.96 -19.37
N ASP G 95 -25.39 7.72 -18.92
CA ASP G 95 -25.97 6.69 -19.75
C ASP G 95 -27.45 6.58 -19.54
N ARG G 96 -28.14 7.52 -20.14
CA ARG G 96 -29.57 7.66 -20.03
C ARG G 96 -30.29 6.42 -20.50
N GLU G 97 -29.79 5.87 -21.60
CA GLU G 97 -30.37 4.70 -22.22
C GLU G 97 -30.44 3.47 -21.34
N ARG G 98 -29.54 3.35 -20.37
CA ARG G 98 -29.57 2.18 -19.52
C ARG G 98 -29.89 2.50 -18.09
N VAL G 99 -30.42 3.68 -17.81
CA VAL G 99 -30.73 3.97 -16.42
C VAL G 99 -31.84 3.06 -15.94
N ASN G 100 -32.88 2.90 -16.75
CA ASN G 100 -33.99 2.02 -16.41
C ASN G 100 -33.51 0.59 -16.21
N GLU G 101 -32.57 0.17 -17.04
CA GLU G 101 -31.98 -1.14 -16.91
C GLU G 101 -31.34 -1.27 -15.55
N ALA G 102 -30.54 -0.27 -15.19
CA ALA G 102 -29.87 -0.24 -13.92
C ALA G 102 -30.89 -0.30 -12.81
N ARG G 103 -31.98 0.45 -12.98
CA ARG G 103 -33.04 0.47 -12.01
C ARG G 103 -33.60 -0.90 -11.83
N GLU G 104 -33.86 -1.60 -12.93
CA GLU G 104 -34.38 -2.95 -12.86
C GLU G 104 -33.46 -3.88 -12.13
N GLU G 105 -32.17 -3.82 -12.43
CA GLU G 105 -31.25 -4.69 -11.76
C GLU G 105 -31.19 -4.35 -10.30
N LEU G 106 -31.21 -3.06 -10.00
CA LEU G 106 -31.24 -2.62 -8.62
C LEU G 106 -32.48 -3.10 -7.92
N MET G 107 -33.63 -3.01 -8.57
CA MET G 107 -34.85 -3.46 -7.93
C MET G 107 -34.78 -4.95 -7.68
N ARG G 108 -34.14 -5.68 -8.59
CA ARG G 108 -33.94 -7.11 -8.42
C ARG G 108 -33.05 -7.37 -7.23
N MET G 109 -32.04 -6.53 -7.05
CA MET G 109 -31.18 -6.64 -5.89
C MET G 109 -32.01 -6.41 -4.66
N LEU G 110 -32.85 -5.39 -4.72
CA LEU G 110 -33.70 -5.01 -3.61
C LEU G 110 -34.78 -6.04 -3.34
N ALA G 111 -35.14 -6.83 -4.34
CA ALA G 111 -36.14 -7.87 -4.19
C ALA G 111 -35.58 -9.12 -3.48
N GLU G 112 -34.27 -9.20 -3.30
CA GLU G 112 -33.67 -10.34 -2.63
C GLU G 112 -33.82 -10.34 -1.11
N ASP G 113 -34.46 -11.38 -0.59
CA ASP G 113 -34.68 -11.52 0.85
C ASP G 113 -33.40 -11.50 1.66
N GLU G 114 -32.36 -12.14 1.14
CA GLU G 114 -31.05 -12.17 1.77
C GLU G 114 -30.44 -10.80 1.96
N LEU G 115 -30.79 -9.85 1.09
CA LEU G 115 -30.22 -8.53 1.15
C LEU G 115 -31.08 -7.52 1.87
N ARG G 116 -32.18 -7.94 2.49
CA ARG G 116 -33.08 -6.98 3.12
C ARG G 116 -32.42 -6.17 4.24
N ASP G 117 -31.36 -6.69 4.84
CA ASP G 117 -30.69 -5.98 5.91
C ASP G 117 -29.60 -5.04 5.42
N ALA G 118 -29.31 -5.06 4.13
CA ALA G 118 -28.23 -4.24 3.64
C ALA G 118 -28.66 -2.83 3.42
N VAL G 119 -27.76 -1.90 3.66
CA VAL G 119 -28.07 -0.51 3.38
C VAL G 119 -27.79 -0.25 1.92
N LEU G 120 -28.51 0.67 1.31
CA LEU G 120 -28.31 0.94 -0.10
C LEU G 120 -27.68 2.28 -0.37
N LEU G 121 -26.51 2.27 -0.96
CA LEU G 121 -25.82 3.49 -1.32
C LEU G 121 -25.69 3.58 -2.82
N VAL G 122 -26.22 4.63 -3.40
CA VAL G 122 -26.15 4.76 -4.84
C VAL G 122 -25.22 5.86 -5.27
N PHE G 123 -24.31 5.53 -6.19
CA PHE G 123 -23.38 6.52 -6.70
C PHE G 123 -23.73 7.06 -8.06
N ALA G 124 -24.11 8.31 -8.10
CA ALA G 124 -24.39 8.97 -9.38
C ALA G 124 -23.07 9.39 -9.99
N ASN G 125 -22.37 8.45 -10.61
CA ASN G 125 -21.00 8.68 -11.05
C ASN G 125 -20.89 9.42 -12.38
N LYS G 126 -19.70 9.95 -12.61
CA LYS G 126 -19.32 10.71 -13.80
C LYS G 126 -19.94 12.10 -13.85
N GLN G 127 -20.00 12.77 -12.70
CA GLN G 127 -20.56 14.12 -12.64
C GLN G 127 -19.73 15.14 -13.41
N ASP G 128 -18.50 14.82 -13.77
CA ASP G 128 -17.68 15.74 -14.54
C ASP G 128 -18.02 15.77 -16.03
N LEU G 129 -19.01 15.00 -16.47
CA LEU G 129 -19.39 15.07 -17.86
C LEU G 129 -20.58 16.00 -18.01
N PRO G 130 -20.64 16.75 -19.12
CA PRO G 130 -21.60 17.79 -19.45
C PRO G 130 -23.04 17.33 -19.56
N ASN G 131 -23.24 16.05 -19.80
CA ASN G 131 -24.59 15.56 -19.93
C ASN G 131 -25.08 14.86 -18.68
N ALA G 132 -24.26 14.84 -17.65
CA ALA G 132 -24.61 14.13 -16.44
C ALA G 132 -25.83 14.70 -15.76
N MET G 133 -26.67 13.81 -15.27
CA MET G 133 -27.84 14.23 -14.51
C MET G 133 -27.41 14.42 -13.08
N ASN G 134 -28.14 15.24 -12.33
CA ASN G 134 -27.76 15.47 -10.95
C ASN G 134 -28.41 14.41 -10.08
N ALA G 135 -28.09 14.41 -8.80
CA ALA G 135 -28.56 13.36 -7.90
C ALA G 135 -30.07 13.28 -7.84
N ALA G 136 -30.75 14.42 -7.85
CA ALA G 136 -32.20 14.42 -7.80
C ALA G 136 -32.77 13.75 -9.04
N GLU G 137 -32.21 14.09 -10.18
CA GLU G 137 -32.67 13.54 -11.44
C GLU G 137 -32.44 12.06 -11.48
N ILE G 138 -31.31 11.63 -10.97
CA ILE G 138 -31.00 10.22 -10.90
C ILE G 138 -31.94 9.53 -9.93
N THR G 139 -32.21 10.17 -8.80
CA THR G 139 -33.11 9.61 -7.82
C THR G 139 -34.47 9.35 -8.43
N ASP G 140 -34.95 10.32 -9.20
CA ASP G 140 -36.24 10.22 -9.85
C ASP G 140 -36.27 9.13 -10.88
N LYS G 141 -35.21 9.03 -11.67
CA LYS G 141 -35.14 8.02 -12.70
C LYS G 141 -35.08 6.63 -12.10
N LEU G 142 -34.37 6.50 -10.99
CA LEU G 142 -34.26 5.22 -10.32
C LEU G 142 -35.44 4.96 -9.41
N GLY G 143 -36.13 6.01 -8.98
CA GLY G 143 -37.29 5.85 -8.12
C GLY G 143 -36.85 5.40 -6.73
N LEU G 144 -35.68 5.83 -6.30
CA LEU G 144 -35.13 5.37 -5.03
C LEU G 144 -36.00 5.71 -3.86
N HIS G 145 -36.66 6.84 -3.94
CA HIS G 145 -37.56 7.30 -2.89
C HIS G 145 -38.87 6.52 -2.82
N SER G 146 -39.13 5.66 -3.80
CA SER G 146 -40.31 4.81 -3.76
C SER G 146 -40.02 3.58 -2.92
N LEU G 147 -38.75 3.37 -2.58
CA LEU G 147 -38.32 2.23 -1.78
C LEU G 147 -38.84 2.34 -0.36
N ARG G 148 -39.33 1.24 0.16
CA ARG G 148 -39.91 1.22 1.48
C ARG G 148 -39.25 0.20 2.35
N HIS G 149 -39.22 0.49 3.63
CA HIS G 149 -38.67 -0.39 4.66
C HIS G 149 -37.17 -0.58 4.55
N ARG G 150 -36.50 0.25 3.74
CA ARG G 150 -35.07 0.10 3.58
C ARG G 150 -34.32 1.38 3.81
N ASN G 151 -33.14 1.25 4.35
CA ASN G 151 -32.26 2.35 4.64
C ASN G 151 -31.47 2.69 3.39
N TRP G 152 -31.71 3.85 2.77
CA TRP G 152 -30.97 4.14 1.56
C TRP G 152 -30.60 5.60 1.43
N TYR G 153 -29.63 5.87 0.56
CA TYR G 153 -29.14 7.21 0.30
C TYR G 153 -28.41 7.33 -1.01
N ILE G 154 -28.61 8.43 -1.71
CA ILE G 154 -27.92 8.66 -2.95
C ILE G 154 -26.87 9.71 -2.78
N GLN G 155 -25.73 9.47 -3.39
CA GLN G 155 -24.58 10.37 -3.32
C GLN G 155 -24.03 10.69 -4.70
N ALA G 156 -23.96 11.97 -5.03
CA ALA G 156 -23.36 12.33 -6.31
C ALA G 156 -21.88 12.06 -6.26
N THR G 157 -21.34 11.47 -7.32
CA THR G 157 -19.91 11.16 -7.33
C THR G 157 -19.21 11.49 -8.63
N CYS G 158 -17.90 11.51 -8.56
CA CYS G 158 -17.07 11.76 -9.71
C CYS G 158 -15.72 11.14 -9.46
N ALA G 159 -15.61 9.83 -9.74
CA ALA G 159 -14.42 9.05 -9.45
C ALA G 159 -13.14 9.62 -10.02
N THR G 160 -13.20 10.30 -11.15
CA THR G 160 -12.01 10.90 -11.72
C THR G 160 -11.44 12.01 -10.83
N SER G 161 -12.29 12.58 -9.98
CA SER G 161 -11.86 13.58 -9.02
C SER G 161 -11.76 12.98 -7.64
N GLY G 162 -12.56 11.94 -7.39
CA GLY G 162 -12.63 11.30 -6.11
C GLY G 162 -13.81 11.81 -5.29
N ASP G 163 -14.51 12.81 -5.82
CA ASP G 163 -15.64 13.40 -5.11
C ASP G 163 -16.75 12.44 -4.84
N GLY G 164 -17.29 12.53 -3.64
CA GLY G 164 -18.42 11.72 -3.25
C GLY G 164 -18.02 10.35 -2.74
N LEU G 165 -16.75 10.00 -2.81
CA LEU G 165 -16.42 8.65 -2.43
C LEU G 165 -16.22 8.52 -0.95
N TYR G 166 -15.49 9.45 -0.35
CA TYR G 166 -15.39 9.38 1.09
C TYR G 166 -16.73 9.68 1.70
N GLU G 167 -17.46 10.59 1.07
CA GLU G 167 -18.79 10.96 1.52
C GLU G 167 -19.67 9.74 1.60
N GLY G 168 -19.54 8.88 0.60
CA GLY G 168 -20.28 7.63 0.56
C GLY G 168 -19.91 6.79 1.75
N LEU G 169 -18.61 6.69 2.01
CA LEU G 169 -18.17 5.91 3.16
C LEU G 169 -18.60 6.54 4.46
N ASP G 170 -18.68 7.86 4.50
CA ASP G 170 -19.11 8.54 5.71
C ASP G 170 -20.54 8.19 6.01
N TRP G 171 -21.38 8.18 4.98
CA TRP G 171 -22.76 7.82 5.18
C TRP G 171 -22.86 6.40 5.65
N LEU G 172 -22.13 5.51 4.99
CA LEU G 172 -22.13 4.12 5.38
C LEU G 172 -21.62 3.96 6.77
N SER G 173 -20.61 4.74 7.13
CA SER G 173 -20.07 4.64 8.46
C SER G 173 -21.15 4.92 9.45
N ASN G 174 -21.94 5.95 9.22
CA ASN G 174 -22.99 6.26 10.16
C ASN G 174 -24.09 5.23 10.18
N GLN G 175 -24.38 4.61 9.05
CA GLN G 175 -25.46 3.64 9.03
C GLN G 175 -25.06 2.30 9.58
N LEU G 176 -23.81 1.96 9.38
CA LEU G 176 -23.31 0.68 9.80
C LEU G 176 -22.79 0.77 11.23
N ARG G 177 -22.33 1.94 11.62
CA ARG G 177 -21.85 2.13 12.98
C ARG G 177 -23.00 2.37 13.91
N ASN G 178 -23.60 1.29 14.38
CA ASN G 178 -24.68 1.37 15.36
C ASN G 178 -24.14 1.97 16.65
N GLN G 179 -22.87 1.68 16.92
CA GLN G 179 -22.13 2.21 18.04
C GLN G 179 -20.66 2.16 17.68
N LYS G 180 -19.84 2.98 18.34
CA LYS G 180 -18.41 3.10 18.08
C LYS G 180 -17.76 1.83 17.53
N SER H 5 30.90 -37.40 10.87
CA SER H 5 30.57 -37.95 9.56
C SER H 5 31.80 -38.19 8.71
N HIS H 6 32.85 -37.41 8.96
CA HIS H 6 34.10 -37.57 8.22
C HIS H 6 34.78 -38.89 8.53
N ALA H 7 34.52 -39.43 9.72
CA ALA H 7 35.11 -40.69 10.10
C ALA H 7 34.78 -41.77 9.09
N GLY H 8 35.79 -42.54 8.70
CA GLY H 8 35.64 -43.61 7.73
C GLY H 8 36.09 -43.19 6.33
N TYR H 9 36.21 -41.89 6.08
CA TYR H 9 36.65 -41.41 4.79
C TYR H 9 38.14 -41.13 4.80
N GLN H 10 38.77 -41.29 3.65
CA GLN H 10 40.18 -41.03 3.53
C GLN H 10 40.35 -39.64 2.98
N THR H 11 41.43 -38.97 3.36
CA THR H 11 41.65 -37.62 2.87
C THR H 11 42.28 -37.66 1.48
N ILE H 12 41.75 -36.84 0.59
CA ILE H 12 42.25 -36.83 -0.79
C ILE H 12 42.13 -35.45 -1.44
#